data_9MTF
#
_entry.id   9MTF
#
_cell.length_a   1.00
_cell.length_b   1.00
_cell.length_c   1.00
_cell.angle_alpha   90.00
_cell.angle_beta   90.00
_cell.angle_gamma   90.00
#
_symmetry.space_group_name_H-M   'P 1'
#
loop_
_entity.id
_entity.type
_entity.pdbx_description
1 polymer 'Hemagglutinin (HA1 polypeptide) from influenza H1N1 A/Solomon Island/3/2006'
2 polymer 'Hemagglutinin (HA2 polypeptide) from influenza H1N1 A/Solomon Island/3/2006'
3 polymer 'Heavy chain of Fab from porcine antibody 14-1'
4 polymer 'Light chain of Fab from porcine antibody 14-1'
#
loop_
_entity_poly.entity_id
_entity_poly.type
_entity_poly.pdbx_seq_one_letter_code
_entity_poly.pdbx_strand_id
1 'polypeptide(L)'
;ADTICIGYHANNSTDTVDTVLEKNVTVTHSVNLLEDSHNGKLCLLKGIAPLQLGNCSVAGWILGNPECELLISRESWSYI
VEKPNPENGTCYPGHFADYEELREQLSSVSSFERFEIFPKESSWPNHTTTGVSASCSHNGESSFYKNLLWLTGKNGLYPN
LSKSYANNKEKEVLVLWGVHHPPNIGDQRALYHKENAYVSVVSSHYSRKFTPEIAKRPKVRDQEGRINYYWTLLEPGDTI
IFEANGNLIAPRYAFALSRGFGSGIINSNAPMDECDAKCQTPQGAINSSLPFQNVHPVTIGECPKYVRSAKLRMVTGLRN
IPSIQSR
;
A,C,E
2 'polypeptide(L)'
;GLFGAIAGFIEGGWTGMVDGWYGYHHQNEQGSGYAADQKSTQNAINGITNKVNSVIEKMNTQFTAVGKEFNKLERRMENL
NKKVDDGFIDIWTYNAELLVLLENERTLDFHDSNVKNLYEKVKSQLKNNAKEIGNGCFEFYHKCNDECMESVKNGTYDYP
KYSEESKLNREKIDGVKLESMGVYQILAIYSTVASSLVLLVSLGAISFWMCSNGSLQCRICI
;
B,D,F
3 'polypeptide(L)'
;EEKLVESGGGLVQPGGSLRLGCVGSGFTFSSAYINWVRQAPGKGLEWLAAIRTSGGGTYYADSVKGRFTISRDDSQNTAY
LQMNSLRTEDTARYYCAAGAMTMVVASFFQYYAMDLWGPGVEVVVSS
;
H,I,M
4 'polypeptide(L)'
;QTVIQEPAMSVSPGGTVTLTCAFSSGSVTSGDYPSWFQQTPGQPPRLLIYRTNNRPTGVPSRFSGAISGNKAALTITGAQ
ANDEADYYCTLYTSSLNNIFGGGTHLTVLGQP
;
J,L,N
#
# COMPACT_ATOMS: atom_id res chain seq x y z
N ALA A 1 13.12 52.78 -5.39
CA ALA A 1 11.87 53.52 -5.23
C ALA A 1 10.79 52.64 -4.61
N ASP A 2 9.57 52.76 -5.13
CA ASP A 2 8.46 51.95 -4.64
C ASP A 2 8.67 50.48 -5.01
N THR A 3 8.36 49.60 -4.07
CA THR A 3 8.61 48.18 -4.25
C THR A 3 7.38 47.38 -3.86
N ILE A 4 7.17 46.26 -4.56
CA ILE A 4 6.30 45.19 -4.12
C ILE A 4 7.09 43.90 -4.22
N CYS A 5 7.06 43.10 -3.16
CA CYS A 5 8.00 42.01 -3.01
C CYS A 5 7.25 40.80 -2.47
N ILE A 6 7.46 39.64 -3.07
CA ILE A 6 6.63 38.46 -2.85
C ILE A 6 7.34 37.50 -1.91
N GLY A 7 6.60 37.01 -0.91
CA GLY A 7 7.15 36.08 0.04
C GLY A 7 6.10 35.16 0.60
N TYR A 8 6.44 34.51 1.71
CA TYR A 8 5.50 33.57 2.34
C TYR A 8 5.46 33.73 3.85
N HIS A 9 4.77 32.80 4.52
CA HIS A 9 4.38 32.91 5.91
C HIS A 9 5.36 32.17 6.81
N ALA A 10 5.54 32.69 8.03
CA ALA A 10 6.34 32.01 9.05
C ALA A 10 5.74 32.34 10.41
N ASN A 11 6.02 31.48 11.38
CA ASN A 11 5.49 31.65 12.73
C ASN A 11 6.47 31.06 13.73
N ASN A 12 6.02 30.92 14.97
CA ASN A 12 6.85 30.44 16.07
C ASN A 12 6.61 28.96 16.38
N SER A 13 5.94 28.24 15.48
CA SER A 13 5.66 26.84 15.72
C SER A 13 6.94 26.02 15.72
N THR A 14 6.97 24.99 16.58
CA THR A 14 8.08 24.04 16.64
C THR A 14 7.65 22.64 16.22
N ASP A 15 6.52 22.54 15.52
CA ASP A 15 6.07 21.25 15.03
C ASP A 15 7.01 20.71 13.96
N THR A 16 7.33 19.42 14.06
CA THR A 16 8.20 18.77 13.11
C THR A 16 7.49 17.57 12.49
N VAL A 17 7.72 17.38 11.20
CA VAL A 17 7.14 16.27 10.46
C VAL A 17 8.25 15.50 9.77
N ASP A 18 7.99 14.23 9.48
CA ASP A 18 8.96 13.40 8.79
C ASP A 18 8.76 13.50 7.28
N THR A 19 9.88 13.54 6.57
CA THR A 19 9.94 13.78 5.14
C THR A 19 10.88 12.76 4.51
N VAL A 20 10.49 12.23 3.34
CA VAL A 20 11.27 11.15 2.72
C VAL A 20 12.66 11.65 2.34
N LEU A 21 12.81 12.94 2.11
CA LEU A 21 14.10 13.50 1.73
C LEU A 21 14.88 14.06 2.90
N GLU A 22 14.23 14.40 4.00
CA GLU A 22 14.92 14.97 5.16
C GLU A 22 14.10 14.76 6.42
N LYS A 23 14.73 14.23 7.46
CA LYS A 23 14.01 14.04 8.72
C LYS A 23 13.92 15.36 9.48
N ASN A 24 12.89 15.47 10.32
CA ASN A 24 12.75 16.55 11.29
C ASN A 24 12.72 17.92 10.61
N VAL A 25 11.67 18.13 9.82
CA VAL A 25 11.44 19.41 9.15
C VAL A 25 10.43 20.21 9.96
N THR A 26 10.81 21.42 10.35
CA THR A 26 9.92 22.30 11.11
C THR A 26 8.95 22.97 10.15
N VAL A 27 7.65 22.87 10.46
CA VAL A 27 6.60 23.38 9.60
C VAL A 27 5.67 24.26 10.42
N THR A 28 4.94 25.14 9.72
CA THR A 28 4.10 26.11 10.38
C THR A 28 2.88 25.46 11.01
N HIS A 29 2.25 24.53 10.30
CA HIS A 29 1.06 23.84 10.82
C HIS A 29 1.09 22.39 10.37
N SER A 30 0.43 21.55 11.16
CA SER A 30 0.36 20.12 10.87
C SER A 30 -0.86 19.54 11.56
N VAL A 31 -1.25 18.34 11.13
CA VAL A 31 -2.38 17.62 11.69
C VAL A 31 -1.93 16.23 12.10
N ASN A 32 -2.40 15.78 13.25
CA ASN A 32 -2.11 14.42 13.72
C ASN A 32 -3.00 13.41 13.00
N LEU A 33 -2.44 12.24 12.74
CA LEU A 33 -3.17 11.13 12.14
C LEU A 33 -3.22 9.92 13.06
N LEU A 34 -2.71 10.03 14.27
CA LEU A 34 -2.55 8.90 15.17
C LEU A 34 -3.10 9.26 16.54
N GLU A 35 -3.96 8.40 17.08
CA GLU A 35 -4.49 8.56 18.42
C GLU A 35 -3.73 7.69 19.40
N ASP A 36 -3.16 8.32 20.42
CA ASP A 36 -2.41 7.64 21.47
C ASP A 36 -3.01 7.88 22.85
N SER A 37 -4.29 8.26 22.91
CA SER A 37 -4.98 8.55 24.16
C SER A 37 -6.26 7.75 24.22
N HIS A 38 -6.78 7.58 25.44
CA HIS A 38 -8.02 6.85 25.66
C HIS A 38 -8.70 7.40 26.90
N ASN A 39 -10.03 7.20 26.97
CA ASN A 39 -10.80 7.72 28.10
C ASN A 39 -10.40 7.06 29.40
N GLY A 40 -10.28 5.74 29.40
CA GLY A 40 -10.06 4.96 30.60
C GLY A 40 -11.31 4.36 31.17
N LYS A 41 -12.45 4.52 30.50
CA LYS A 41 -13.73 4.02 30.98
C LYS A 41 -14.31 3.04 29.95
N LEU A 42 -15.05 2.06 30.46
CA LEU A 42 -15.76 1.10 29.62
C LEU A 42 -17.16 1.64 29.34
N CYS A 43 -17.44 1.92 28.08
CA CYS A 43 -18.66 2.63 27.72
C CYS A 43 -19.41 1.88 26.63
N LEU A 44 -20.62 2.35 26.33
CA LEU A 44 -21.52 1.64 25.43
C LEU A 44 -20.91 1.49 24.05
N LEU A 45 -21.20 0.36 23.42
CA LEU A 45 -20.70 0.07 22.08
C LEU A 45 -21.88 -0.31 21.19
N LYS A 46 -22.02 0.40 20.07
CA LYS A 46 -23.12 0.26 19.12
C LYS A 46 -24.47 0.52 19.76
N GLY A 47 -24.52 1.20 20.90
CA GLY A 47 -25.75 1.50 21.61
C GLY A 47 -26.07 0.56 22.75
N ILE A 48 -25.71 -0.72 22.60
CA ILE A 48 -26.04 -1.71 23.61
C ILE A 48 -24.93 -1.75 24.65
N ALA A 49 -25.31 -1.64 25.93
CA ALA A 49 -24.35 -1.63 27.01
C ALA A 49 -23.70 -3.01 27.16
N PRO A 50 -22.47 -3.05 27.68
CA PRO A 50 -21.79 -4.34 27.86
C PRO A 50 -22.34 -5.10 29.06
N LEU A 51 -21.84 -6.32 29.22
CA LEU A 51 -22.20 -7.18 30.34
C LEU A 51 -21.02 -7.25 31.31
N GLN A 52 -21.25 -6.86 32.55
CA GLN A 52 -20.24 -6.92 33.58
C GLN A 52 -20.44 -8.17 34.43
N LEU A 53 -19.33 -8.85 34.72
CA LEU A 53 -19.38 -10.10 35.48
C LEU A 53 -18.77 -9.98 36.87
N GLY A 54 -18.06 -8.89 37.17
CA GLY A 54 -17.44 -8.73 38.47
C GLY A 54 -16.40 -9.79 38.76
N ASN A 55 -16.51 -10.42 39.93
CA ASN A 55 -15.58 -11.47 40.31
C ASN A 55 -15.91 -12.82 39.68
N CYS A 56 -17.02 -12.90 38.96
CA CYS A 56 -17.52 -14.18 38.47
C CYS A 56 -17.05 -14.40 37.04
N SER A 57 -16.55 -15.60 36.75
CA SER A 57 -16.10 -15.92 35.40
C SER A 57 -17.30 -16.24 34.52
N VAL A 58 -17.03 -16.44 33.23
CA VAL A 58 -18.11 -16.80 32.31
C VAL A 58 -18.70 -18.15 32.68
N ALA A 59 -17.86 -19.12 33.00
CA ALA A 59 -18.35 -20.42 33.44
C ALA A 59 -19.18 -20.29 34.71
N GLY A 60 -18.70 -19.50 35.67
CA GLY A 60 -19.42 -19.29 36.90
C GLY A 60 -20.76 -18.60 36.69
N TRP A 61 -20.79 -17.59 35.83
CA TRP A 61 -22.03 -16.89 35.55
C TRP A 61 -23.03 -17.79 34.85
N ILE A 62 -22.57 -18.54 33.85
CA ILE A 62 -23.51 -19.34 33.06
C ILE A 62 -24.00 -20.54 33.85
N LEU A 63 -23.17 -21.08 34.74
CA LEU A 63 -23.61 -22.18 35.58
C LEU A 63 -24.42 -21.73 36.78
N GLY A 64 -24.36 -20.45 37.13
CA GLY A 64 -25.07 -19.96 38.29
C GLY A 64 -24.35 -20.22 39.59
N ASN A 65 -23.11 -19.76 39.68
CA ASN A 65 -22.33 -19.88 40.89
C ASN A 65 -23.03 -19.12 42.02
N PRO A 66 -22.96 -19.64 43.25
CA PRO A 66 -23.72 -19.02 44.34
C PRO A 66 -23.31 -17.58 44.63
N GLU A 67 -22.22 -17.10 44.07
CA GLU A 67 -21.79 -15.71 44.28
C GLU A 67 -21.83 -14.92 42.98
N CYS A 68 -22.80 -15.20 42.13
CA CYS A 68 -22.93 -14.43 40.88
C CYS A 68 -24.33 -13.87 40.83
N GLU A 69 -25.01 -13.78 41.96
CA GLU A 69 -26.42 -13.36 41.95
C GLU A 69 -26.53 -11.90 41.49
N LEU A 70 -25.49 -11.10 41.72
CA LEU A 70 -25.48 -9.70 41.26
C LEU A 70 -25.83 -9.66 39.77
N LEU A 71 -25.40 -10.66 39.02
CA LEU A 71 -25.69 -10.72 37.57
C LEU A 71 -27.04 -11.42 37.36
N SER A 73 -28.82 -8.73 35.73
CA SER A 73 -29.48 -9.64 34.76
C SER A 73 -29.88 -8.87 33.50
N ARG A 74 -29.14 -9.04 32.40
CA ARG A 74 -29.39 -8.27 31.15
C ARG A 74 -30.04 -9.18 30.09
N GLU A 75 -30.48 -8.59 28.97
CA GLU A 75 -31.17 -9.38 27.92
C GLU A 75 -30.43 -9.27 26.59
N SER A 76 -29.51 -8.34 26.46
CA SER A 76 -28.69 -8.22 25.24
C SER A 76 -27.41 -7.48 25.60
N TRP A 77 -26.28 -7.89 25.03
CA TRP A 77 -25.03 -7.14 25.27
C TRP A 77 -24.24 -7.03 23.98
N SER A 78 -23.18 -6.25 23.99
CA SER A 78 -22.31 -6.07 22.81
C SER A 78 -20.98 -6.75 23.13
N TYR A 79 -20.54 -6.68 24.38
CA TYR A 79 -19.32 -7.39 24.73
C TYR A 79 -19.30 -7.64 26.22
N ILE A 80 -18.49 -8.61 26.64
CA ILE A 80 -18.39 -9.01 28.04
C ILE A 80 -17.14 -8.37 28.64
N VAL A 81 -17.23 -7.99 29.91
CA VAL A 81 -16.10 -7.48 30.68
C VAL A 81 -15.79 -8.45 31.80
N GLU A 82 -14.55 -8.90 31.86
CA GLU A 82 -14.12 -9.91 32.82
C GLU A 82 -12.84 -9.45 33.48
N LYS A 83 -12.66 -9.87 34.72
CA LYS A 83 -11.39 -9.60 35.38
C LYS A 83 -10.31 -10.52 34.84
N PRO A 84 -9.05 -10.09 34.86
CA PRO A 84 -7.98 -10.91 34.26
C PRO A 84 -7.87 -12.31 34.84
N ASN A 85 -8.04 -12.47 36.15
CA ASN A 85 -7.99 -13.77 36.80
C ASN A 85 -9.21 -13.91 37.69
N PRO A 86 -10.36 -14.29 37.11
CA PRO A 86 -11.59 -14.39 37.90
C PRO A 86 -11.45 -15.43 39.01
N GLU A 87 -12.08 -15.13 40.15
CA GLU A 87 -11.95 -15.93 41.35
C GLU A 87 -13.14 -16.82 41.65
N ASN A 88 -14.32 -16.50 41.12
CA ASN A 88 -15.53 -17.28 41.34
C ASN A 88 -15.90 -17.94 40.02
N GLY A 89 -15.36 -19.12 39.78
CA GLY A 89 -15.68 -19.86 38.58
C GLY A 89 -16.53 -21.08 38.88
N THR A 90 -16.04 -22.26 38.48
CA THR A 90 -16.71 -23.51 38.78
C THR A 90 -16.39 -23.87 40.22
N CYS A 91 -17.37 -23.72 41.11
CA CYS A 91 -17.14 -23.99 42.53
C CYS A 91 -16.75 -25.44 42.75
N TYR A 92 -17.44 -26.36 42.11
CA TYR A 92 -17.03 -27.75 42.11
C TYR A 92 -15.93 -27.94 41.07
N PRO A 93 -14.77 -28.47 41.43
CA PRO A 93 -13.69 -28.62 40.44
C PRO A 93 -14.09 -29.57 39.32
N GLY A 94 -13.63 -29.27 38.12
CA GLY A 94 -13.94 -30.10 36.98
C GLY A 94 -13.45 -29.47 35.70
N HIS A 95 -13.77 -30.12 34.59
CA HIS A 95 -13.36 -29.68 33.26
C HIS A 95 -14.57 -29.22 32.48
N PHE A 96 -14.52 -27.99 31.99
CA PHE A 96 -15.59 -27.40 31.19
C PHE A 96 -15.31 -27.68 29.72
N ALA A 97 -16.17 -28.49 29.09
CA ALA A 97 -15.96 -28.92 27.72
C ALA A 97 -16.26 -27.78 26.75
N ASP A 98 -15.34 -27.55 25.81
CA ASP A 98 -15.49 -26.52 24.77
C ASP A 98 -15.76 -25.15 25.39
N TYR A 99 -14.98 -24.80 26.40
CA TYR A 99 -15.14 -23.54 27.10
C TYR A 99 -14.84 -22.33 26.23
N GLU A 100 -13.77 -22.38 25.43
CA GLU A 100 -13.44 -21.28 24.54
C GLU A 100 -14.53 -21.04 23.51
N GLU A 101 -15.10 -22.10 22.95
CA GLU A 101 -16.19 -21.94 21.99
C GLU A 101 -17.41 -21.31 22.64
N LEU A 102 -17.70 -21.71 23.88
CA LEU A 102 -18.83 -21.12 24.60
C LEU A 102 -18.59 -19.64 24.84
N ARG A 103 -17.35 -19.27 25.20
CA ARG A 103 -17.04 -17.85 25.38
C ARG A 103 -17.20 -17.09 24.07
N GLU A 104 -16.79 -17.69 22.95
CA GLU A 104 -16.94 -17.04 21.66
C GLU A 104 -18.41 -16.85 21.30
N GLN A 105 -19.25 -17.84 21.59
CA GLN A 105 -20.65 -17.77 21.23
C GLN A 105 -21.49 -16.92 22.17
N LEU A 106 -21.01 -16.67 23.39
CA LEU A 106 -21.70 -15.79 24.32
C LEU A 106 -21.13 -14.38 24.30
N SER A 107 -20.25 -14.08 23.35
CA SER A 107 -19.61 -12.76 23.32
C SER A 107 -20.63 -11.66 23.12
N SER A 108 -21.59 -11.86 22.21
CA SER A 108 -22.64 -10.89 21.98
C SER A 108 -23.93 -11.64 21.69
N VAL A 109 -25.02 -11.19 22.32
CA VAL A 109 -26.34 -11.77 22.13
C VAL A 109 -27.33 -10.66 21.89
N SER A 110 -28.41 -10.98 21.18
CA SER A 110 -29.49 -10.05 20.93
C SER A 110 -30.69 -10.28 21.82
N SER A 111 -30.92 -11.52 22.25
CA SER A 111 -31.99 -11.81 23.19
C SER A 111 -31.50 -12.87 24.16
N PHE A 112 -31.81 -12.69 25.44
CA PHE A 112 -31.38 -13.59 26.50
C PHE A 112 -32.58 -13.90 27.38
N GLU A 113 -32.85 -15.18 27.57
CA GLU A 113 -34.03 -15.62 28.31
C GLU A 113 -33.65 -16.83 29.16
N ARG A 114 -33.51 -16.62 30.46
CA ARG A 114 -33.24 -17.70 31.40
C ARG A 114 -34.57 -18.30 31.83
N PHE A 115 -34.79 -19.55 31.45
CA PHE A 115 -36.06 -20.22 31.69
C PHE A 115 -35.83 -21.62 32.22
N GLU A 116 -36.82 -22.13 32.96
CA GLU A 116 -36.74 -23.45 33.57
C GLU A 116 -37.03 -24.52 32.52
N ILE A 117 -35.97 -25.19 32.05
CA ILE A 117 -36.16 -26.31 31.13
C ILE A 117 -36.75 -27.50 31.87
N PHE A 118 -36.27 -27.74 33.09
CA PHE A 118 -36.75 -28.84 33.93
C PHE A 118 -37.06 -28.28 35.31
N PRO A 119 -38.33 -28.18 35.69
CA PRO A 119 -38.67 -27.65 37.01
C PRO A 119 -38.14 -28.53 38.13
N LYS A 120 -37.85 -27.89 39.27
CA LYS A 120 -37.25 -28.59 40.40
C LYS A 120 -38.28 -29.39 41.17
N GLU A 121 -39.40 -28.75 41.54
CA GLU A 121 -40.44 -29.42 42.31
C GLU A 121 -41.06 -30.56 41.52
N SER A 122 -41.22 -30.37 40.20
CA SER A 122 -41.68 -31.42 39.32
C SER A 122 -40.48 -32.07 38.65
N SER A 123 -40.74 -32.97 37.71
CA SER A 123 -39.77 -33.55 36.78
C SER A 123 -38.78 -34.50 37.46
N TRP A 124 -38.74 -34.57 38.79
CA TRP A 124 -37.89 -35.53 39.49
C TRP A 124 -38.65 -36.08 40.69
N PRO A 125 -39.63 -36.96 40.45
CA PRO A 125 -40.41 -37.51 41.55
C PRO A 125 -39.80 -38.74 42.20
N ASN A 126 -38.69 -39.25 41.67
CA ASN A 126 -38.06 -40.45 42.22
C ASN A 126 -36.65 -40.22 42.74
N HIS A 127 -36.09 -39.03 42.63
CA HIS A 127 -34.74 -38.74 43.06
C HIS A 127 -34.74 -37.52 43.98
N THR A 128 -33.69 -37.43 44.81
CA THR A 128 -33.50 -36.28 45.67
C THR A 128 -32.88 -35.15 44.88
N THR A 129 -33.48 -33.97 44.97
CA THR A 129 -33.05 -32.79 44.24
C THR A 129 -32.49 -31.74 45.20
N THR A 130 -31.85 -32.19 46.28
CA THR A 130 -31.33 -31.28 47.29
C THR A 130 -29.84 -31.51 47.52
N GLY A 131 -29.13 -31.99 46.50
CA GLY A 131 -27.69 -32.19 46.63
C GLY A 131 -26.97 -30.86 46.75
N VAL A 132 -26.14 -30.73 47.78
CA VAL A 132 -25.35 -29.53 48.01
C VAL A 132 -23.92 -29.93 48.32
N SER A 133 -23.02 -28.97 48.19
CA SER A 133 -21.61 -29.21 48.46
C SER A 133 -21.04 -28.02 49.23
N ALA A 134 -20.08 -28.31 50.11
CA ALA A 134 -19.40 -27.26 50.85
C ALA A 134 -18.46 -26.45 49.97
N SER A 135 -18.04 -27.00 48.83
CA SER A 135 -17.20 -26.25 47.90
C SER A 135 -17.97 -25.13 47.20
N CYS A 136 -19.29 -25.19 47.20
CA CYS A 136 -20.15 -24.16 46.61
C CYS A 136 -20.91 -23.40 47.69
N SER A 137 -20.25 -23.12 48.82
CA SER A 137 -20.92 -22.49 49.95
C SER A 137 -21.30 -21.04 49.63
N HIS A 138 -22.51 -20.66 50.03
CA HIS A 138 -23.00 -19.29 49.91
C HIS A 138 -23.16 -18.72 51.31
N ASN A 139 -22.52 -17.57 51.56
CA ASN A 139 -22.53 -16.89 52.85
C ASN A 139 -22.46 -17.88 54.01
N GLY A 140 -21.51 -18.79 53.93
CA GLY A 140 -21.36 -19.80 54.97
C GLY A 140 -22.09 -21.11 54.75
N GLU A 141 -23.40 -21.04 54.51
CA GLU A 141 -24.17 -22.26 54.29
C GLU A 141 -23.88 -22.85 52.92
N SER A 142 -23.79 -24.17 52.85
CA SER A 142 -23.47 -24.86 51.61
C SER A 142 -24.64 -24.75 50.62
N SER A 143 -24.28 -24.69 49.34
CA SER A 143 -25.27 -24.54 48.28
C SER A 143 -24.76 -25.25 47.04
N PHE A 144 -25.39 -24.96 45.89
CA PHE A 144 -25.01 -25.54 44.62
C PHE A 144 -25.24 -24.50 43.53
N TYR A 145 -25.01 -24.89 42.28
CA TYR A 145 -25.27 -24.01 41.15
C TYR A 145 -26.76 -23.72 41.05
N LYS A 146 -27.08 -22.51 40.59
CA LYS A 146 -28.46 -22.08 40.43
C LYS A 146 -29.07 -22.50 39.11
N ASN A 147 -28.28 -23.07 38.19
CA ASN A 147 -28.78 -23.53 36.91
C ASN A 147 -28.73 -25.04 36.74
N LEU A 148 -28.04 -25.76 37.63
CA LEU A 148 -27.92 -27.20 37.54
C LEU A 148 -28.46 -27.82 38.82
N LEU A 149 -29.01 -29.03 38.68
CA LEU A 149 -29.65 -29.72 39.79
C LEU A 149 -28.97 -31.06 40.02
N TRP A 150 -28.50 -31.29 41.23
CA TRP A 150 -27.82 -32.52 41.61
C TRP A 150 -28.86 -33.56 41.99
N LEU A 151 -28.83 -34.70 41.34
CA LEU A 151 -29.78 -35.78 41.58
C LEU A 151 -29.08 -36.92 42.31
N THR A 152 -29.69 -37.37 43.40
CA THR A 152 -29.17 -38.48 44.20
C THR A 152 -30.32 -39.42 44.51
N GLY A 153 -30.01 -40.63 44.97
CA GLY A 153 -31.06 -41.65 45.19
C GLY A 153 -32.05 -41.37 46.29
N LYS A 154 -33.33 -41.66 46.05
CA LYS A 154 -34.39 -41.51 47.07
C LYS A 154 -34.98 -42.87 47.41
N ASN A 155 -35.29 -43.11 48.69
CA ASN A 155 -35.92 -44.38 49.15
C ASN A 155 -34.97 -45.55 48.92
N GLY A 156 -33.67 -45.30 48.82
CA GLY A 156 -32.71 -46.41 48.77
C GLY A 156 -32.23 -46.79 47.37
N LEU A 157 -32.70 -46.13 46.33
CA LEU A 157 -32.31 -46.58 44.96
C LEU A 157 -32.24 -45.40 43.99
N TYR A 158 -31.51 -45.57 42.88
CA TYR A 158 -31.48 -44.53 41.85
C TYR A 158 -32.14 -45.10 40.60
N PRO A 159 -33.37 -44.74 40.30
CA PRO A 159 -34.05 -45.32 39.14
C PRO A 159 -33.47 -44.89 37.81
N ASN A 160 -34.02 -45.43 36.72
CA ASN A 160 -33.64 -44.99 35.38
C ASN A 160 -34.30 -43.65 35.07
N LEU A 161 -33.56 -42.77 34.41
CA LEU A 161 -34.02 -41.43 34.08
C LEU A 161 -34.09 -41.27 32.57
N SER A 162 -35.22 -40.75 32.08
CA SER A 162 -35.40 -40.43 30.67
C SER A 162 -36.27 -39.19 30.58
N LYS A 163 -35.65 -38.05 30.25
CA LYS A 163 -36.34 -36.77 30.17
C LYS A 163 -36.07 -36.13 28.82
N SER A 164 -37.12 -35.68 28.15
CA SER A 164 -37.02 -35.09 26.83
C SER A 164 -37.56 -33.67 26.86
N TYR A 165 -36.88 -32.76 26.19
CA TYR A 165 -37.33 -31.38 26.04
C TYR A 165 -37.30 -31.01 24.57
N ALA A 166 -38.41 -30.49 24.07
CA ALA A 166 -38.52 -30.09 22.67
C ALA A 166 -38.55 -28.57 22.56
N ASN A 167 -37.70 -28.04 21.69
CA ASN A 167 -37.57 -26.59 21.56
C ASN A 167 -38.83 -26.00 20.93
N ASN A 168 -39.42 -25.02 21.61
CA ASN A 168 -40.58 -24.32 21.09
C ASN A 168 -40.47 -22.81 21.32
N LYS A 169 -39.25 -22.28 21.25
CA LYS A 169 -39.02 -20.86 21.47
C LYS A 169 -38.51 -20.15 20.23
N GLU A 170 -38.49 -20.82 19.07
CA GLU A 170 -38.03 -20.28 17.78
C GLU A 170 -36.64 -19.64 17.88
N LYS A 171 -35.90 -19.95 18.93
CA LYS A 171 -34.54 -19.46 19.13
C LYS A 171 -33.69 -20.61 19.65
N GLU A 172 -32.40 -20.59 19.33
CA GLU A 172 -31.50 -21.62 19.82
C GLU A 172 -31.42 -21.58 21.34
N VAL A 173 -31.43 -22.75 21.96
CA VAL A 173 -31.45 -22.87 23.41
C VAL A 173 -30.15 -23.48 23.88
N LEU A 174 -29.50 -22.82 24.84
CA LEU A 174 -28.26 -23.31 25.43
C LEU A 174 -28.60 -24.20 26.61
N VAL A 175 -28.27 -25.49 26.49
CA VAL A 175 -28.55 -26.47 27.52
C VAL A 175 -27.23 -26.90 28.13
N LEU A 176 -27.12 -26.75 29.45
CA LEU A 176 -25.92 -27.13 30.19
C LEU A 176 -26.25 -28.27 31.15
N TRP A 177 -25.30 -29.18 31.30
CA TRP A 177 -25.46 -30.30 32.24
C TRP A 177 -24.07 -30.72 32.70
N GLY A 178 -24.04 -31.73 33.58
CA GLY A 178 -22.78 -32.19 34.13
C GLY A 178 -22.83 -33.66 34.47
N VAL A 179 -21.64 -34.25 34.56
CA VAL A 179 -21.47 -35.65 34.91
C VAL A 179 -20.49 -35.74 36.07
N HIS A 180 -20.86 -36.51 37.10
CA HIS A 180 -20.09 -36.61 38.32
C HIS A 180 -19.12 -37.77 38.26
N HIS A 181 -17.95 -37.58 38.87
CA HIS A 181 -16.91 -38.59 38.97
C HIS A 181 -16.48 -38.66 40.42
N PRO A 182 -17.06 -39.58 41.20
CA PRO A 182 -16.73 -39.68 42.61
C PRO A 182 -15.28 -40.14 42.82
N PRO A 183 -14.67 -39.78 43.94
CA PRO A 183 -13.26 -40.13 44.14
C PRO A 183 -13.03 -41.61 44.37
N ASN A 184 -13.94 -42.29 45.07
CA ASN A 184 -13.77 -43.70 45.39
C ASN A 184 -15.06 -44.45 45.10
N ILE A 185 -14.94 -45.76 44.97
CA ILE A 185 -16.10 -46.60 44.67
C ILE A 185 -17.12 -46.55 45.80
N GLY A 186 -16.66 -46.28 47.03
CA GLY A 186 -17.56 -46.16 48.15
C GLY A 186 -18.56 -45.03 47.98
N ASP A 187 -18.07 -43.87 47.54
CA ASP A 187 -18.98 -42.76 47.27
C ASP A 187 -19.93 -43.08 46.11
N GLN A 188 -19.40 -43.64 45.04
CA GLN A 188 -20.27 -44.02 43.90
C GLN A 188 -21.50 -44.76 44.43
N ARG A 189 -21.30 -45.79 45.24
CA ARG A 189 -22.44 -46.61 45.70
C ARG A 189 -23.32 -45.78 46.62
N ALA A 190 -22.70 -45.15 47.61
CA ALA A 190 -23.45 -44.37 48.59
C ALA A 190 -24.43 -43.42 47.92
N LEU A 191 -24.02 -42.73 46.86
CA LEU A 191 -24.90 -41.70 46.28
C LEU A 191 -25.67 -42.25 45.08
N TYR A 192 -25.06 -43.12 44.28
CA TYR A 192 -25.72 -43.55 43.05
C TYR A 192 -26.13 -45.02 43.05
N HIS A 193 -25.68 -45.82 44.02
CA HIS A 193 -26.13 -47.19 44.23
C HIS A 193 -25.85 -48.10 43.04
N LYS A 194 -24.90 -47.75 42.19
CA LYS A 194 -24.51 -48.60 41.07
C LYS A 194 -23.02 -48.43 40.83
N GLU A 195 -22.33 -49.56 40.63
CA GLU A 195 -20.89 -49.52 40.44
C GLU A 195 -20.51 -48.87 39.12
N ASN A 196 -21.27 -49.12 38.06
CA ASN A 196 -21.01 -48.55 36.74
C ASN A 196 -22.29 -47.89 36.23
N ALA A 197 -22.19 -46.62 35.86
CA ALA A 197 -23.33 -45.84 35.41
C ALA A 197 -23.10 -45.35 33.98
N TYR A 198 -24.16 -44.79 33.40
CA TYR A 198 -24.11 -44.27 32.04
C TYR A 198 -24.96 -43.01 31.95
N VAL A 199 -24.50 -42.04 31.17
CA VAL A 199 -25.23 -40.79 30.94
C VAL A 199 -25.26 -40.57 29.43
N SER A 200 -26.42 -40.76 28.82
CA SER A 200 -26.59 -40.54 27.40
C SER A 200 -27.34 -39.24 27.17
N VAL A 201 -26.77 -38.37 26.34
CA VAL A 201 -27.42 -37.14 25.90
C VAL A 201 -27.52 -37.19 24.39
N VAL A 202 -28.74 -37.11 23.87
CA VAL A 202 -29.00 -37.30 22.45
C VAL A 202 -29.79 -36.11 21.92
N SER A 203 -29.28 -35.49 20.86
CA SER A 203 -29.99 -34.48 20.12
C SER A 203 -29.92 -34.83 18.63
N SER A 204 -30.62 -34.04 17.82
CA SER A 204 -30.62 -34.28 16.39
C SER A 204 -29.23 -34.13 15.79
N HIS A 205 -28.38 -33.31 16.40
CA HIS A 205 -27.03 -33.10 15.93
C HIS A 205 -25.99 -33.32 17.01
N TYR A 206 -26.37 -33.83 18.17
CA TYR A 206 -25.45 -34.14 19.26
C TYR A 206 -25.79 -35.51 19.81
N SER A 207 -24.77 -36.27 20.16
CA SER A 207 -24.96 -37.60 20.76
C SER A 207 -23.70 -37.95 21.54
N ARG A 208 -23.85 -38.15 22.85
CA ARG A 208 -22.73 -38.51 23.69
C ARG A 208 -23.16 -39.51 24.75
N LYS A 209 -22.22 -40.38 25.13
CA LYS A 209 -22.49 -41.39 26.18
C LYS A 209 -21.31 -41.32 27.14
N PHE A 210 -21.50 -40.73 28.33
CA PHE A 210 -20.49 -40.55 29.34
C PHE A 210 -20.53 -41.68 30.36
N THR A 211 -19.34 -42.09 30.80
CA THR A 211 -19.16 -43.08 31.85
C THR A 211 -18.37 -42.48 33.00
N PRO A 212 -18.88 -42.53 34.22
CA PRO A 212 -18.13 -42.01 35.36
C PRO A 212 -16.79 -42.71 35.53
N GLU A 213 -15.76 -41.93 35.78
CA GLU A 213 -14.41 -42.44 36.00
C GLU A 213 -14.03 -42.18 37.46
N ILE A 214 -13.70 -43.25 38.17
CA ILE A 214 -13.39 -43.18 39.60
C ILE A 214 -11.89 -43.07 39.76
N ALA A 215 -11.43 -41.99 40.39
CA ALA A 215 -10.01 -41.77 40.58
C ALA A 215 -9.79 -40.91 41.80
N LYS A 216 -8.57 -40.98 42.34
CA LYS A 216 -8.20 -40.20 43.52
C LYS A 216 -7.43 -38.95 43.10
N ARG A 217 -8.18 -38.02 42.52
CA ARG A 217 -7.62 -36.76 42.05
C ARG A 217 -7.28 -35.85 43.24
N PRO A 218 -6.33 -34.90 43.03
CA PRO A 218 -5.87 -34.00 44.10
C PRO A 218 -7.03 -33.19 44.63
N LYS A 219 -6.74 -32.36 45.63
CA LYS A 219 -7.88 -31.67 46.27
C LYS A 219 -7.96 -30.23 45.79
N VAL A 220 -8.66 -30.00 44.69
CA VAL A 220 -8.95 -28.61 44.30
C VAL A 220 -10.21 -28.21 45.05
N ARG A 221 -10.16 -27.15 45.84
CA ARG A 221 -11.33 -26.63 46.56
C ARG A 221 -11.89 -27.69 47.50
N ASP A 222 -11.01 -28.23 48.34
CA ASP A 222 -11.29 -29.28 49.31
C ASP A 222 -12.20 -30.38 48.76
N GLN A 223 -11.97 -30.76 47.51
CA GLN A 223 -12.77 -31.85 46.90
C GLN A 223 -11.85 -32.68 46.00
N GLU A 224 -12.10 -33.98 45.91
CA GLU A 224 -11.34 -34.87 45.04
C GLU A 224 -12.15 -35.47 43.91
N GLY A 225 -13.47 -35.62 44.04
CA GLY A 225 -14.29 -35.95 42.91
C GLY A 225 -14.57 -34.75 42.03
N ARG A 226 -14.80 -35.01 40.74
CA ARG A 226 -14.87 -33.93 39.76
C ARG A 226 -16.19 -33.99 39.00
N ILE A 227 -16.75 -32.81 38.71
CA ILE A 227 -17.93 -32.71 37.86
C ILE A 227 -17.48 -32.12 36.53
N ASN A 228 -17.68 -32.88 35.45
CA ASN A 228 -17.38 -32.41 34.10
C ASN A 228 -18.62 -31.79 33.49
N TYR A 229 -18.46 -30.59 32.93
CA TYR A 229 -19.58 -29.78 32.46
C TYR A 229 -19.65 -29.81 30.94
N TYR A 230 -20.86 -29.92 30.41
CA TYR A 230 -21.09 -30.00 28.99
C TYR A 230 -22.23 -29.08 28.61
N TRP A 231 -22.24 -28.65 27.35
CA TRP A 231 -23.26 -27.74 26.83
C TRP A 231 -23.58 -28.10 25.39
N THR A 232 -24.78 -27.68 24.96
CA THR A 232 -25.20 -27.87 23.58
C THR A 232 -26.17 -26.75 23.21
N LEU A 233 -26.34 -26.58 21.90
CA LEU A 233 -27.26 -25.58 21.35
C LEU A 233 -28.37 -26.30 20.62
N LEU A 234 -29.52 -26.44 21.28
CA LEU A 234 -30.70 -26.96 20.63
C LEU A 234 -31.21 -25.98 19.58
N GLU A 235 -31.31 -26.45 18.34
CA GLU A 235 -31.84 -25.64 17.26
C GLU A 235 -33.34 -25.43 17.45
N PRO A 236 -33.90 -24.38 16.85
CA PRO A 236 -35.34 -24.20 16.90
C PRO A 236 -36.07 -25.40 16.29
N GLY A 237 -37.00 -25.96 17.05
CA GLY A 237 -37.69 -27.15 16.63
C GLY A 237 -36.82 -28.38 16.68
N ASP A 238 -36.31 -28.70 17.86
CA ASP A 238 -35.46 -29.86 18.06
C ASP A 238 -35.65 -30.38 19.48
N THR A 239 -35.31 -31.65 19.68
CA THR A 239 -35.55 -32.32 20.95
C THR A 239 -34.24 -32.84 21.52
N ILE A 240 -34.10 -32.72 22.83
CA ILE A 240 -32.96 -33.27 23.57
C ILE A 240 -33.47 -34.32 24.54
N ILE A 241 -32.74 -35.44 24.61
CA ILE A 241 -33.10 -36.57 25.45
C ILE A 241 -31.95 -36.84 26.41
N PHE A 242 -32.27 -36.87 27.71
CA PHE A 242 -31.34 -37.23 28.76
C PHE A 242 -31.75 -38.59 29.32
N GLU A 243 -30.85 -39.57 29.20
CA GLU A 243 -31.03 -40.87 29.83
C GLU A 243 -29.88 -41.08 30.79
N ALA A 244 -30.19 -41.57 31.99
CA ALA A 244 -29.14 -41.71 32.98
C ALA A 244 -29.60 -42.61 34.10
N ASN A 245 -28.73 -43.54 34.50
CA ASN A 245 -28.92 -44.32 35.72
C ASN A 245 -27.96 -43.90 36.83
N GLY A 246 -27.41 -42.70 36.74
CA GLY A 246 -26.53 -42.18 37.76
C GLY A 246 -25.59 -41.14 37.20
N ASN A 247 -25.07 -40.31 38.10
CA ASN A 247 -24.00 -39.36 37.80
C ASN A 247 -24.43 -38.30 36.79
N LEU A 248 -25.61 -37.74 36.97
CA LEU A 248 -26.12 -36.69 36.11
C LEU A 248 -26.44 -35.46 36.94
N ILE A 249 -25.81 -34.34 36.59
CA ILE A 249 -26.17 -33.03 37.14
C ILE A 249 -27.10 -32.41 36.10
N ALA A 250 -28.40 -32.56 36.33
CA ALA A 250 -29.38 -32.29 35.30
C ALA A 250 -29.55 -30.79 35.07
N PRO A 251 -29.88 -30.39 33.84
CA PRO A 251 -30.22 -28.98 33.60
C PRO A 251 -31.46 -28.58 34.36
N ARG A 252 -31.44 -27.36 34.89
CA ARG A 252 -32.62 -26.76 35.50
C ARG A 252 -33.04 -25.51 34.75
N TYR A 253 -32.12 -24.58 34.50
CA TYR A 253 -32.40 -23.36 33.76
C TYR A 253 -31.59 -23.37 32.46
N ALA A 254 -32.29 -23.16 31.35
CA ALA A 254 -31.67 -23.03 30.05
C ALA A 254 -31.71 -21.57 29.61
N PHE A 255 -31.20 -21.30 28.42
CA PHE A 255 -31.09 -19.93 27.93
C PHE A 255 -31.52 -19.88 26.47
N ALA A 256 -32.40 -18.94 26.15
CA ALA A 256 -32.77 -18.69 24.77
C ALA A 256 -31.89 -17.58 24.20
N LEU A 257 -31.24 -17.85 23.08
CA LEU A 257 -30.23 -16.97 22.52
C LEU A 257 -30.60 -16.54 21.12
N SER A 258 -30.16 -15.35 20.75
CA SER A 258 -30.10 -14.91 19.36
C SER A 258 -28.70 -14.36 19.10
N ARG A 259 -28.07 -14.84 18.03
CA ARG A 259 -26.71 -14.40 17.74
C ARG A 259 -26.68 -12.91 17.40
N GLY A 260 -25.57 -12.28 17.75
CA GLY A 260 -25.36 -10.88 17.42
C GLY A 260 -24.08 -10.68 16.64
N PHE A 261 -23.69 -9.41 16.53
CA PHE A 261 -22.44 -9.05 15.81
C PHE A 261 -21.26 -9.71 16.51
N GLY A 262 -20.30 -10.17 15.72
CA GLY A 262 -19.11 -10.79 16.29
C GLY A 262 -18.38 -9.88 17.26
N SER A 263 -18.18 -10.37 18.49
CA SER A 263 -17.59 -9.56 19.55
C SER A 263 -16.67 -10.45 20.37
N GLY A 264 -16.28 -9.95 21.53
CA GLY A 264 -15.37 -10.69 22.39
C GLY A 264 -15.45 -10.33 23.85
N ILE A 265 -14.44 -10.73 24.61
CA ILE A 265 -14.38 -10.50 26.04
C ILE A 265 -13.17 -9.62 26.33
N ILE A 266 -13.37 -8.57 27.11
CA ILE A 266 -12.31 -7.66 27.49
C ILE A 266 -11.90 -7.95 28.92
N ASN A 267 -10.63 -8.28 29.12
CA ASN A 267 -10.07 -8.50 30.45
C ASN A 267 -9.43 -7.20 30.91
N SER A 268 -10.09 -6.50 31.83
CA SER A 268 -9.64 -5.19 32.24
C SER A 268 -10.13 -4.88 33.65
N ASN A 269 -9.46 -3.92 34.28
CA ASN A 269 -9.86 -3.37 35.57
C ASN A 269 -10.05 -1.87 35.36
N ALA A 270 -11.25 -1.49 34.94
CA ALA A 270 -11.55 -0.10 34.62
C ALA A 270 -13.02 0.18 34.93
N PRO A 271 -13.33 1.39 35.40
CA PRO A 271 -14.73 1.72 35.71
C PRO A 271 -15.60 1.75 34.46
N MET A 272 -16.89 1.49 34.66
CA MET A 272 -17.87 1.47 33.59
C MET A 272 -18.69 2.74 33.61
N ASP A 273 -18.75 3.43 32.47
CA ASP A 273 -19.45 4.70 32.36
C ASP A 273 -20.45 4.65 31.21
N GLU A 274 -21.40 5.57 31.23
CA GLU A 274 -22.50 5.60 30.27
C GLU A 274 -22.18 6.49 29.06
N CYS A 275 -21.12 6.14 28.34
CA CYS A 275 -20.71 6.87 27.16
C CYS A 275 -21.37 6.26 25.93
N ASP A 276 -20.88 6.64 24.75
CA ASP A 276 -21.23 5.98 23.50
C ASP A 276 -20.02 6.06 22.57
N ALA A 277 -19.23 5.00 22.54
CA ALA A 277 -17.98 4.97 21.80
C ALA A 277 -18.07 3.98 20.65
N LYS A 278 -17.16 4.11 19.68
CA LYS A 278 -17.18 3.22 18.49
C LYS A 278 -16.12 2.13 18.65
N CYS A 279 -15.08 2.40 19.44
CA CYS A 279 -14.09 1.36 19.72
C CYS A 279 -13.86 1.27 21.22
N GLN A 280 -13.54 0.06 21.68
CA GLN A 280 -13.26 -0.20 23.08
C GLN A 280 -11.98 -1.02 23.20
N THR A 281 -11.14 -0.64 24.16
CA THR A 281 -9.88 -1.29 24.46
C THR A 281 -9.86 -1.71 25.92
N PRO A 282 -9.04 -2.70 26.30
CA PRO A 282 -8.94 -3.08 27.72
C PRO A 282 -8.36 -2.00 28.62
N GLN A 283 -8.06 -0.81 28.09
CA GLN A 283 -7.59 0.29 28.92
C GLN A 283 -8.45 1.55 28.76
N GLY A 284 -9.50 1.49 27.95
CA GLY A 284 -10.35 2.64 27.74
C GLY A 284 -10.73 2.84 26.29
N ALA A 285 -11.87 3.49 26.05
CA ALA A 285 -12.34 3.72 24.70
C ALA A 285 -11.51 4.80 24.01
N ILE A 286 -11.46 4.73 22.68
CA ILE A 286 -10.75 5.71 21.87
C ILE A 286 -11.80 6.52 21.13
N ASN A 287 -11.94 7.79 21.51
CA ASN A 287 -12.83 8.72 20.80
C ASN A 287 -12.03 9.36 19.68
N SER A 288 -11.82 8.59 18.62
CA SER A 288 -10.99 9.01 17.51
C SER A 288 -11.78 8.93 16.20
N SER A 289 -11.64 9.97 15.38
CA SER A 289 -12.09 9.94 14.00
C SER A 289 -10.93 9.74 13.04
N LEU A 290 -9.73 9.45 13.55
CA LEU A 290 -8.49 9.32 12.81
C LEU A 290 -8.24 7.86 12.41
N PRO A 291 -7.63 7.65 11.25
CA PRO A 291 -7.50 6.29 10.73
C PRO A 291 -6.61 5.37 11.56
N PHE A 292 -5.67 5.90 12.33
CA PHE A 292 -4.66 5.07 12.97
C PHE A 292 -4.61 5.35 14.46
N GLN A 293 -4.22 4.34 15.23
CA GLN A 293 -4.05 4.43 16.66
C GLN A 293 -2.95 3.47 17.10
N ASN A 294 -2.33 3.79 18.23
CA ASN A 294 -1.29 2.93 18.80
C ASN A 294 -1.52 2.69 20.28
N VAL A 295 -2.79 2.55 20.68
CA VAL A 295 -3.13 2.32 22.08
C VAL A 295 -3.01 0.83 22.39
N HIS A 296 -3.80 0.01 21.69
CA HIS A 296 -3.80 -1.43 21.94
C HIS A 296 -4.21 -2.19 20.69
N PRO A 297 -3.54 -3.29 20.37
CA PRO A 297 -3.93 -4.04 19.16
C PRO A 297 -5.23 -4.81 19.31
N VAL A 298 -5.56 -5.29 20.51
CA VAL A 298 -6.77 -6.05 20.75
C VAL A 298 -7.89 -5.07 21.09
N THR A 299 -8.77 -4.82 20.12
CA THR A 299 -9.82 -3.83 20.28
C THR A 299 -11.13 -4.46 19.82
N ILE A 300 -12.25 -3.92 20.29
CA ILE A 300 -13.58 -4.33 19.86
C ILE A 300 -14.28 -3.14 19.24
N GLY A 301 -14.79 -3.31 18.04
CA GLY A 301 -15.52 -2.29 17.32
C GLY A 301 -14.87 -1.95 16.00
N GLU A 302 -15.48 -0.98 15.31
CA GLU A 302 -14.95 -0.45 14.05
C GLU A 302 -13.83 0.52 14.42
N CYS A 303 -12.64 -0.02 14.57
CA CYS A 303 -11.54 0.67 15.22
C CYS A 303 -10.52 1.20 14.22
N PRO A 304 -9.81 2.28 14.57
CA PRO A 304 -8.67 2.69 13.77
C PRO A 304 -7.61 1.60 13.73
N LYS A 305 -6.93 1.52 12.60
CA LYS A 305 -5.96 0.45 12.37
C LYS A 305 -4.75 0.65 13.27
N TYR A 306 -4.43 -0.37 14.06
CA TYR A 306 -3.30 -0.29 14.98
C TYR A 306 -1.99 -0.35 14.21
N VAL A 307 -1.07 0.53 14.56
CA VAL A 307 0.25 0.59 13.92
C VAL A 307 1.32 0.65 15.00
N ARG A 308 2.51 0.18 14.64
CA ARG A 308 3.67 0.24 15.53
C ARG A 308 4.46 1.53 15.30
N SER A 309 3.75 2.65 15.41
CA SER A 309 4.35 3.95 15.15
C SER A 309 4.09 4.86 16.33
N ALA A 310 5.06 5.74 16.60
CA ALA A 310 4.93 6.72 17.66
C ALA A 310 4.42 8.07 17.17
N LYS A 311 4.64 8.40 15.90
CA LYS A 311 4.24 9.69 15.35
C LYS A 311 3.87 9.54 13.89
N LEU A 312 2.63 9.84 13.57
CA LEU A 312 2.16 10.01 12.19
C LEU A 312 1.55 11.42 12.10
N ARG A 313 2.36 12.37 11.68
CA ARG A 313 1.95 13.77 11.63
C ARG A 313 2.12 14.27 10.20
N MET A 314 1.05 14.84 9.64
CA MET A 314 1.01 15.25 8.24
C MET A 314 1.02 16.76 8.15
N VAL A 315 1.90 17.29 7.31
CA VAL A 315 2.09 18.73 7.20
C VAL A 315 0.96 19.33 6.37
N THR A 316 0.41 20.43 6.84
CA THR A 316 -0.55 21.24 6.10
C THR A 316 0.01 22.59 5.69
N GLY A 317 0.85 23.19 6.52
CA GLY A 317 1.51 24.43 6.19
C GLY A 317 2.79 24.20 5.41
N LEU A 318 3.66 25.32 5.64
CA LEU A 318 4.90 25.41 4.87
C LEU A 318 6.10 25.14 5.76
N ARG A 319 7.31 25.08 5.18
CA ARG A 319 8.52 25.08 5.99
C ARG A 319 8.62 26.39 6.76
N ASN A 320 9.05 26.29 8.01
CA ASN A 320 9.18 27.45 8.89
C ASN A 320 10.60 27.97 8.80
N ILE A 321 10.77 29.11 8.13
CA ILE A 321 12.08 29.73 7.99
C ILE A 321 11.98 31.17 8.46
N PRO A 322 11.93 31.43 9.78
CA PRO A 322 11.84 32.79 10.29
C PRO A 322 13.21 33.38 10.59
N LEU B 2 10.87 20.03 -6.44
CA LEU B 2 11.05 21.37 -5.88
C LEU B 2 11.10 22.41 -6.99
N PHE B 3 10.66 23.63 -6.67
CA PHE B 3 10.50 24.67 -7.66
C PHE B 3 11.37 25.89 -7.44
N GLY B 4 12.12 25.95 -6.33
CA GLY B 4 13.12 26.97 -6.14
C GLY B 4 12.67 28.24 -5.46
N ALA B 5 11.40 28.36 -5.10
CA ALA B 5 10.94 29.59 -4.45
C ALA B 5 11.21 29.55 -2.95
N ILE B 6 10.61 28.61 -2.25
CA ILE B 6 10.79 28.49 -0.80
C ILE B 6 12.16 27.89 -0.52
N ALA B 7 12.92 28.55 0.35
CA ALA B 7 14.31 28.20 0.62
C ALA B 7 15.12 28.20 -0.67
N GLY B 8 14.79 29.13 -1.55
CA GLY B 8 15.44 29.25 -2.85
C GLY B 8 15.73 30.71 -3.16
N PHE B 9 15.25 31.20 -4.30
CA PHE B 9 15.45 32.62 -4.59
C PHE B 9 14.66 33.52 -3.66
N ILE B 10 13.71 32.99 -2.91
CA ILE B 10 13.12 33.67 -1.77
C ILE B 10 13.62 32.97 -0.51
N GLU B 11 14.39 33.67 0.32
CA GLU B 11 15.20 33.04 1.34
C GLU B 11 14.38 32.53 2.52
N GLY B 12 13.68 33.43 3.23
CA GLY B 12 12.96 33.07 4.43
C GLY B 12 11.55 33.64 4.42
N GLY B 13 10.76 33.17 5.38
CA GLY B 13 9.39 33.62 5.51
C GLY B 13 9.25 34.86 6.35
N TRP B 14 8.03 35.37 6.39
CA TRP B 14 7.71 36.61 7.09
C TRP B 14 6.81 36.31 8.27
N THR B 15 7.29 36.64 9.48
CA THR B 15 6.44 36.54 10.65
C THR B 15 5.39 37.64 10.67
N GLY B 16 5.62 38.71 9.91
CA GLY B 16 4.65 39.78 9.84
C GLY B 16 3.36 39.37 9.16
N MET B 17 3.43 38.65 8.06
CA MET B 17 2.24 38.19 7.36
C MET B 17 1.55 37.14 8.20
N VAL B 18 0.38 37.48 8.73
CA VAL B 18 -0.35 36.60 9.63
C VAL B 18 -1.69 36.17 9.08
N ASP B 19 -2.12 36.69 7.93
CA ASP B 19 -3.44 36.41 7.39
C ASP B 19 -3.45 35.37 6.29
N GLY B 20 -2.31 34.79 5.95
CA GLY B 20 -2.29 33.81 4.88
C GLY B 20 -0.92 33.21 4.70
N TRP B 21 -0.84 32.27 3.76
CA TRP B 21 0.42 31.58 3.48
C TRP B 21 1.30 32.40 2.54
N TYR B 22 0.73 32.84 1.42
CA TYR B 22 1.47 33.58 0.42
C TYR B 22 0.94 35.01 0.34
N GLY B 23 1.84 35.95 0.02
CA GLY B 23 1.43 37.33 -0.05
C GLY B 23 2.49 38.33 -0.44
N TYR B 24 2.17 39.61 -0.30
CA TYR B 24 3.02 40.71 -0.73
C TYR B 24 3.40 41.56 0.47
N HIS B 25 4.51 42.28 0.28
CA HIS B 25 5.01 43.29 1.21
C HIS B 25 5.35 44.48 0.33
N HIS B 26 4.61 45.57 0.42
CA HIS B 26 4.84 46.77 -0.40
C HIS B 26 5.53 47.86 0.39
N GLN B 27 6.22 48.78 -0.27
CA GLN B 27 6.82 49.96 0.40
C GLN B 27 6.60 51.16 -0.52
N ASN B 28 5.77 52.08 -0.11
CA ASN B 28 5.51 53.32 -0.87
C ASN B 28 5.84 54.49 0.05
N GLU B 29 5.48 55.70 -0.31
CA GLU B 29 5.60 56.89 0.52
C GLU B 29 4.60 56.83 1.67
N GLN B 30 3.40 56.32 1.40
CA GLN B 30 2.38 56.22 2.44
C GLN B 30 2.80 55.26 3.54
N GLY B 31 3.41 54.13 3.18
CA GLY B 31 3.88 53.20 4.17
C GLY B 31 4.04 51.82 3.59
N SER B 32 4.56 50.92 4.43
CA SER B 32 4.75 49.53 4.08
C SER B 32 3.69 48.67 4.76
N GLY B 33 3.65 47.41 4.40
CA GLY B 33 2.63 46.52 4.91
C GLY B 33 2.87 45.06 4.60
N TYR B 34 1.82 44.27 4.80
CA TYR B 34 1.86 42.84 4.54
C TYR B 34 0.45 42.41 4.19
N ALA B 35 0.23 41.97 2.95
CA ALA B 35 -1.07 41.54 2.49
C ALA B 35 -0.95 40.15 1.90
N ALA B 36 -1.84 39.25 2.30
CA ALA B 36 -1.86 37.90 1.76
C ALA B 36 -2.66 37.86 0.47
N ASP B 37 -2.18 37.05 -0.48
CA ASP B 37 -2.93 36.79 -1.70
C ASP B 37 -4.05 35.80 -1.39
N GLN B 38 -5.28 36.30 -1.33
CA GLN B 38 -6.40 35.49 -0.90
C GLN B 38 -6.77 34.39 -1.87
N LYS B 39 -6.63 34.61 -3.18
CA LYS B 39 -7.01 33.59 -4.15
C LYS B 39 -6.11 32.38 -4.08
N SER B 40 -4.79 32.60 -4.13
CA SER B 40 -3.85 31.48 -4.07
C SER B 40 -3.91 30.78 -2.72
N THR B 41 -4.00 31.55 -1.63
CA THR B 41 -4.10 30.95 -0.31
C THR B 41 -5.37 30.13 -0.17
N GLN B 42 -6.48 30.62 -0.71
CA GLN B 42 -7.74 29.88 -0.61
C GLN B 42 -7.69 28.60 -1.43
N ASN B 43 -7.08 28.66 -2.62
CA ASN B 43 -6.91 27.43 -3.41
C ASN B 43 -6.06 26.42 -2.67
N ALA B 44 -4.97 26.88 -2.05
CA ALA B 44 -4.11 25.99 -1.28
C ALA B 44 -4.86 25.38 -0.11
N ILE B 45 -5.67 26.19 0.58
CA ILE B 45 -6.43 25.69 1.72
C ILE B 45 -7.40 24.62 1.27
N ASN B 46 -8.11 24.86 0.16
CA ASN B 46 -9.04 23.85 -0.33
C ASN B 46 -8.31 22.56 -0.69
N GLY B 47 -7.17 22.68 -1.37
CA GLY B 47 -6.43 21.47 -1.74
C GLY B 47 -5.94 20.69 -0.54
N ILE B 48 -5.38 21.38 0.45
CA ILE B 48 -4.84 20.69 1.63
C ILE B 48 -5.96 20.07 2.45
N THR B 49 -7.07 20.79 2.59
CA THR B 49 -8.22 20.24 3.30
C THR B 49 -8.73 18.98 2.60
N ASN B 50 -8.72 18.96 1.28
CA ASN B 50 -9.28 17.76 0.61
C ASN B 50 -8.27 16.64 0.73
N LYS B 51 -6.98 16.95 0.73
CA LYS B 51 -6.00 15.89 0.93
C LYS B 51 -6.16 15.25 2.31
N VAL B 52 -6.27 16.07 3.35
CA VAL B 52 -6.41 15.55 4.70
C VAL B 52 -7.70 14.73 4.82
N ASN B 53 -8.78 15.24 4.25
CA ASN B 53 -10.05 14.52 4.30
C ASN B 53 -9.97 13.21 3.52
N SER B 54 -9.28 13.21 2.38
CA SER B 54 -9.15 11.97 1.61
C SER B 54 -8.36 10.93 2.39
N VAL B 55 -7.33 11.37 3.11
CA VAL B 55 -6.56 10.43 3.93
C VAL B 55 -7.41 9.90 5.07
N ILE B 56 -8.20 10.75 5.71
CA ILE B 56 -8.93 10.34 6.92
C ILE B 56 -10.14 9.49 6.56
N GLU B 57 -10.97 9.94 5.62
CA GLU B 57 -12.25 9.31 5.34
C GLU B 57 -12.17 8.13 4.38
N LYS B 58 -10.99 7.79 3.88
CA LYS B 58 -10.85 6.61 3.04
C LYS B 58 -10.70 5.33 3.84
N MET B 59 -10.58 5.48 5.16
CA MET B 59 -10.47 4.32 6.06
C MET B 59 -11.85 3.95 6.59
N ASN B 60 -12.45 2.89 6.07
CA ASN B 60 -13.74 2.39 6.51
C ASN B 60 -13.58 0.96 6.99
N THR B 61 -14.12 0.67 8.18
CA THR B 61 -14.04 -0.65 8.77
C THR B 61 -15.43 -1.14 9.16
N GLN B 62 -15.52 -2.44 9.35
CA GLN B 62 -16.72 -3.10 9.87
C GLN B 62 -16.46 -3.53 11.31
N PHE B 63 -17.53 -3.72 12.07
CA PHE B 63 -17.42 -4.17 13.45
C PHE B 63 -16.70 -5.51 13.52
N THR B 64 -15.50 -5.52 14.10
CA THR B 64 -14.71 -6.73 14.25
C THR B 64 -14.10 -6.78 15.64
N ALA B 65 -13.84 -7.98 16.12
CA ALA B 65 -13.13 -8.21 17.38
C ALA B 65 -11.90 -9.05 17.08
N VAL B 66 -10.73 -8.49 17.35
CA VAL B 66 -9.47 -9.16 17.02
C VAL B 66 -9.23 -10.34 17.94
N GLY B 67 -9.46 -10.14 19.25
CA GLY B 67 -9.09 -11.13 20.24
C GLY B 67 -9.74 -12.49 20.12
N LYS B 68 -8.95 -13.55 20.28
CA LYS B 68 -9.44 -14.92 20.30
C LYS B 68 -8.68 -15.71 21.34
N GLU B 69 -9.35 -16.72 21.90
CA GLU B 69 -8.78 -17.56 22.93
C GLU B 69 -8.81 -19.02 22.49
N PHE B 70 -7.73 -19.73 22.79
CA PHE B 70 -7.54 -21.11 22.37
C PHE B 70 -7.01 -21.91 23.54
N ASN B 71 -7.23 -23.22 23.50
CA ASN B 71 -6.74 -24.10 24.55
C ASN B 71 -5.32 -24.55 24.23
N LYS B 72 -4.81 -25.49 25.02
CA LYS B 72 -3.42 -25.91 24.87
C LYS B 72 -3.22 -26.82 23.66
N LEU B 73 -4.23 -27.62 23.32
CA LEU B 73 -4.15 -28.56 22.21
C LEU B 73 -4.38 -27.88 20.86
N GLU B 74 -4.65 -26.58 20.85
CA GLU B 74 -4.80 -25.81 19.61
C GLU B 74 -3.73 -24.72 19.61
N ARG B 75 -2.54 -25.06 19.14
CA ARG B 75 -1.47 -24.09 19.00
C ARG B 75 -1.26 -23.65 17.56
N ARG B 76 -1.60 -24.49 16.59
CA ARG B 76 -1.60 -24.06 15.20
C ARG B 76 -2.63 -22.97 14.97
N MET B 77 -3.79 -23.08 15.63
CA MET B 77 -4.74 -21.97 15.71
C MET B 77 -4.15 -20.68 16.24
N GLU B 78 -3.53 -20.75 17.42
CA GLU B 78 -3.03 -19.54 18.03
C GLU B 78 -1.96 -18.91 17.17
N ASN B 79 -1.09 -19.73 16.58
CA ASN B 79 -0.05 -19.25 15.70
C ASN B 79 -0.60 -18.64 14.41
N LEU B 80 -1.64 -19.24 13.82
CA LEU B 80 -2.24 -18.66 12.62
C LEU B 80 -2.91 -17.33 12.92
N ASN B 81 -3.61 -17.24 14.04
CA ASN B 81 -4.23 -15.99 14.45
C ASN B 81 -3.17 -14.91 14.68
N LYS B 82 -2.08 -15.29 15.33
CA LYS B 82 -0.95 -14.38 15.53
C LYS B 82 -0.38 -13.92 14.19
N LYS B 83 -0.27 -14.85 13.24
CA LYS B 83 0.28 -14.49 11.93
C LYS B 83 -0.60 -13.49 11.21
N VAL B 84 -1.92 -13.70 11.21
CA VAL B 84 -2.80 -12.76 10.51
C VAL B 84 -2.76 -11.40 11.18
N ASP B 85 -2.73 -11.38 12.52
CA ASP B 85 -2.70 -10.11 13.24
C ASP B 85 -1.40 -9.35 12.96
N ASP B 86 -0.26 -10.03 13.07
CA ASP B 86 1.03 -9.38 12.83
C ASP B 86 1.16 -8.93 11.38
N GLY B 87 0.66 -9.73 10.44
CA GLY B 87 0.72 -9.32 9.05
C GLY B 87 -0.09 -8.08 8.77
N PHE B 88 -1.32 -8.02 9.30
CA PHE B 88 -2.12 -6.81 9.09
C PHE B 88 -1.46 -5.60 9.74
N ILE B 89 -0.92 -5.77 10.95
CA ILE B 89 -0.26 -4.65 11.62
C ILE B 89 0.94 -4.17 10.83
N ASP B 90 1.75 -5.10 10.31
CA ASP B 90 2.93 -4.71 9.54
C ASP B 90 2.55 -3.99 8.26
N ILE B 91 1.57 -4.51 7.53
CA ILE B 91 1.14 -3.88 6.29
C ILE B 91 0.64 -2.47 6.57
N TRP B 92 -0.21 -2.31 7.57
CA TRP B 92 -0.75 -1.00 7.87
C TRP B 92 0.31 -0.02 8.37
N THR B 93 1.27 -0.49 9.17
CA THR B 93 2.34 0.38 9.64
C THR B 93 3.17 0.88 8.47
N TYR B 94 3.59 -0.03 7.59
CA TYR B 94 4.39 0.36 6.44
C TYR B 94 3.63 1.34 5.56
N ASN B 95 2.35 1.05 5.29
CA ASN B 95 1.56 1.91 4.42
C ASN B 95 1.38 3.29 5.03
N ALA B 96 1.07 3.36 6.32
CA ALA B 96 0.85 4.66 6.96
C ALA B 96 2.13 5.49 6.95
N GLU B 97 3.25 4.87 7.32
CA GLU B 97 4.51 5.60 7.37
C GLU B 97 4.89 6.14 6.00
N LEU B 98 4.84 5.27 4.98
CA LEU B 98 5.21 5.71 3.65
C LEU B 98 4.25 6.74 3.09
N LEU B 99 2.95 6.60 3.37
CA LEU B 99 1.97 7.56 2.89
C LEU B 99 2.23 8.95 3.47
N VAL B 100 2.48 9.02 4.78
CA VAL B 100 2.79 10.32 5.38
C VAL B 100 4.09 10.88 4.83
N LEU B 101 5.11 10.03 4.68
CA LEU B 101 6.41 10.48 4.19
C LEU B 101 6.29 11.08 2.80
N LEU B 102 5.53 10.43 1.91
CA LEU B 102 5.41 10.93 0.54
C LEU B 102 4.47 12.13 0.45
N GLU B 103 3.40 12.14 1.25
CA GLU B 103 2.47 13.26 1.19
C GLU B 103 3.08 14.53 1.75
N ASN B 104 4.05 14.41 2.65
CA ASN B 104 4.75 15.61 3.12
C ASN B 104 5.53 16.27 1.99
N GLU B 105 6.19 15.45 1.22
CA GLU B 105 6.87 16.03 0.05
C GLU B 105 5.83 16.58 -0.95
N ARG B 106 4.68 15.94 -1.16
CA ARG B 106 3.70 16.51 -2.06
C ARG B 106 3.19 17.87 -1.59
N THR B 107 2.90 18.01 -0.29
CA THR B 107 2.43 19.26 0.26
C THR B 107 3.47 20.37 0.19
N LEU B 108 4.73 20.09 0.55
CA LEU B 108 5.76 21.11 0.47
C LEU B 108 6.03 21.55 -0.96
N ASP B 109 6.03 20.60 -1.90
CA ASP B 109 6.18 20.96 -3.31
C ASP B 109 5.00 21.78 -3.80
N PHE B 110 3.80 21.48 -3.31
CA PHE B 110 2.62 22.27 -3.65
C PHE B 110 2.77 23.71 -3.19
N HIS B 111 3.24 23.92 -1.96
CA HIS B 111 3.46 25.27 -1.47
C HIS B 111 4.52 26.01 -2.28
N ASP B 112 5.62 25.33 -2.59
CA ASP B 112 6.67 25.94 -3.39
C ASP B 112 6.16 26.35 -4.76
N SER B 113 5.37 25.48 -5.40
CA SER B 113 4.79 25.78 -6.71
C SER B 113 3.84 26.97 -6.62
N ASN B 114 3.04 27.05 -5.56
CA ASN B 114 2.13 28.18 -5.41
C ASN B 114 2.90 29.50 -5.29
N VAL B 115 3.98 29.51 -4.50
CA VAL B 115 4.76 30.74 -4.38
C VAL B 115 5.39 31.13 -5.70
N LYS B 116 5.96 30.16 -6.42
CA LYS B 116 6.57 30.47 -7.72
C LYS B 116 5.54 30.98 -8.71
N ASN B 117 4.34 30.39 -8.72
CA ASN B 117 3.29 30.82 -9.63
C ASN B 117 2.85 32.24 -9.33
N LEU B 118 2.76 32.59 -8.04
CA LEU B 118 2.44 33.96 -7.66
C LEU B 118 3.49 34.94 -8.17
N TYR B 119 4.76 34.57 -7.98
CA TYR B 119 5.85 35.41 -8.47
C TYR B 119 5.77 35.62 -9.97
N GLU B 120 5.52 34.54 -10.71
CA GLU B 120 5.46 34.63 -12.17
C GLU B 120 4.26 35.47 -12.62
N LYS B 121 3.13 35.33 -11.93
CA LYS B 121 1.96 36.14 -12.26
C LYS B 121 2.26 37.63 -12.09
N VAL B 122 2.87 38.00 -10.96
CA VAL B 122 3.19 39.40 -10.73
C VAL B 122 4.19 39.90 -11.77
N LYS B 123 5.18 39.07 -12.09
CA LYS B 123 6.18 39.44 -13.09
C LYS B 123 5.55 39.70 -14.45
N SER B 124 4.66 38.81 -14.88
CA SER B 124 4.01 38.98 -16.18
C SER B 124 3.09 40.18 -16.19
N GLN B 125 2.47 40.49 -15.05
CA GLN B 125 1.66 41.70 -14.97
C GLN B 125 2.52 42.95 -15.13
N LEU B 126 3.62 43.03 -14.39
CA LEU B 126 4.42 44.25 -14.39
C LEU B 126 5.24 44.44 -15.65
N LYS B 127 5.69 43.35 -16.30
CA LYS B 127 6.52 43.45 -17.49
C LYS B 127 7.75 44.31 -17.24
N ASN B 128 8.06 45.22 -18.17
CA ASN B 128 9.23 46.06 -18.05
C ASN B 128 8.98 47.35 -17.29
N ASN B 129 7.80 47.52 -16.70
CA ASN B 129 7.54 48.66 -15.84
C ASN B 129 8.26 48.56 -14.51
N ALA B 130 8.74 47.37 -14.14
CA ALA B 130 9.47 47.16 -12.90
C ALA B 130 10.67 46.29 -13.17
N LYS B 131 11.65 46.45 -12.17
CA LYS B 131 12.92 45.71 -12.26
C LYS B 131 12.98 44.64 -11.19
N GLU B 132 13.56 43.45 -11.57
CA GLU B 132 13.73 42.40 -10.57
C GLU B 132 15.06 42.60 -9.85
N ILE B 133 15.00 42.69 -8.53
CA ILE B 133 16.19 42.91 -7.72
C ILE B 133 16.46 41.72 -6.79
N GLY B 134 16.01 40.53 -7.17
CA GLY B 134 16.26 39.34 -6.37
C GLY B 134 15.35 39.24 -5.16
N ASN B 135 15.42 38.11 -4.47
CA ASN B 135 14.64 37.82 -3.27
C ASN B 135 13.14 37.90 -3.49
N GLY B 136 12.68 37.71 -4.73
CA GLY B 136 11.27 37.84 -5.02
C GLY B 136 10.72 39.23 -4.89
N CYS B 137 11.49 40.24 -5.25
CA CYS B 137 11.20 41.62 -4.91
C CYS B 137 11.33 42.47 -6.17
N PHE B 138 10.35 43.34 -6.41
CA PHE B 138 10.27 44.16 -7.61
C PHE B 138 10.44 45.63 -7.25
N GLU B 139 11.15 46.38 -8.08
CA GLU B 139 11.29 47.82 -7.92
C GLU B 139 10.65 48.54 -9.09
N PHE B 140 9.70 49.42 -8.80
CA PHE B 140 8.93 50.08 -9.85
C PHE B 140 9.73 51.21 -10.46
N TYR B 141 9.65 51.35 -11.79
CA TYR B 141 10.22 52.49 -12.48
C TYR B 141 9.33 53.71 -12.42
N HIS B 142 8.11 53.59 -11.90
CA HIS B 142 7.17 54.69 -11.80
C HIS B 142 6.74 54.87 -10.35
N LYS B 143 5.78 55.76 -10.16
CA LYS B 143 5.32 56.15 -8.84
C LYS B 143 3.97 55.50 -8.57
N CYS B 144 3.90 54.68 -7.53
CA CYS B 144 2.67 53.96 -7.22
C CYS B 144 2.12 54.37 -5.86
N ASN B 145 0.81 54.53 -5.80
CA ASN B 145 0.08 54.77 -4.57
C ASN B 145 -0.62 53.48 -4.15
N ASP B 146 -1.48 53.59 -3.14
CA ASP B 146 -2.22 52.42 -2.67
C ASP B 146 -3.11 51.83 -3.76
N GLU B 147 -3.66 52.66 -4.65
CA GLU B 147 -4.44 52.13 -5.75
C GLU B 147 -3.58 51.26 -6.68
N CYS B 148 -2.37 51.70 -7.00
CA CYS B 148 -1.48 50.89 -7.84
C CYS B 148 -1.10 49.57 -7.15
N MET B 149 -0.78 49.64 -5.86
CA MET B 149 -0.43 48.41 -5.14
C MET B 149 -1.59 47.44 -5.10
N GLU B 150 -2.79 47.95 -4.79
CA GLU B 150 -3.96 47.07 -4.79
C GLU B 150 -4.23 46.52 -6.17
N SER B 151 -3.99 47.32 -7.21
CA SER B 151 -4.19 46.88 -8.59
C SER B 151 -3.24 45.73 -8.94
N VAL B 152 -1.99 45.84 -8.52
CA VAL B 152 -1.05 44.74 -8.70
C VAL B 152 -1.52 43.52 -7.93
N LYS B 153 -2.07 43.73 -6.74
CA LYS B 153 -2.44 42.62 -5.88
C LYS B 153 -3.67 41.85 -6.38
N ASN B 154 -4.71 42.52 -6.88
CA ASN B 154 -5.89 41.76 -7.29
C ASN B 154 -5.78 41.24 -8.71
N GLY B 155 -4.83 41.73 -9.49
CA GLY B 155 -4.61 41.28 -10.84
C GLY B 155 -5.08 42.19 -11.95
N THR B 156 -5.25 43.49 -11.69
CA THR B 156 -5.67 44.47 -12.70
C THR B 156 -4.69 45.64 -12.64
N TYR B 157 -3.56 45.51 -13.33
CA TYR B 157 -2.45 46.44 -13.15
C TYR B 157 -2.48 47.65 -14.09
N ASP B 158 -2.96 47.50 -15.32
CA ASP B 158 -3.01 48.58 -16.30
C ASP B 158 -1.61 49.11 -16.62
N TYR B 159 -0.81 48.25 -17.24
CA TYR B 159 0.53 48.54 -17.73
C TYR B 159 0.59 49.76 -18.66
N PRO B 160 -0.34 49.91 -19.62
CA PRO B 160 -0.29 51.09 -20.49
C PRO B 160 -0.39 52.42 -19.75
N LYS B 161 -1.03 52.45 -18.57
CA LYS B 161 -1.18 53.70 -17.86
C LYS B 161 0.17 54.28 -17.45
N TYR B 162 1.10 53.43 -17.04
CA TYR B 162 2.41 53.87 -16.57
C TYR B 162 3.54 53.51 -17.53
N SER B 163 3.22 52.99 -18.72
CA SER B 163 4.27 52.58 -19.65
C SER B 163 5.18 53.73 -20.04
N GLU B 164 4.61 54.90 -20.35
CA GLU B 164 5.42 56.01 -20.83
C GLU B 164 6.36 56.54 -19.74
N GLU B 165 5.83 56.73 -18.53
CA GLU B 165 6.66 57.21 -17.43
C GLU B 165 7.74 56.19 -17.08
N SER B 166 7.39 54.90 -17.11
CA SER B 166 8.40 53.88 -16.84
C SER B 166 9.47 53.86 -17.91
N LYS B 167 9.10 54.10 -19.17
CA LYS B 167 10.10 54.18 -20.23
C LYS B 167 11.03 55.36 -20.01
N LEU B 168 10.46 56.51 -19.62
CA LEU B 168 11.30 57.68 -19.36
C LEU B 168 12.26 57.44 -18.20
N ASN B 169 11.80 56.79 -17.13
CA ASN B 169 12.66 56.57 -15.99
C ASN B 169 13.67 55.45 -16.23
N ARG B 170 13.31 54.46 -17.04
CA ARG B 170 14.18 53.31 -17.27
C ARG B 170 15.38 53.70 -18.12
N GLU B 171 15.08 54.29 -19.27
CA GLU B 171 16.14 54.74 -20.21
C GLU B 171 16.71 56.04 -19.66
N LYS B 172 17.29 55.98 -18.46
CA LYS B 172 17.94 57.15 -17.83
C LYS B 172 18.76 56.61 -16.66
N ALA C 1 34.30 33.82 -27.10
CA ALA C 1 34.65 34.46 -25.83
C ALA C 1 34.76 33.42 -24.72
N ASP C 2 34.59 33.86 -23.49
CA ASP C 2 34.66 33.00 -22.31
C ASP C 2 33.26 32.52 -21.96
N THR C 3 33.12 31.20 -21.84
CA THR C 3 31.81 30.59 -21.63
C THR C 3 31.85 29.70 -20.39
N ILE C 4 30.69 29.57 -19.75
CA ILE C 4 30.47 28.57 -18.72
C ILE C 4 29.18 27.83 -19.04
N CYS C 5 29.24 26.51 -19.05
CA CYS C 5 28.11 25.66 -19.34
C CYS C 5 27.66 24.95 -18.07
N ILE C 6 26.37 24.66 -17.98
CA ILE C 6 25.80 23.87 -16.89
C ILE C 6 25.34 22.55 -17.46
N GLY C 7 25.72 21.46 -16.81
CA GLY C 7 25.34 20.14 -17.28
C GLY C 7 25.24 19.11 -16.17
N TYR C 8 25.16 17.83 -16.52
CA TYR C 8 25.02 16.77 -15.53
C TYR C 8 25.95 15.62 -15.87
N HIS C 9 25.89 14.59 -15.03
CA HIS C 9 26.82 13.48 -15.03
C HIS C 9 26.39 12.40 -16.02
N ALA C 10 27.37 11.65 -16.51
CA ALA C 10 27.12 10.48 -17.35
C ALA C 10 28.32 9.55 -17.23
N ASN C 11 28.06 8.25 -17.32
CA ASN C 11 29.12 7.27 -17.17
C ASN C 11 28.78 6.04 -18.00
N ASN C 12 29.59 5.00 -17.84
CA ASN C 12 29.47 3.78 -18.64
C ASN C 12 28.58 2.73 -17.99
N SER C 13 27.71 3.13 -17.06
CA SER C 13 26.84 2.18 -16.39
C SER C 13 25.80 1.63 -17.35
N THR C 14 25.51 0.34 -17.21
CA THR C 14 24.48 -0.33 -17.99
C THR C 14 23.27 -0.71 -17.14
N ASP C 15 23.22 -0.22 -15.90
CA ASP C 15 22.09 -0.54 -15.03
C ASP C 15 20.80 0.05 -15.58
N THR C 16 19.74 -0.75 -15.55
CA THR C 16 18.44 -0.35 -16.05
C THR C 16 17.42 -0.44 -14.92
N VAL C 17 16.46 0.49 -14.92
CA VAL C 17 15.38 0.50 -13.95
C VAL C 17 14.07 0.70 -14.68
N ASP C 18 12.98 0.37 -14.00
CA ASP C 18 11.63 0.50 -14.55
C ASP C 18 10.91 1.60 -13.82
N THR C 19 10.30 2.51 -14.58
CA THR C 19 9.56 3.64 -14.03
C THR C 19 8.11 3.55 -14.46
N VAL C 20 7.26 4.36 -13.84
CA VAL C 20 5.83 4.31 -14.13
C VAL C 20 5.53 4.87 -15.51
N LEU C 21 6.45 5.65 -16.07
CA LEU C 21 6.25 6.23 -17.39
C LEU C 21 7.08 5.58 -18.48
N GLU C 22 8.12 4.84 -18.13
CA GLU C 22 8.98 4.23 -19.14
C GLU C 22 9.66 3.00 -18.54
N LYS C 23 9.89 2.00 -19.39
CA LYS C 23 10.56 0.78 -18.99
C LYS C 23 11.96 0.75 -19.59
N ASN C 24 12.88 0.08 -18.87
CA ASN C 24 14.26 -0.10 -19.31
C ASN C 24 14.97 1.24 -19.49
N VAL C 25 15.06 1.98 -18.38
CA VAL C 25 15.74 3.27 -18.36
C VAL C 25 17.15 3.05 -17.83
N THR C 26 18.14 3.41 -18.64
CA THR C 26 19.53 3.31 -18.21
C THR C 26 19.88 4.46 -17.28
N VAL C 27 20.44 4.13 -16.12
CA VAL C 27 20.72 5.12 -15.09
C VAL C 27 22.17 4.99 -14.65
N THR C 28 22.69 6.09 -14.08
CA THR C 28 24.08 6.13 -13.64
C THR C 28 24.32 5.23 -12.45
N HIS C 29 23.41 5.22 -11.48
CA HIS C 29 23.58 4.41 -10.29
C HIS C 29 22.22 3.95 -9.79
N SER C 30 22.21 2.78 -9.15
CA SER C 30 20.99 2.20 -8.61
C SER C 30 21.36 1.30 -7.44
N VAL C 31 20.36 1.01 -6.60
CA VAL C 31 20.53 0.14 -5.45
C VAL C 31 19.50 -0.98 -5.54
N ASN C 32 19.82 -2.11 -4.92
CA ASN C 32 18.97 -3.29 -4.93
C ASN C 32 18.16 -3.37 -3.64
N LEU C 33 16.85 -3.61 -3.79
CA LEU C 33 15.97 -3.80 -2.65
C LEU C 33 15.51 -5.24 -2.52
N LEU C 34 16.11 -6.15 -3.28
CA LEU C 34 15.67 -7.54 -3.36
C LEU C 34 16.86 -8.45 -3.13
N GLU C 35 16.72 -9.39 -2.21
CA GLU C 35 17.74 -10.39 -1.93
C GLU C 35 17.41 -11.67 -2.69
N ASP C 36 18.37 -12.16 -3.48
CA ASP C 36 18.15 -13.31 -4.34
C ASP C 36 19.09 -14.48 -4.01
N SER C 37 19.96 -14.33 -3.02
CA SER C 37 20.99 -15.31 -2.75
C SER C 37 20.95 -15.75 -1.29
N HIS C 38 21.42 -16.97 -1.05
CA HIS C 38 21.43 -17.56 0.27
C HIS C 38 22.79 -18.17 0.54
N ASN C 39 23.03 -18.55 1.79
CA ASN C 39 24.30 -19.12 2.19
C ASN C 39 24.48 -20.56 1.69
N GLY C 40 23.39 -21.32 1.64
CA GLY C 40 23.46 -22.74 1.37
C GLY C 40 23.73 -23.59 2.60
N LYS C 41 23.80 -22.99 3.78
CA LYS C 41 24.09 -23.72 5.01
C LYS C 41 23.13 -23.27 6.09
N LEU C 42 22.87 -24.14 7.05
CA LEU C 42 22.04 -23.83 8.20
C LEU C 42 22.84 -23.05 9.23
N CYS C 43 22.25 -21.96 9.71
CA CYS C 43 22.90 -21.07 10.66
C CYS C 43 22.11 -21.06 11.97
N LEU C 44 22.69 -20.45 13.00
CA LEU C 44 21.99 -20.29 14.26
C LEU C 44 20.90 -19.23 14.13
N LEU C 45 20.01 -19.21 15.11
CA LEU C 45 18.88 -18.28 15.10
C LEU C 45 18.69 -17.75 16.51
N LYS C 46 18.73 -16.42 16.65
CA LYS C 46 18.65 -15.76 17.96
C LYS C 46 19.75 -16.25 18.89
N GLY C 47 20.89 -16.61 18.31
CA GLY C 47 22.01 -17.11 19.07
C GLY C 47 21.85 -18.51 19.61
N ILE C 48 20.73 -19.18 19.32
CA ILE C 48 20.46 -20.52 19.82
C ILE C 48 20.49 -21.48 18.64
N ALA C 49 21.29 -22.52 18.75
CA ALA C 49 21.49 -23.45 17.65
C ALA C 49 20.23 -24.25 17.38
N PRO C 50 20.06 -24.74 16.14
CA PRO C 50 18.93 -25.62 15.83
C PRO C 50 19.13 -27.01 16.40
N LEU C 51 18.08 -27.82 16.27
CA LEU C 51 18.11 -29.23 16.63
C LEU C 51 18.09 -30.04 15.35
N GLN C 52 19.14 -30.83 15.11
CA GLN C 52 19.23 -31.64 13.91
C GLN C 52 18.85 -33.07 14.24
N LEU C 53 17.87 -33.61 13.49
CA LEU C 53 17.33 -34.92 13.80
C LEU C 53 18.06 -36.04 13.07
N GLY C 54 18.87 -35.72 12.07
CA GLY C 54 19.52 -36.77 11.30
C GLY C 54 18.49 -37.56 10.52
N ASN C 55 18.66 -38.88 10.50
CA ASN C 55 17.71 -39.76 9.84
C ASN C 55 16.44 -39.99 10.63
N CYS C 56 16.43 -39.64 11.92
CA CYS C 56 15.25 -39.79 12.75
C CYS C 56 14.19 -38.76 12.38
N SER C 57 12.94 -39.09 12.66
CA SER C 57 11.85 -38.15 12.58
C SER C 57 11.51 -37.65 13.98
N VAL C 58 10.57 -36.69 14.06
CA VAL C 58 10.19 -36.14 15.36
C VAL C 58 9.58 -37.22 16.23
N ALA C 59 8.71 -38.05 15.66
CA ALA C 59 8.12 -39.16 16.40
C ALA C 59 9.19 -40.13 16.88
N GLY C 60 10.11 -40.48 15.98
CA GLY C 60 11.18 -41.40 16.37
C GLY C 60 12.09 -40.83 17.44
N TRP C 61 12.44 -39.56 17.30
CA TRP C 61 13.30 -38.93 18.30
C TRP C 61 12.63 -38.83 19.66
N ILE C 62 11.34 -38.45 19.67
CA ILE C 62 10.66 -38.25 20.95
C ILE C 62 10.21 -39.55 21.59
N LEU C 63 10.02 -40.62 20.82
CA LEU C 63 9.71 -41.92 21.38
C LEU C 63 10.96 -42.68 21.82
N GLY C 64 12.14 -42.23 21.42
CA GLY C 64 13.36 -42.90 21.77
C GLY C 64 13.64 -44.11 20.89
N ASN C 65 13.75 -43.88 19.59
CA ASN C 65 14.01 -44.97 18.66
C ASN C 65 15.37 -45.60 18.97
N PRO C 66 15.48 -46.93 18.86
CA PRO C 66 16.76 -47.58 19.11
C PRO C 66 17.88 -47.10 18.19
N GLU C 67 17.56 -46.66 16.98
CA GLU C 67 18.54 -46.21 16.00
C GLU C 67 18.69 -44.70 16.00
N CYS C 68 18.62 -44.08 17.18
CA CYS C 68 18.57 -42.64 17.34
C CYS C 68 19.49 -42.16 18.47
N GLU C 69 20.60 -42.88 18.68
CA GLU C 69 21.41 -42.67 19.89
C GLU C 69 22.17 -41.35 19.84
N LEU C 70 22.75 -41.01 18.69
CA LEU C 70 23.63 -39.85 18.61
C LEU C 70 22.94 -38.58 19.07
N LEU C 71 21.69 -38.40 18.68
CA LEU C 71 20.88 -37.26 19.13
C LEU C 71 20.18 -37.60 20.43
N ILE C 72 20.89 -37.33 21.52
CA ILE C 72 20.38 -37.57 22.86
C ILE C 72 20.55 -36.37 23.79
N SER C 73 21.40 -35.40 23.47
CA SER C 73 21.70 -34.28 24.34
C SER C 73 21.23 -32.99 23.70
N ARG C 74 20.44 -32.21 24.43
CA ARG C 74 19.99 -30.89 24.01
C ARG C 74 19.28 -30.23 25.18
N GLU C 75 19.39 -28.91 25.27
CA GLU C 75 18.79 -28.14 26.35
C GLU C 75 17.78 -27.13 25.84
N SER C 76 18.13 -26.37 24.81
CA SER C 76 17.21 -25.39 24.22
C SER C 76 17.61 -25.18 22.77
N TRP C 77 16.64 -25.31 21.87
CA TRP C 77 16.87 -25.14 20.44
C TRP C 77 15.87 -24.14 19.87
N SER C 78 16.27 -23.52 18.76
CA SER C 78 15.45 -22.49 18.14
C SER C 78 14.56 -23.04 17.03
N TYR C 79 14.96 -24.12 16.38
CA TYR C 79 14.11 -24.82 15.42
C TYR C 79 14.68 -26.21 15.19
N ILE C 80 13.91 -27.04 14.50
CA ILE C 80 14.26 -28.42 14.22
C ILE C 80 14.54 -28.56 12.73
N VAL C 81 15.54 -29.36 12.39
CA VAL C 81 15.87 -29.66 11.01
C VAL C 81 15.61 -31.15 10.80
N GLU C 82 14.78 -31.48 9.82
CA GLU C 82 14.39 -32.85 9.55
C GLU C 82 14.55 -33.16 8.07
N LYS C 83 14.87 -34.41 7.78
CA LYS C 83 14.98 -34.83 6.39
C LYS C 83 13.61 -34.86 5.74
N PRO C 84 13.54 -34.63 4.43
CA PRO C 84 12.24 -34.65 3.74
C PRO C 84 11.48 -35.96 3.93
N ASN C 85 12.16 -37.09 3.92
CA ASN C 85 11.50 -38.40 4.13
C ASN C 85 12.36 -39.23 5.08
N PRO C 86 12.21 -39.01 6.38
CA PRO C 86 13.00 -39.77 7.35
C PRO C 86 12.70 -41.26 7.27
N GLU C 87 13.73 -42.06 7.51
CA GLU C 87 13.61 -43.51 7.42
C GLU C 87 13.65 -44.22 8.76
N ASN C 88 13.73 -43.51 9.88
CA ASN C 88 13.68 -44.12 11.21
C ASN C 88 12.73 -43.27 12.06
N GLY C 89 11.46 -43.63 12.04
CA GLY C 89 10.46 -42.96 12.84
C GLY C 89 9.85 -43.87 13.89
N THR C 90 8.60 -44.27 13.68
CA THR C 90 7.95 -45.25 14.55
C THR C 90 8.31 -46.64 14.04
N CYS C 91 9.27 -47.28 14.71
CA CYS C 91 9.73 -48.59 14.26
C CYS C 91 8.60 -49.61 14.34
N TYR C 92 7.85 -49.59 15.43
CA TYR C 92 6.64 -50.40 15.51
C TYR C 92 5.52 -49.67 14.79
N PRO C 93 4.87 -50.30 13.82
CA PRO C 93 3.80 -49.61 13.09
C PRO C 93 2.66 -49.20 14.01
N GLY C 94 2.09 -48.03 13.73
CA GLY C 94 0.99 -47.55 14.52
C GLY C 94 0.64 -46.12 14.15
N HIS C 95 -0.32 -45.57 14.87
CA HIS C 95 -0.82 -44.23 14.64
C HIS C 95 -0.36 -43.32 15.76
N PHE C 96 0.19 -42.17 15.40
CA PHE C 96 0.60 -41.16 16.36
C PHE C 96 -0.51 -40.13 16.48
N ALA C 97 -1.04 -39.97 17.69
CA ALA C 97 -2.16 -39.07 17.91
C ALA C 97 -1.69 -37.63 18.02
N ASP C 98 -2.33 -36.76 17.25
CA ASP C 98 -2.03 -35.33 17.25
C ASP C 98 -0.55 -35.07 16.98
N TYR C 99 -0.05 -35.75 15.94
CA TYR C 99 1.36 -35.64 15.59
C TYR C 99 1.72 -34.23 15.18
N GLU C 100 0.87 -33.59 14.37
CA GLU C 100 1.16 -32.25 13.90
C GLU C 100 1.16 -31.25 15.05
N GLU C 101 0.24 -31.40 16.00
CA GLU C 101 0.23 -30.52 17.17
C GLU C 101 1.49 -30.69 18.00
N LEU C 102 1.94 -31.94 18.19
CA LEU C 102 3.18 -32.19 18.92
C LEU C 102 4.37 -31.56 18.20
N ARG C 103 4.40 -31.66 16.87
CA ARG C 103 5.45 -31.03 16.10
C ARG C 103 5.43 -29.52 16.30
N GLU C 104 4.24 -28.93 16.31
CA GLU C 104 4.14 -27.50 16.54
C GLU C 104 4.63 -27.09 17.92
N GLN C 105 4.29 -27.86 18.96
CA GLN C 105 4.68 -27.50 20.31
C GLN C 105 6.14 -27.81 20.63
N LEU C 106 6.79 -28.69 19.87
CA LEU C 106 8.20 -28.97 20.05
C LEU C 106 9.08 -28.17 19.10
N SER C 107 8.51 -27.20 18.39
CA SER C 107 9.27 -26.43 17.41
C SER C 107 10.42 -25.66 18.06
N SER C 108 10.15 -24.98 19.16
CA SER C 108 11.17 -24.26 19.90
C SER C 108 10.90 -24.39 21.39
N VAL C 109 11.98 -24.60 22.15
CA VAL C 109 11.86 -24.80 23.59
C VAL C 109 12.99 -24.05 24.28
N SER C 110 12.76 -23.69 25.54
CA SER C 110 13.75 -23.06 26.40
C SER C 110 14.40 -24.04 27.35
N SER C 111 13.70 -25.10 27.73
CA SER C 111 14.25 -26.16 28.56
C SER C 111 13.76 -27.50 28.06
N PHE C 112 14.64 -28.49 28.07
CA PHE C 112 14.33 -29.86 27.66
C PHE C 112 15.03 -30.80 28.63
N GLU C 113 14.29 -31.32 29.60
CA GLU C 113 14.84 -32.18 30.63
C GLU C 113 14.19 -33.56 30.50
N ARG C 114 14.94 -34.52 29.98
CA ARG C 114 14.49 -35.90 29.98
C ARG C 114 14.73 -36.52 31.36
N PHE C 115 13.65 -36.93 32.01
CA PHE C 115 13.75 -37.50 33.35
C PHE C 115 12.92 -38.78 33.44
N GLU C 116 13.41 -39.71 34.25
CA GLU C 116 12.73 -40.98 34.46
C GLU C 116 11.42 -40.76 35.20
N ILE C 117 10.31 -40.94 34.49
CA ILE C 117 9.01 -40.82 35.14
C ILE C 117 8.66 -42.08 35.91
N PHE C 118 9.05 -43.25 35.37
CA PHE C 118 8.77 -44.54 35.99
C PHE C 118 10.01 -45.40 35.80
N PRO C 119 10.76 -45.67 36.86
CA PRO C 119 11.96 -46.50 36.72
C PRO C 119 11.61 -47.89 36.23
N LYS C 120 12.53 -48.47 35.43
CA LYS C 120 12.28 -49.77 34.85
C LYS C 120 12.47 -50.88 35.88
N GLU C 121 13.55 -50.83 36.65
CA GLU C 121 13.83 -51.89 37.62
C GLU C 121 12.84 -51.85 38.77
N SER C 122 12.43 -50.66 39.19
CA SER C 122 11.34 -50.49 40.13
C SER C 122 10.04 -50.26 39.35
N SER C 123 9.00 -49.83 40.06
CA SER C 123 7.77 -49.28 39.49
C SER C 123 6.93 -50.31 38.74
N TRP C 124 7.41 -51.52 38.53
CA TRP C 124 6.64 -52.57 37.86
C TRP C 124 7.03 -53.91 38.45
N PRO C 125 6.62 -54.19 39.69
CA PRO C 125 7.05 -55.41 40.37
C PRO C 125 6.24 -56.66 40.04
N ASN C 126 5.13 -56.53 39.32
CA ASN C 126 4.30 -57.68 38.99
C ASN C 126 4.17 -57.90 37.49
N HIS C 127 5.01 -57.24 36.68
CA HIS C 127 4.98 -57.38 35.23
C HIS C 127 6.39 -57.54 34.70
N THR C 128 6.39 -58.22 33.47
CA THR C 128 7.64 -58.39 32.73
C THR C 128 7.85 -57.13 31.95
N THR C 129 9.09 -56.52 32.12
CA THR C 129 9.32 -55.29 31.37
C THR C 129 10.37 -55.48 30.29
N THR C 130 10.55 -56.71 29.80
CA THR C 130 11.61 -57.04 28.86
C THR C 130 11.06 -57.32 27.47
N GLY C 131 10.06 -56.56 27.05
CA GLY C 131 9.50 -56.74 25.72
C GLY C 131 10.29 -56.03 24.65
N VAL C 132 10.76 -56.77 23.65
CA VAL C 132 11.47 -56.21 22.52
C VAL C 132 10.85 -56.78 21.25
N SER C 133 11.02 -56.06 20.15
CA SER C 133 10.45 -56.44 18.87
C SER C 133 11.52 -56.41 17.79
N ALA C 134 11.42 -57.34 16.84
CA ALA C 134 12.34 -57.37 15.71
C ALA C 134 12.13 -56.20 14.77
N SER C 135 10.95 -55.58 14.79
CA SER C 135 10.71 -54.38 14.01
C SER C 135 11.51 -53.19 14.51
N CYS C 136 11.98 -53.23 15.75
CA CYS C 136 12.79 -52.17 16.35
C CYS C 136 14.18 -52.69 16.66
N SER C 137 14.76 -53.43 15.71
CA SER C 137 16.05 -54.06 15.94
C SER C 137 17.18 -53.04 15.94
N HIS C 138 18.02 -53.11 16.96
CA HIS C 138 19.21 -52.27 17.08
C HIS C 138 20.44 -53.16 17.00
N ASN C 139 21.36 -52.81 16.10
CA ASN C 139 22.59 -53.54 15.82
C ASN C 139 22.36 -55.05 15.85
N GLY C 140 21.44 -55.48 14.98
CA GLY C 140 21.15 -56.89 14.85
C GLY C 140 20.13 -57.41 15.84
N GLU C 141 20.40 -57.22 17.13
CA GLU C 141 19.50 -57.70 18.17
C GLU C 141 18.22 -56.87 18.22
N SER C 142 17.15 -57.50 18.70
CA SER C 142 15.87 -56.81 18.83
C SER C 142 15.89 -55.90 20.05
N SER C 143 15.24 -54.76 19.94
CA SER C 143 15.17 -53.78 21.01
C SER C 143 13.81 -53.11 21.00
N PHE C 144 13.68 -52.04 21.78
CA PHE C 144 12.43 -51.30 21.89
C PHE C 144 12.76 -49.84 22.13
N TYR C 145 11.72 -49.02 22.20
CA TYR C 145 11.89 -47.59 22.40
C TYR C 145 12.58 -47.30 23.72
N LYS C 146 13.42 -46.26 23.73
CA LYS C 146 14.13 -45.88 24.95
C LYS C 146 13.25 -45.12 25.93
N ASN C 147 12.17 -44.51 25.47
CA ASN C 147 11.29 -43.73 26.33
C ASN C 147 9.99 -44.43 26.68
N LEU C 148 9.80 -45.67 26.23
CA LEU C 148 8.59 -46.42 26.50
C LEU C 148 8.97 -47.81 26.98
N LEU C 149 8.08 -48.42 27.76
CA LEU C 149 8.36 -49.72 28.36
C LEU C 149 7.18 -50.64 28.08
N TRP C 150 7.47 -51.80 27.49
CA TRP C 150 6.44 -52.76 27.12
C TRP C 150 6.19 -53.71 28.29
N LEU C 151 4.97 -53.65 28.84
CA LEU C 151 4.60 -54.48 29.97
C LEU C 151 3.81 -55.68 29.49
N THR C 152 4.28 -56.85 29.89
CA THR C 152 3.59 -58.09 29.55
C THR C 152 3.36 -58.80 30.84
N GLY C 153 2.95 -60.07 30.81
CA GLY C 153 2.57 -60.76 32.05
C GLY C 153 3.69 -61.53 32.72
N LYS C 154 3.67 -61.57 34.05
CA LYS C 154 4.67 -62.37 34.81
C LYS C 154 3.93 -63.50 35.53
N ASN C 155 4.63 -64.58 35.86
CA ASN C 155 4.03 -65.71 36.62
C ASN C 155 2.60 -65.97 36.12
N GLY C 156 2.40 -66.01 34.81
CA GLY C 156 1.09 -66.34 34.22
C GLY C 156 -0.05 -65.49 34.73
N LEU C 157 0.04 -64.17 34.63
CA LEU C 157 -1.08 -63.27 35.03
C LEU C 157 -0.75 -61.82 34.68
N TYR C 158 -1.76 -61.00 34.37
CA TYR C 158 -1.45 -59.59 34.19
C TYR C 158 -2.23 -58.80 35.24
N PRO C 159 -1.61 -58.43 36.35
CA PRO C 159 -2.37 -57.79 37.43
C PRO C 159 -2.80 -56.38 37.07
N ASN C 160 -3.81 -55.90 37.80
CA ASN C 160 -4.32 -54.55 37.59
C ASN C 160 -3.24 -53.53 37.92
N LEU C 161 -3.10 -52.53 37.07
CA LEU C 161 -2.12 -51.47 37.21
C LEU C 161 -2.83 -50.16 37.51
N SER C 162 -2.37 -49.47 38.55
CA SER C 162 -2.91 -48.15 38.88
C SER C 162 -1.74 -47.31 39.42
N LYS C 163 -1.13 -46.53 38.54
CA LYS C 163 0.07 -45.78 38.91
C LYS C 163 -0.13 -44.31 38.58
N SER C 164 0.22 -43.44 39.51
CA SER C 164 -0.02 -42.01 39.38
C SER C 164 1.28 -41.23 39.53
N TYR C 165 1.36 -40.12 38.80
CA TYR C 165 2.51 -39.22 38.90
C TYR C 165 1.98 -37.80 39.03
N ALA C 166 2.45 -37.09 40.05
CA ALA C 166 2.08 -35.70 40.29
C ALA C 166 3.22 -34.80 39.86
N ASN C 167 2.90 -33.79 39.05
CA ASN C 167 3.93 -32.90 38.53
C ASN C 167 4.46 -32.00 39.64
N ASN C 168 5.79 -31.92 39.73
CA ASN C 168 6.42 -31.11 40.78
C ASN C 168 7.63 -30.34 40.24
N LYS C 169 7.67 -30.03 38.95
CA LYS C 169 8.85 -29.43 38.34
C LYS C 169 8.62 -28.02 37.86
N GLU C 170 7.55 -27.35 38.30
CA GLU C 170 7.16 -26.00 37.85
C GLU C 170 7.29 -25.84 36.34
N LYS C 171 7.05 -26.93 35.61
CA LYS C 171 7.18 -26.99 34.17
C LYS C 171 6.21 -28.04 33.66
N GLU C 172 5.59 -27.76 32.51
CA GLU C 172 4.69 -28.75 31.93
C GLU C 172 5.48 -29.94 31.42
N VAL C 173 4.98 -31.13 31.68
CA VAL C 173 5.70 -32.36 31.39
C VAL C 173 4.99 -33.10 30.26
N LEU C 174 5.76 -33.45 29.22
CA LEU C 174 5.20 -34.16 28.07
C LEU C 174 5.28 -35.65 28.35
N VAL C 175 4.15 -36.27 28.60
CA VAL C 175 4.09 -37.69 28.88
C VAL C 175 3.59 -38.39 27.62
N LEU C 176 4.33 -39.42 27.23
CA LEU C 176 4.01 -40.23 26.06
C LEU C 176 3.75 -41.66 26.52
N TRP C 177 2.66 -42.24 26.05
CA TRP C 177 2.34 -43.64 26.30
C TRP C 177 1.82 -44.28 25.03
N GLY C 178 1.54 -45.58 25.11
CA GLY C 178 1.05 -46.32 23.97
C GLY C 178 0.03 -47.35 24.36
N VAL C 179 -0.74 -47.78 23.37
CA VAL C 179 -1.73 -48.84 23.53
C VAL C 179 -1.48 -49.88 22.45
N HIS C 180 -1.38 -51.13 22.84
CA HIS C 180 -1.05 -52.21 21.94
C HIS C 180 -2.31 -52.89 21.42
N HIS C 181 -2.36 -53.06 20.09
CA HIS C 181 -3.47 -53.75 19.42
C HIS C 181 -2.91 -55.01 18.79
N PRO C 182 -3.09 -56.17 19.42
CA PRO C 182 -2.53 -57.42 18.90
C PRO C 182 -3.21 -57.83 17.60
N PRO C 183 -2.51 -58.58 16.74
CA PRO C 183 -3.12 -58.94 15.45
C PRO C 183 -4.25 -59.94 15.57
N ASN C 184 -4.13 -60.94 16.42
CA ASN C 184 -5.16 -61.95 16.60
C ASN C 184 -5.46 -62.12 18.09
N ILE C 185 -6.52 -62.85 18.38
CA ILE C 185 -6.94 -63.07 19.77
C ILE C 185 -5.93 -63.95 20.49
N GLY C 186 -5.27 -64.84 19.76
CA GLY C 186 -4.28 -65.72 20.39
C GLY C 186 -3.12 -64.96 21.01
N ASP C 187 -2.58 -63.97 20.28
CA ASP C 187 -1.51 -63.16 20.84
C ASP C 187 -2.01 -62.33 22.03
N GLN C 188 -3.25 -61.84 21.96
CA GLN C 188 -3.83 -61.13 23.09
C GLN C 188 -3.81 -61.99 24.35
N ARG C 189 -4.21 -63.26 24.21
CA ARG C 189 -4.26 -64.13 25.39
C ARG C 189 -2.83 -64.52 25.79
N ALA C 190 -1.93 -64.62 24.82
CA ALA C 190 -0.56 -65.02 25.13
C ALA C 190 0.16 -63.94 25.94
N LEU C 191 0.02 -62.67 25.56
CA LEU C 191 0.75 -61.63 26.27
C LEU C 191 0.01 -61.11 27.49
N TYR C 192 -1.30 -60.85 27.40
CA TYR C 192 -2.00 -60.15 28.46
C TYR C 192 -2.99 -61.00 29.24
N HIS C 193 -3.18 -62.25 28.82
CA HIS C 193 -4.05 -63.20 29.57
C HIS C 193 -5.43 -62.61 29.86
N LYS C 194 -6.12 -62.09 28.84
CA LYS C 194 -7.46 -61.45 28.98
C LYS C 194 -7.92 -61.05 27.58
N GLU C 195 -9.04 -61.57 27.10
CA GLU C 195 -9.52 -61.29 25.72
C GLU C 195 -9.90 -59.83 25.59
N ASN C 196 -10.37 -59.17 26.64
CA ASN C 196 -10.62 -57.75 26.49
C ASN C 196 -9.95 -56.97 27.61
N ALA C 197 -9.45 -55.78 27.28
CA ALA C 197 -8.67 -54.99 28.22
C ALA C 197 -9.09 -53.53 28.13
N TYR C 198 -8.66 -52.74 29.11
CA TYR C 198 -8.96 -51.33 29.15
C TYR C 198 -7.73 -50.57 29.62
N VAL C 199 -7.53 -49.37 29.07
CA VAL C 199 -6.46 -48.47 29.49
C VAL C 199 -7.12 -47.12 29.77
N SER C 200 -7.20 -46.73 31.03
CA SER C 200 -7.76 -45.45 31.43
C SER C 200 -6.62 -44.52 31.79
N VAL C 201 -6.46 -43.45 31.02
CA VAL C 201 -5.48 -42.42 31.32
C VAL C 201 -6.27 -41.18 31.71
N VAL C 202 -6.11 -40.73 32.94
CA VAL C 202 -6.90 -39.63 33.45
C VAL C 202 -5.98 -38.56 34.03
N SER C 203 -6.48 -37.33 34.04
CA SER C 203 -5.75 -36.18 34.54
C SER C 203 -6.76 -35.08 34.85
N SER C 204 -6.26 -33.88 35.12
CA SER C 204 -7.16 -32.78 35.45
C SER C 204 -7.89 -32.27 34.20
N HIS C 205 -7.22 -32.26 33.05
CA HIS C 205 -7.80 -31.71 31.83
C HIS C 205 -7.73 -32.72 30.67
N TYR C 206 -7.57 -34.00 30.98
CA TYR C 206 -7.49 -35.04 29.98
C TYR C 206 -8.12 -36.30 30.56
N SER C 207 -8.82 -37.06 29.72
CA SER C 207 -9.42 -38.30 30.17
C SER C 207 -9.72 -39.14 28.94
N ARG C 208 -9.11 -40.32 28.86
CA ARG C 208 -9.38 -41.19 27.72
C ARG C 208 -9.36 -42.65 28.14
N LYS C 209 -10.35 -43.39 27.65
CA LYS C 209 -10.38 -44.84 27.76
C LYS C 209 -10.03 -45.47 26.43
N PHE C 210 -9.12 -46.45 26.46
CA PHE C 210 -8.66 -47.13 25.26
C PHE C 210 -9.02 -48.60 25.39
N THR C 211 -9.59 -49.16 24.32
CA THR C 211 -9.97 -50.55 24.17
C THR C 211 -9.19 -51.19 23.02
N PRO C 212 -8.49 -52.28 23.31
CA PRO C 212 -7.78 -53.02 22.25
C PRO C 212 -8.69 -53.37 21.09
N GLU C 213 -8.16 -53.20 19.88
CA GLU C 213 -8.89 -53.46 18.64
C GLU C 213 -8.12 -54.53 17.88
N ILE C 214 -8.51 -55.79 18.08
CA ILE C 214 -7.82 -56.89 17.40
C ILE C 214 -8.25 -56.95 15.94
N ALA C 215 -7.27 -56.88 15.04
CA ALA C 215 -7.52 -57.00 13.62
C ALA C 215 -6.25 -57.45 12.93
N LYS C 216 -6.36 -58.15 11.83
CA LYS C 216 -5.12 -58.53 11.12
C LYS C 216 -4.82 -57.44 10.11
N ARG C 217 -4.01 -56.46 10.50
CA ARG C 217 -3.76 -55.32 9.59
C ARG C 217 -2.65 -55.71 8.63
N PRO C 218 -2.57 -55.11 7.43
CA PRO C 218 -1.51 -55.39 6.45
C PRO C 218 -0.15 -55.30 7.10
N LYS C 219 0.70 -56.31 6.89
CA LYS C 219 2.02 -56.35 7.53
C LYS C 219 2.85 -55.12 7.17
N VAL C 220 3.31 -54.39 8.19
CA VAL C 220 4.16 -53.19 7.98
C VAL C 220 5.24 -53.28 9.06
N ARG C 221 6.51 -53.02 8.72
CA ARG C 221 7.59 -53.23 9.71
C ARG C 221 7.46 -54.65 10.26
N ASP C 222 7.42 -55.66 9.37
CA ASP C 222 7.36 -57.10 9.80
C ASP C 222 6.19 -57.42 10.73
N GLN C 223 5.37 -56.45 11.14
CA GLN C 223 4.31 -56.79 12.13
C GLN C 223 2.90 -56.55 11.56
N GLU C 224 1.90 -57.24 12.10
CA GLU C 224 0.49 -56.99 11.70
C GLU C 224 -0.18 -56.17 12.80
N GLY C 225 0.21 -56.42 14.06
CA GLY C 225 -0.35 -55.66 15.19
C GLY C 225 0.12 -54.22 15.17
N ARG C 226 -0.67 -53.31 15.75
CA ARG C 226 -0.32 -51.86 15.70
C ARG C 226 -0.21 -51.30 17.12
N ILE C 227 0.65 -50.31 17.33
CA ILE C 227 0.75 -49.64 18.66
C ILE C 227 0.40 -48.16 18.48
N ASN C 228 -0.70 -47.71 19.09
CA ASN C 228 -1.13 -46.32 18.97
C ASN C 228 -0.46 -45.49 20.06
N TYR C 229 0.13 -44.37 19.65
CA TYR C 229 0.94 -43.53 20.53
C TYR C 229 0.14 -42.29 20.90
N TYR C 230 0.09 -41.99 22.19
CA TYR C 230 -0.64 -40.85 22.71
C TYR C 230 0.27 -40.03 23.61
N TRP C 231 -0.04 -38.74 23.71
CA TRP C 231 0.75 -37.83 24.51
C TRP C 231 -0.16 -36.80 25.17
N THR C 232 0.32 -36.22 26.26
CA THR C 232 -0.36 -35.08 26.86
C THR C 232 0.64 -34.27 27.67
N LEU C 233 0.23 -33.05 28.01
CA LEU C 233 1.07 -32.10 28.73
C LEU C 233 0.50 -31.90 30.13
N LEU C 234 1.22 -32.39 31.13
CA LEU C 234 0.85 -32.17 32.51
C LEU C 234 1.22 -30.76 32.93
N GLU C 235 0.23 -30.01 33.41
CA GLU C 235 0.45 -28.68 33.93
C GLU C 235 1.20 -28.76 35.26
N PRO C 236 1.94 -27.72 35.62
CA PRO C 236 2.65 -27.73 36.92
C PRO C 236 1.65 -27.73 38.06
N GLY C 237 1.64 -28.84 38.82
CA GLY C 237 0.72 -28.98 39.93
C GLY C 237 -0.47 -29.84 39.58
N ASP C 238 -0.24 -30.89 38.80
CA ASP C 238 -1.29 -31.77 38.34
C ASP C 238 -0.75 -33.19 38.26
N THR C 239 -1.64 -34.16 38.31
CA THR C 239 -1.24 -35.57 38.29
C THR C 239 -1.91 -36.29 37.14
N ILE C 240 -1.25 -37.34 36.67
CA ILE C 240 -1.76 -38.24 35.66
C ILE C 240 -1.84 -39.64 36.27
N ILE C 241 -2.95 -40.33 36.03
CA ILE C 241 -3.20 -41.66 36.57
C ILE C 241 -3.36 -42.62 35.40
N PHE C 242 -2.57 -43.69 35.41
CA PHE C 242 -2.65 -44.76 34.43
C PHE C 242 -3.26 -45.97 35.12
N GLU C 243 -4.39 -46.44 34.60
CA GLU C 243 -4.99 -47.69 35.02
C GLU C 243 -5.06 -48.63 33.82
N ALA C 244 -4.67 -49.88 34.03
CA ALA C 244 -4.57 -50.80 32.91
C ALA C 244 -4.58 -52.24 33.39
N ASN C 245 -5.44 -53.05 32.79
CA ASN C 245 -5.37 -54.50 32.93
C ASN C 245 -4.77 -55.17 31.70
N GLY C 246 -4.25 -54.39 30.76
CA GLY C 246 -3.60 -54.96 29.60
C GLY C 246 -3.34 -53.91 28.55
N ASN C 247 -2.50 -54.28 27.58
CA ASN C 247 -2.22 -53.47 26.40
C ASN C 247 -1.76 -52.05 26.74
N LEU C 248 -0.77 -51.95 27.63
CA LEU C 248 -0.22 -50.67 28.02
C LEU C 248 1.27 -50.63 27.70
N ILE C 249 1.66 -49.66 26.88
CA ILE C 249 3.08 -49.36 26.67
C ILE C 249 3.39 -48.15 27.55
N ALA C 250 3.86 -48.44 28.75
CA ALA C 250 3.93 -47.44 29.80
C ALA C 250 5.04 -46.42 29.53
N PRO C 251 4.88 -45.20 30.03
CA PRO C 251 5.97 -44.23 29.92
C PRO C 251 7.13 -44.60 30.83
N ARG C 252 8.33 -44.33 30.37
CA ARG C 252 9.55 -44.53 31.13
C ARG C 252 10.33 -43.24 31.32
N TYR C 253 10.44 -42.43 30.28
CA TYR C 253 11.09 -41.13 30.35
C TYR C 253 10.12 -40.07 29.86
N ALA C 254 10.00 -38.99 30.60
CA ALA C 254 9.17 -37.86 30.23
C ALA C 254 10.07 -36.67 29.93
N PHE C 255 9.44 -35.55 29.57
CA PHE C 255 10.18 -34.36 29.15
C PHE C 255 9.54 -33.13 29.80
N ALA C 256 10.27 -32.47 30.69
CA ALA C 256 9.83 -31.19 31.20
C ALA C 256 10.13 -30.11 30.18
N LEU C 257 9.09 -29.41 29.73
CA LEU C 257 9.16 -28.57 28.55
C LEU C 257 8.81 -27.13 28.91
N SER C 258 9.84 -26.28 29.01
CA SER C 258 9.59 -24.84 28.99
C SER C 258 9.51 -24.38 27.54
N ARG C 259 8.47 -23.60 27.24
CA ARG C 259 8.22 -23.20 25.86
C ARG C 259 8.85 -21.83 25.58
N GLY C 260 8.92 -21.51 24.29
CA GLY C 260 9.51 -20.26 23.86
C GLY C 260 8.78 -19.65 22.68
N PHE C 261 9.51 -18.90 21.86
CA PHE C 261 8.90 -18.26 20.70
C PHE C 261 8.47 -19.30 19.67
N GLY C 262 7.38 -18.99 18.96
CA GLY C 262 6.90 -19.86 17.91
C GLY C 262 7.91 -20.07 16.81
N SER C 263 8.14 -21.33 16.43
CA SER C 263 9.12 -21.68 15.42
C SER C 263 8.53 -22.80 14.57
N GLY C 264 9.38 -23.44 13.78
CA GLY C 264 8.92 -24.50 12.91
C GLY C 264 9.96 -25.58 12.65
N ILE C 265 9.68 -26.42 11.66
CA ILE C 265 10.57 -27.50 11.26
C ILE C 265 10.98 -27.25 9.82
N ILE C 266 12.28 -27.29 9.56
CA ILE C 266 12.81 -27.09 8.22
C ILE C 266 13.17 -28.44 7.62
N ASN C 267 12.61 -28.74 6.47
CA ASN C 267 12.88 -29.98 5.75
C ASN C 267 13.92 -29.68 4.68
N SER C 268 15.18 -30.01 4.96
CA SER C 268 16.27 -29.65 4.09
C SER C 268 17.40 -30.68 4.20
N ASN C 269 18.24 -30.71 3.17
CA ASN C 269 19.47 -31.49 3.15
C ASN C 269 20.60 -30.51 2.85
N ALA C 270 21.12 -29.88 3.90
CA ALA C 270 22.14 -28.85 3.75
C ALA C 270 23.15 -28.98 4.89
N PRO C 271 24.39 -28.53 4.66
CA PRO C 271 25.38 -28.57 5.73
C PRO C 271 25.01 -27.65 6.87
N MET C 272 25.64 -27.90 8.03
CA MET C 272 25.36 -27.17 9.26
C MET C 272 26.63 -26.47 9.71
N ASP C 273 26.54 -25.14 9.88
CA ASP C 273 27.67 -24.34 10.29
C ASP C 273 27.29 -23.45 11.47
N GLU C 274 28.31 -22.86 12.10
CA GLU C 274 28.13 -22.02 13.28
C GLU C 274 27.87 -20.56 12.93
N CYS C 275 27.37 -20.29 11.73
CA CYS C 275 27.01 -18.93 11.35
C CYS C 275 25.77 -18.48 12.11
N ASP C 276 25.57 -17.16 12.14
CA ASP C 276 24.42 -16.56 12.80
C ASP C 276 23.65 -15.74 11.78
N ALA C 277 22.32 -15.86 11.80
CA ALA C 277 21.47 -15.18 10.84
C ALA C 277 20.18 -14.76 11.51
N LYS C 278 19.52 -13.78 10.91
CA LYS C 278 18.22 -13.32 11.38
C LYS C 278 17.07 -14.05 10.70
N CYS C 279 17.30 -14.65 9.53
CA CYS C 279 16.29 -15.45 8.85
C CYS C 279 16.93 -16.74 8.36
N GLN C 280 16.20 -17.84 8.47
CA GLN C 280 16.63 -19.14 7.99
C GLN C 280 15.66 -19.68 6.95
N THR C 281 16.23 -20.26 5.90
CA THR C 281 15.52 -20.79 4.76
C THR C 281 15.98 -22.22 4.54
N PRO C 282 15.09 -23.09 4.06
CA PRO C 282 15.52 -24.48 3.81
C PRO C 282 16.65 -24.62 2.80
N GLN C 283 16.85 -23.65 1.94
CA GLN C 283 17.98 -23.68 1.00
C GLN C 283 19.20 -22.95 1.52
N GLY C 284 19.13 -22.36 2.71
CA GLY C 284 20.25 -21.63 3.26
C GLY C 284 19.86 -20.29 3.83
N ALA C 285 20.61 -19.80 4.80
CA ALA C 285 20.24 -18.57 5.49
C ALA C 285 20.44 -17.35 4.59
N ILE C 286 19.84 -16.24 5.00
CA ILE C 286 19.95 -14.97 4.28
C ILE C 286 20.62 -13.98 5.24
N ASN C 287 21.80 -13.48 4.86
CA ASN C 287 22.49 -12.44 5.62
C ASN C 287 22.38 -11.13 4.84
N SER C 288 21.28 -10.43 5.09
CA SER C 288 21.02 -9.17 4.40
C SER C 288 20.08 -8.32 5.25
N SER C 289 20.06 -7.03 4.95
CA SER C 289 19.15 -6.09 5.61
C SER C 289 18.13 -5.52 4.64
N LEU C 290 18.01 -6.10 3.45
CA LEU C 290 17.09 -5.60 2.44
C LEU C 290 15.65 -5.90 2.83
N PRO C 291 14.70 -5.07 2.39
CA PRO C 291 13.31 -5.24 2.83
C PRO C 291 12.59 -6.40 2.17
N PHE C 292 13.04 -6.89 1.01
CA PHE C 292 12.32 -7.90 0.27
C PHE C 292 13.28 -9.00 -0.16
N GLN C 293 12.73 -10.21 -0.35
CA GLN C 293 13.49 -11.35 -0.81
C GLN C 293 12.60 -12.24 -1.66
N ASN C 294 13.22 -13.03 -2.53
CA ASN C 294 12.48 -13.97 -3.36
C ASN C 294 13.12 -15.36 -3.36
N VAL C 295 13.76 -15.76 -2.25
CA VAL C 295 14.37 -17.07 -2.18
C VAL C 295 13.32 -18.15 -1.95
N HIS C 296 12.58 -18.05 -0.85
CA HIS C 296 11.60 -19.08 -0.52
C HIS C 296 10.52 -18.52 0.40
N PRO C 297 9.24 -18.76 0.09
CA PRO C 297 8.18 -18.23 0.96
C PRO C 297 8.19 -18.78 2.36
N VAL C 298 8.65 -20.01 2.57
CA VAL C 298 8.69 -20.61 3.89
C VAL C 298 10.03 -20.28 4.53
N THR C 299 10.01 -19.45 5.57
CA THR C 299 11.21 -19.00 6.25
C THR C 299 10.92 -18.92 7.74
N ILE C 300 11.99 -18.95 8.53
CA ILE C 300 11.88 -18.89 9.99
C ILE C 300 12.69 -17.71 10.49
N GLY C 301 12.05 -16.81 11.23
CA GLY C 301 12.70 -15.69 11.85
C GLY C 301 12.17 -14.39 11.32
N GLU C 302 12.79 -13.29 11.76
CA GLU C 302 12.45 -11.94 11.30
C GLU C 302 13.03 -11.79 9.90
N CYS C 303 12.22 -12.05 8.89
CA CYS C 303 12.67 -12.21 7.52
C CYS C 303 12.17 -11.07 6.63
N PRO C 304 12.89 -10.78 5.55
CA PRO C 304 12.33 -9.88 4.54
C PRO C 304 11.07 -10.46 3.95
N LYS C 305 10.13 -9.59 3.63
CA LYS C 305 8.87 -10.00 3.05
C LYS C 305 9.10 -10.64 1.68
N TYR C 306 8.48 -11.79 1.46
CA TYR C 306 8.63 -12.50 0.21
C TYR C 306 7.78 -11.86 -0.89
N VAL C 307 8.39 -11.65 -2.05
CA VAL C 307 7.65 -11.06 -3.20
C VAL C 307 7.83 -11.99 -4.41
N ARG C 308 6.97 -11.83 -5.43
CA ARG C 308 7.11 -12.63 -6.67
C ARG C 308 7.84 -11.78 -7.72
N SER C 309 8.68 -10.83 -7.26
CA SER C 309 9.40 -9.93 -8.20
C SER C 309 10.80 -10.48 -8.48
N ALA C 310 11.27 -10.34 -9.73
CA ALA C 310 12.63 -10.79 -10.08
C ALA C 310 13.60 -9.61 -10.09
N LYS C 311 13.08 -8.38 -10.04
CA LYS C 311 13.95 -7.17 -10.03
C LYS C 311 13.34 -6.10 -9.10
N LEU C 312 14.16 -5.52 -8.22
CA LEU C 312 13.68 -4.41 -7.34
C LEU C 312 14.80 -3.36 -7.26
N ARG C 313 15.09 -2.68 -8.37
CA ARG C 313 16.20 -1.70 -8.40
C ARG C 313 15.66 -0.27 -8.20
N MET C 314 16.20 0.45 -7.22
CA MET C 314 15.76 1.85 -6.97
C MET C 314 16.83 2.80 -7.55
N VAL C 315 16.42 3.67 -8.49
CA VAL C 315 17.38 4.65 -9.08
C VAL C 315 17.86 5.58 -7.97
N THR C 316 19.16 5.79 -7.86
CA THR C 316 19.70 6.73 -6.89
C THR C 316 20.30 7.85 -7.68
N GLY C 317 20.69 7.57 -8.92
CA GLY C 317 21.39 8.53 -9.75
C GLY C 317 20.55 9.09 -10.86
N LEU C 318 21.15 9.43 -11.99
CA LEU C 318 20.44 10.16 -13.06
C LEU C 318 20.31 9.33 -14.30
N ARG C 319 19.51 9.76 -15.27
CA ARG C 319 19.55 9.09 -16.56
C ARG C 319 20.94 9.19 -17.18
N ASN C 320 21.34 8.13 -17.86
CA ASN C 320 22.65 8.02 -18.47
C ASN C 320 22.50 8.37 -19.95
N ILE C 321 23.01 9.53 -20.33
CA ILE C 321 22.94 10.00 -21.71
C ILE C 321 24.34 10.39 -22.14
N PRO C 322 25.24 9.44 -22.43
CA PRO C 322 26.61 9.74 -22.81
C PRO C 322 26.78 9.89 -24.32
N LEU D 2 8.29 16.63 -14.79
CA LEU D 2 9.46 16.91 -15.62
C LEU D 2 9.68 18.41 -15.69
N PHE D 3 10.94 18.83 -15.62
CA PHE D 3 11.27 20.25 -15.50
C PHE D 3 12.02 20.82 -16.69
N GLY D 4 12.46 19.98 -17.63
CA GLY D 4 12.98 20.46 -18.90
C GLY D 4 14.49 20.44 -19.02
N ALA D 5 15.23 20.22 -17.93
CA ALA D 5 16.69 20.30 -18.01
C ALA D 5 17.29 19.03 -18.60
N ILE D 6 17.08 17.90 -17.94
CA ILE D 6 17.68 16.65 -18.41
C ILE D 6 16.86 16.09 -19.56
N ALA D 7 17.55 15.71 -20.63
CA ALA D 7 16.93 15.28 -21.89
C ALA D 7 16.01 16.37 -22.43
N GLY D 8 16.38 17.63 -22.18
CA GLY D 8 15.62 18.77 -22.60
C GLY D 8 16.51 19.81 -23.22
N PHE D 9 16.53 21.03 -22.69
CA PHE D 9 17.43 22.04 -23.23
C PHE D 9 18.88 21.77 -22.88
N ILE D 10 19.15 20.79 -22.03
CA ILE D 10 20.50 20.26 -21.83
C ILE D 10 20.46 18.82 -22.36
N GLU D 11 20.94 18.62 -23.58
CA GLU D 11 20.61 17.40 -24.33
C GLU D 11 21.25 16.16 -23.71
N GLY D 12 22.54 16.22 -23.41
CA GLY D 12 23.27 15.06 -22.96
C GLY D 12 24.13 15.35 -21.74
N GLY D 13 24.57 14.26 -21.11
CA GLY D 13 25.43 14.34 -19.96
C GLY D 13 26.91 14.42 -20.34
N TRP D 14 27.74 14.45 -19.31
CA TRP D 14 29.18 14.60 -19.45
C TRP D 14 29.89 13.41 -18.82
N THR D 15 30.65 12.69 -19.64
CA THR D 15 31.47 11.61 -19.09
C THR D 15 32.69 12.16 -18.38
N GLY D 16 33.16 13.34 -18.76
CA GLY D 16 34.34 13.92 -18.15
C GLY D 16 34.14 14.43 -16.74
N MET D 17 32.91 14.75 -16.35
CA MET D 17 32.64 15.19 -14.99
C MET D 17 32.40 13.95 -14.14
N VAL D 18 33.37 13.63 -13.29
CA VAL D 18 33.38 12.37 -12.55
C VAL D 18 33.34 12.58 -11.05
N ASP D 19 33.06 13.79 -10.58
CA ASP D 19 33.12 14.11 -9.15
C ASP D 19 31.80 14.61 -8.61
N GLY D 20 30.72 14.45 -9.38
CA GLY D 20 29.43 14.91 -8.92
C GLY D 20 28.40 14.75 -10.01
N TRP D 21 27.15 14.98 -9.61
CA TRP D 21 25.99 14.83 -10.49
C TRP D 21 25.78 16.06 -11.37
N TYR D 22 25.88 17.24 -10.79
CA TYR D 22 25.69 18.50 -11.50
C TYR D 22 26.95 19.33 -11.40
N GLY D 23 27.17 20.10 -12.44
CA GLY D 23 28.36 20.92 -12.44
C GLY D 23 28.50 21.91 -13.54
N TYR D 24 29.74 22.22 -13.88
CA TYR D 24 30.03 23.32 -14.82
C TYR D 24 31.21 23.03 -15.69
N HIS D 25 31.13 23.38 -16.97
CA HIS D 25 32.28 23.32 -17.88
C HIS D 25 32.66 24.77 -18.15
N HIS D 26 33.94 25.08 -18.16
CA HIS D 26 34.42 26.47 -18.34
C HIS D 26 35.40 26.51 -19.50
N GLN D 27 35.35 27.54 -20.34
CA GLN D 27 36.37 27.74 -21.39
C GLN D 27 36.89 29.18 -21.25
N ASN D 28 37.96 29.38 -20.52
CA ASN D 28 38.62 30.69 -20.36
C ASN D 28 39.83 30.59 -21.28
N GLU D 29 40.72 31.58 -21.29
CA GLU D 29 41.97 31.48 -22.09
C GLU D 29 43.02 30.68 -21.31
N GLN D 30 42.89 30.60 -19.99
CA GLN D 30 43.80 29.77 -19.17
C GLN D 30 43.50 28.29 -19.42
N GLY D 31 42.25 27.92 -19.67
CA GLY D 31 41.95 26.53 -20.07
C GLY D 31 40.51 26.13 -19.90
N SER D 32 40.19 24.88 -20.21
CA SER D 32 38.83 24.32 -20.06
C SER D 32 38.82 23.32 -18.93
N GLY D 33 37.64 22.97 -18.42
CA GLY D 33 37.61 22.06 -17.27
C GLY D 33 36.23 21.70 -16.79
N TYR D 34 36.16 20.84 -15.79
CA TYR D 34 34.90 20.29 -15.30
C TYR D 34 34.92 20.34 -13.78
N ALA D 35 33.89 20.96 -13.20
CA ALA D 35 33.81 21.09 -11.76
C ALA D 35 32.39 20.81 -11.30
N ALA D 36 32.24 19.90 -10.34
CA ALA D 36 30.93 19.61 -9.78
C ALA D 36 30.53 20.68 -8.78
N ASP D 37 29.23 20.98 -8.76
CA ASP D 37 28.67 21.89 -7.76
C ASP D 37 28.47 21.11 -6.46
N GLN D 38 29.30 21.42 -5.46
CA GLN D 38 29.31 20.63 -4.25
C GLN D 38 28.03 20.79 -3.44
N LYS D 39 27.48 22.00 -3.37
CA LYS D 39 26.30 22.24 -2.55
C LYS D 39 25.08 21.49 -3.05
N SER D 40 24.73 21.63 -4.33
CA SER D 40 23.56 20.97 -4.88
C SER D 40 23.71 19.46 -4.89
N THR D 41 24.89 18.98 -5.29
CA THR D 41 25.12 17.53 -5.30
C THR D 41 25.04 16.96 -3.90
N GLN D 42 25.57 17.69 -2.90
CA GLN D 42 25.48 17.20 -1.53
C GLN D 42 24.05 17.17 -1.03
N ASN D 43 23.26 18.19 -1.36
CA ASN D 43 21.85 18.17 -0.98
C ASN D 43 21.12 16.98 -1.61
N ALA D 44 21.39 16.73 -2.89
CA ALA D 44 20.78 15.59 -3.56
C ALA D 44 21.22 14.27 -2.94
N ILE D 45 22.50 14.18 -2.57
CA ILE D 45 23.01 12.96 -1.95
C ILE D 45 22.30 12.71 -0.62
N ASN D 46 22.16 13.76 0.18
CA ASN D 46 21.45 13.63 1.45
C ASN D 46 20.01 13.19 1.23
N GLY D 47 19.32 13.80 0.28
CA GLY D 47 17.96 13.42 -0.01
C GLY D 47 17.79 11.99 -0.46
N ILE D 48 18.63 11.53 -1.38
CA ILE D 48 18.50 10.17 -1.91
C ILE D 48 18.90 9.15 -0.85
N THR D 49 19.90 9.47 -0.04
CA THR D 49 20.25 8.58 1.07
C THR D 49 19.11 8.45 2.06
N ASN D 50 18.44 9.55 2.40
CA ASN D 50 17.26 9.42 3.28
C ASN D 50 16.19 8.59 2.58
N LYS D 51 15.98 8.82 1.29
CA LYS D 51 14.96 8.08 0.55
C LYS D 51 15.20 6.57 0.65
N VAL D 52 16.43 6.15 0.35
CA VAL D 52 16.77 4.73 0.40
C VAL D 52 16.64 4.19 1.83
N ASN D 53 17.15 4.94 2.80
CA ASN D 53 17.07 4.50 4.18
C ASN D 53 15.64 4.44 4.69
N SER D 54 14.75 5.29 4.17
CA SER D 54 13.35 5.22 4.57
C SER D 54 12.66 4.02 3.95
N VAL D 55 12.98 3.70 2.69
CA VAL D 55 12.39 2.53 2.07
C VAL D 55 12.87 1.26 2.75
N ILE D 56 14.14 1.24 3.18
CA ILE D 56 14.71 0.02 3.74
C ILE D 56 14.37 -0.14 5.23
N GLU D 57 14.51 0.92 6.02
CA GLU D 57 14.45 0.84 7.47
C GLU D 57 13.02 0.80 8.02
N LYS D 58 11.99 0.95 7.22
CA LYS D 58 10.63 0.86 7.80
C LYS D 58 10.14 -0.59 7.74
N MET D 59 10.91 -1.51 7.16
CA MET D 59 10.56 -2.93 7.20
C MET D 59 11.11 -3.57 8.48
N ASN D 60 10.40 -3.32 9.58
CA ASN D 60 10.72 -3.92 10.87
C ASN D 60 9.74 -5.07 11.10
N THR D 61 10.26 -6.29 11.05
CA THR D 61 9.44 -7.50 11.16
C THR D 61 9.70 -8.20 12.49
N GLN D 62 8.72 -8.99 12.91
CA GLN D 62 8.79 -9.76 14.14
C GLN D 62 9.09 -11.22 13.83
N PHE D 63 9.73 -11.90 14.77
CA PHE D 63 10.07 -13.30 14.61
C PHE D 63 8.82 -14.13 14.36
N THR D 64 8.70 -14.68 13.16
CA THR D 64 7.54 -15.47 12.78
C THR D 64 7.99 -16.70 11.99
N ALA D 65 7.23 -17.77 12.12
CA ALA D 65 7.39 -18.97 11.30
C ALA D 65 6.12 -19.17 10.49
N VAL D 66 6.27 -19.29 9.17
CA VAL D 66 5.11 -19.33 8.28
C VAL D 66 4.74 -20.74 7.85
N GLY D 67 5.46 -21.77 8.30
CA GLY D 67 5.19 -23.13 7.91
C GLY D 67 4.36 -23.86 8.96
N LYS D 68 3.28 -24.49 8.50
CA LYS D 68 2.42 -25.29 9.36
C LYS D 68 2.11 -26.61 8.67
N GLU D 69 1.83 -27.62 9.48
CA GLU D 69 1.47 -28.94 8.99
C GLU D 69 0.06 -29.30 9.43
N PHE D 70 -0.74 -29.77 8.48
CA PHE D 70 -2.11 -30.21 8.72
C PHE D 70 -2.32 -31.55 8.03
N ASN D 71 -3.17 -32.37 8.63
CA ASN D 71 -3.48 -33.67 8.05
C ASN D 71 -4.61 -33.52 7.03
N LYS D 72 -5.16 -34.64 6.57
CA LYS D 72 -6.23 -34.62 5.60
C LYS D 72 -7.57 -34.23 6.18
N LEU D 73 -7.87 -34.63 7.42
CA LEU D 73 -9.13 -34.23 8.04
C LEU D 73 -9.19 -32.75 8.36
N GLU D 74 -8.06 -32.05 8.30
CA GLU D 74 -8.02 -30.60 8.40
C GLU D 74 -7.54 -30.07 7.05
N ARG D 75 -8.47 -29.97 6.10
CA ARG D 75 -8.21 -29.38 4.80
C ARG D 75 -8.67 -27.95 4.69
N ARG D 76 -9.77 -27.60 5.36
CA ARG D 76 -10.18 -26.21 5.48
C ARG D 76 -9.11 -25.36 6.11
N MET D 77 -8.39 -25.91 7.09
CA MET D 77 -7.26 -25.21 7.69
C MET D 77 -6.13 -25.01 6.69
N GLU D 78 -5.80 -26.04 5.92
CA GLU D 78 -4.77 -25.90 4.90
C GLU D 78 -5.13 -24.78 3.93
N ASN D 79 -6.38 -24.75 3.50
CA ASN D 79 -6.80 -23.72 2.54
C ASN D 79 -6.84 -22.33 3.17
N LEU D 80 -7.24 -22.21 4.42
CA LEU D 80 -7.23 -20.91 5.08
C LEU D 80 -5.80 -20.38 5.26
N ASN D 81 -4.89 -21.26 5.66
CA ASN D 81 -3.49 -20.89 5.77
C ASN D 81 -2.91 -20.48 4.42
N LYS D 82 -3.25 -21.23 3.37
CA LYS D 82 -2.80 -20.89 2.03
C LYS D 82 -3.34 -19.54 1.58
N LYS D 83 -4.61 -19.27 1.89
CA LYS D 83 -5.20 -17.98 1.55
C LYS D 83 -4.47 -16.85 2.26
N VAL D 84 -4.17 -17.04 3.55
CA VAL D 84 -3.46 -16.01 4.30
C VAL D 84 -2.10 -15.72 3.67
N ASP D 85 -1.33 -16.78 3.42
CA ASP D 85 0.01 -16.60 2.88
C ASP D 85 -0.03 -15.97 1.49
N ASP D 86 -0.91 -16.46 0.61
CA ASP D 86 -1.00 -15.93 -0.74
C ASP D 86 -1.46 -14.48 -0.74
N GLY D 87 -2.41 -14.12 0.14
CA GLY D 87 -2.85 -12.74 0.20
C GLY D 87 -1.75 -11.80 0.65
N PHE D 88 -0.98 -12.22 1.67
CA PHE D 88 0.13 -11.38 2.11
C PHE D 88 1.18 -11.23 1.01
N ILE D 89 1.48 -12.31 0.30
CA ILE D 89 2.45 -12.23 -0.79
C ILE D 89 1.96 -11.31 -1.88
N ASP D 90 0.67 -11.40 -2.22
CA ASP D 90 0.10 -10.53 -3.24
C ASP D 90 0.21 -9.06 -2.84
N ILE D 91 -0.19 -8.75 -1.60
CA ILE D 91 -0.16 -7.36 -1.14
C ILE D 91 1.26 -6.83 -1.19
N TRP D 92 2.22 -7.60 -0.66
CA TRP D 92 3.59 -7.11 -0.60
C TRP D 92 4.22 -6.99 -1.97
N THR D 93 3.94 -7.92 -2.87
CA THR D 93 4.47 -7.83 -4.23
C THR D 93 3.95 -6.59 -4.94
N TYR D 94 2.64 -6.38 -4.89
CA TYR D 94 2.05 -5.21 -5.54
C TYR D 94 2.60 -3.93 -4.95
N ASN D 95 2.69 -3.86 -3.62
CA ASN D 95 3.16 -2.67 -2.95
C ASN D 95 4.61 -2.37 -3.29
N ALA D 96 5.47 -3.40 -3.27
CA ALA D 96 6.88 -3.19 -3.59
C ALA D 96 7.06 -2.73 -5.03
N GLU D 97 6.36 -3.37 -5.97
CA GLU D 97 6.49 -2.99 -7.36
C GLU D 97 6.03 -1.56 -7.61
N LEU D 98 4.85 -1.21 -7.11
CA LEU D 98 4.35 0.15 -7.31
C LEU D 98 5.21 1.17 -6.59
N LEU D 99 5.69 0.84 -5.40
CA LEU D 99 6.59 1.73 -4.67
C LEU D 99 7.82 2.04 -5.47
N VAL D 100 8.50 1.02 -5.98
CA VAL D 100 9.71 1.26 -6.76
C VAL D 100 9.39 2.05 -8.02
N LEU D 101 8.30 1.69 -8.69
CA LEU D 101 7.94 2.36 -9.95
C LEU D 101 7.71 3.85 -9.76
N LEU D 102 6.96 4.24 -8.72
CA LEU D 102 6.70 5.65 -8.47
C LEU D 102 7.90 6.38 -7.88
N GLU D 103 8.65 5.71 -7.00
CA GLU D 103 9.80 6.32 -6.34
C GLU D 103 10.89 6.65 -7.35
N ASN D 104 11.06 5.80 -8.36
CA ASN D 104 12.06 6.06 -9.39
C ASN D 104 11.71 7.29 -10.22
N GLU D 105 10.44 7.42 -10.59
CA GLU D 105 9.99 8.62 -11.30
C GLU D 105 10.24 9.87 -10.46
N ARG D 106 9.94 9.78 -9.17
CA ARG D 106 10.19 10.93 -8.29
C ARG D 106 11.67 11.28 -8.22
N THR D 107 12.55 10.27 -8.16
CA THR D 107 13.98 10.54 -8.11
C THR D 107 14.47 11.22 -9.39
N LEU D 108 14.02 10.74 -10.54
CA LEU D 108 14.45 11.36 -11.79
C LEU D 108 13.94 12.79 -11.89
N ASP D 109 12.71 13.04 -11.47
CA ASP D 109 12.19 14.41 -11.42
C ASP D 109 12.99 15.28 -10.46
N PHE D 110 13.44 14.70 -9.34
CA PHE D 110 14.25 15.44 -8.38
C PHE D 110 15.56 15.90 -9.00
N HIS D 111 16.22 15.00 -9.72
CA HIS D 111 17.47 15.38 -10.38
C HIS D 111 17.24 16.44 -11.45
N ASP D 112 16.18 16.31 -12.24
CA ASP D 112 15.85 17.32 -13.24
C ASP D 112 15.62 18.68 -12.60
N SER D 113 14.89 18.71 -11.48
CA SER D 113 14.66 19.96 -10.76
C SER D 113 15.96 20.55 -10.25
N ASN D 114 16.88 19.72 -9.75
CA ASN D 114 18.15 20.24 -9.27
C ASN D 114 18.94 20.90 -10.40
N VAL D 115 18.99 20.32 -11.58
CA VAL D 115 19.78 20.90 -12.72
C VAL D 115 19.15 22.24 -13.15
N LYS D 116 17.84 22.35 -13.21
CA LYS D 116 17.16 23.58 -13.65
C LYS D 116 17.37 24.70 -12.65
N ASN D 117 17.40 24.35 -11.38
CA ASN D 117 17.56 25.34 -10.31
C ASN D 117 19.00 25.81 -10.34
N LEU D 118 19.95 24.92 -10.57
CA LEU D 118 21.32 25.39 -10.73
C LEU D 118 21.45 26.33 -11.91
N TYR D 119 20.81 25.98 -13.04
CA TYR D 119 20.83 26.85 -14.21
C TYR D 119 20.21 28.20 -13.90
N GLU D 120 19.07 28.20 -13.22
CA GLU D 120 18.40 29.46 -12.88
C GLU D 120 19.25 30.30 -11.95
N LYS D 121 19.92 29.67 -10.98
CA LYS D 121 20.78 30.40 -10.05
C LYS D 121 21.92 31.09 -10.78
N VAL D 122 22.59 30.36 -11.69
CA VAL D 122 23.68 30.98 -12.44
C VAL D 122 23.16 32.10 -13.34
N LYS D 123 22.00 31.89 -13.95
CA LYS D 123 21.38 32.94 -14.77
C LYS D 123 21.14 34.21 -13.98
N SER D 124 20.52 34.08 -12.80
CA SER D 124 20.22 35.24 -11.98
C SER D 124 21.48 35.91 -11.49
N GLN D 125 22.53 35.13 -11.22
CA GLN D 125 23.79 35.71 -10.80
C GLN D 125 24.42 36.55 -11.91
N LEU D 126 24.42 36.02 -13.14
CA LEU D 126 25.11 36.70 -14.23
C LEU D 126 24.32 37.90 -14.74
N LYS D 127 22.99 37.83 -14.72
CA LYS D 127 22.12 38.92 -15.22
C LYS D 127 22.48 39.18 -16.67
N ASN D 128 22.74 40.42 -17.08
CA ASN D 128 23.02 40.77 -18.47
C ASN D 128 24.50 40.79 -18.79
N ASN D 129 25.37 40.43 -17.85
CA ASN D 129 26.79 40.35 -18.14
C ASN D 129 27.13 39.17 -19.04
N ALA D 130 26.20 38.24 -19.26
CA ALA D 130 26.43 37.12 -20.15
C ALA D 130 25.16 36.84 -20.93
N LYS D 131 25.35 36.18 -22.05
CA LYS D 131 24.24 35.83 -22.94
C LYS D 131 23.98 34.34 -22.93
N GLU D 132 22.73 33.95 -23.06
CA GLU D 132 22.35 32.54 -23.17
C GLU D 132 22.64 32.10 -24.60
N ILE D 133 23.57 31.17 -24.77
CA ILE D 133 23.84 30.63 -26.09
C ILE D 133 23.16 29.29 -26.28
N GLY D 134 22.17 28.97 -25.44
CA GLY D 134 21.48 27.71 -25.50
C GLY D 134 22.30 26.57 -24.92
N ASN D 135 21.66 25.41 -24.82
CA ASN D 135 22.29 24.19 -24.32
C ASN D 135 22.81 24.36 -22.90
N GLY D 136 22.18 25.23 -22.13
CA GLY D 136 22.63 25.49 -20.77
C GLY D 136 23.99 26.12 -20.68
N CYS D 137 24.34 27.03 -21.60
CA CYS D 137 25.63 27.69 -21.57
C CYS D 137 25.49 29.20 -21.70
N PHE D 138 26.35 29.91 -20.99
CA PHE D 138 26.40 31.36 -20.99
C PHE D 138 27.73 31.81 -21.56
N GLU D 139 27.67 32.71 -22.54
CA GLU D 139 28.86 33.32 -23.12
C GLU D 139 29.02 34.71 -22.52
N PHE D 140 30.17 34.97 -21.91
CA PHE D 140 30.38 36.19 -21.18
C PHE D 140 30.63 37.37 -22.12
N TYR D 141 30.27 38.56 -21.65
CA TYR D 141 30.56 39.80 -22.35
C TYR D 141 31.85 40.44 -21.89
N HIS D 142 32.56 39.81 -20.94
CA HIS D 142 33.83 40.30 -20.45
C HIS D 142 34.77 39.11 -20.30
N LYS D 143 35.98 39.38 -19.82
CA LYS D 143 36.99 38.34 -19.64
C LYS D 143 36.91 37.81 -18.22
N CYS D 144 36.68 36.51 -18.07
CA CYS D 144 36.71 35.86 -16.77
C CYS D 144 37.97 35.02 -16.65
N ASN D 145 38.78 35.31 -15.65
CA ASN D 145 39.91 34.47 -15.31
C ASN D 145 39.43 33.35 -14.40
N ASP D 146 40.37 32.61 -13.82
CA ASP D 146 39.99 31.50 -12.95
C ASP D 146 39.24 32.01 -11.72
N GLU D 147 39.62 33.19 -11.22
CA GLU D 147 38.92 33.77 -10.09
C GLU D 147 37.47 34.09 -10.43
N CYS D 148 37.23 34.61 -11.64
CA CYS D 148 35.88 34.89 -12.08
C CYS D 148 35.04 33.61 -12.16
N MET D 149 35.61 32.56 -12.74
CA MET D 149 34.88 31.30 -12.86
C MET D 149 34.58 30.71 -11.49
N GLU D 150 35.54 30.75 -10.57
CA GLU D 150 35.30 30.25 -9.23
C GLU D 150 34.27 31.09 -8.50
N SER D 151 34.26 32.41 -8.74
CA SER D 151 33.24 33.27 -8.17
C SER D 151 31.85 32.90 -8.67
N VAL D 152 31.72 32.61 -9.96
CA VAL D 152 30.45 32.14 -10.50
C VAL D 152 30.07 30.80 -9.86
N LYS D 153 31.04 29.90 -9.72
CA LYS D 153 30.76 28.58 -9.18
C LYS D 153 30.44 28.62 -7.69
N ASN D 154 31.25 29.35 -6.92
CA ASN D 154 31.08 29.36 -5.47
C ASN D 154 29.99 30.31 -5.00
N GLY D 155 29.40 31.10 -5.88
CA GLY D 155 28.20 31.84 -5.58
C GLY D 155 28.34 33.33 -5.33
N THR D 156 29.53 33.91 -5.52
CA THR D 156 29.75 35.34 -5.27
C THR D 156 30.38 35.96 -6.52
N TYR D 157 29.53 36.37 -7.47
CA TYR D 157 30.01 36.78 -8.78
C TYR D 157 30.47 38.22 -8.85
N ASP D 158 29.91 39.11 -8.02
CA ASP D 158 30.27 40.54 -8.03
C ASP D 158 29.98 41.16 -9.41
N TYR D 159 28.68 41.22 -9.73
CA TYR D 159 28.20 41.81 -10.98
C TYR D 159 28.66 43.24 -11.22
N PRO D 160 28.53 44.19 -10.28
CA PRO D 160 28.91 45.57 -10.60
C PRO D 160 30.36 45.73 -11.02
N LYS D 161 31.24 44.84 -10.58
CA LYS D 161 32.64 44.92 -10.96
C LYS D 161 32.82 44.79 -12.47
N TYR D 162 32.00 43.97 -13.12
CA TYR D 162 32.17 43.71 -14.54
C TYR D 162 31.06 44.28 -15.41
N SER D 163 30.09 44.99 -14.83
CA SER D 163 28.93 45.42 -15.60
C SER D 163 29.31 46.40 -16.69
N GLU D 164 30.03 47.47 -16.33
CA GLU D 164 30.28 48.56 -17.27
C GLU D 164 30.99 48.06 -18.51
N GLU D 165 32.09 47.32 -18.34
CA GLU D 165 32.79 46.76 -19.48
C GLU D 165 31.86 45.91 -20.33
N SER D 166 31.03 45.09 -19.69
CA SER D 166 30.09 44.25 -20.42
C SER D 166 29.18 45.09 -21.31
N LYS D 167 28.78 46.27 -20.84
CA LYS D 167 27.94 47.13 -21.65
C LYS D 167 28.64 47.48 -22.96
N LEU D 168 29.92 47.83 -22.89
CA LEU D 168 30.66 48.18 -24.09
C LEU D 168 30.75 47.02 -25.07
N ASN D 169 30.56 45.78 -24.59
CA ASN D 169 30.53 44.65 -25.50
C ASN D 169 29.10 44.29 -25.89
N ARG D 170 28.12 44.63 -25.04
CA ARG D 170 26.75 44.26 -25.32
C ARG D 170 26.10 45.23 -26.30
N GLU D 171 26.42 46.52 -26.18
CA GLU D 171 25.93 47.53 -27.13
C GLU D 171 26.95 47.73 -28.25
N LYS D 172 27.28 46.62 -28.91
CA LYS D 172 28.25 46.64 -30.00
C LYS D 172 28.14 45.40 -30.87
N ASP E 2 1.87 38.48 -37.68
CA ASP E 2 1.66 37.04 -37.63
C ASP E 2 1.82 36.52 -36.22
N THR E 3 0.97 35.57 -35.84
CA THR E 3 0.93 35.05 -34.48
C THR E 3 0.83 33.53 -34.49
N ILE E 4 1.52 32.89 -33.56
CA ILE E 4 1.41 31.46 -33.31
C ILE E 4 1.11 31.29 -31.82
N CYS E 5 0.13 30.46 -31.51
CA CYS E 5 -0.31 30.29 -30.13
C CYS E 5 -0.24 28.84 -29.69
N ILE E 6 0.22 28.63 -28.46
CA ILE E 6 0.39 27.31 -27.86
C ILE E 6 -0.72 27.06 -26.86
N GLY E 7 -1.37 25.93 -26.97
CA GLY E 7 -2.50 25.60 -26.12
C GLY E 7 -2.71 24.11 -26.04
N TYR E 8 -3.84 23.72 -25.46
CA TYR E 8 -4.10 22.31 -25.20
C TYR E 8 -5.51 21.97 -25.68
N HIS E 9 -5.86 20.71 -25.51
CA HIS E 9 -7.03 20.07 -26.08
C HIS E 9 -8.24 20.19 -25.15
N ALA E 10 -9.42 20.25 -25.76
CA ALA E 10 -10.66 20.23 -25.01
C ALA E 10 -11.73 19.60 -25.89
N ASN E 11 -12.74 19.04 -25.24
CA ASN E 11 -13.82 18.35 -25.95
C ASN E 11 -15.08 18.43 -25.11
N ASN E 12 -16.08 17.65 -25.49
CA ASN E 12 -17.39 17.66 -24.85
C ASN E 12 -17.55 16.58 -23.80
N SER E 13 -16.46 15.96 -23.37
CA SER E 13 -16.54 14.86 -22.41
C SER E 13 -17.01 15.38 -21.05
N THR E 14 -17.91 14.62 -20.43
CA THR E 14 -18.41 14.92 -19.10
C THR E 14 -17.89 13.95 -18.05
N ASP E 15 -16.90 13.13 -18.39
CA ASP E 15 -16.32 12.21 -17.42
C ASP E 15 -15.63 12.98 -16.32
N THR E 16 -15.81 12.52 -15.08
CA THR E 16 -15.21 13.14 -13.92
C THR E 16 -14.39 12.11 -13.15
N VAL E 17 -13.26 12.53 -12.63
CA VAL E 17 -12.42 11.70 -11.77
C VAL E 17 -12.13 12.46 -10.50
N ASP E 18 -11.95 11.71 -9.42
CA ASP E 18 -11.56 12.28 -8.13
C ASP E 18 -10.05 12.36 -8.03
N THR E 19 -9.58 13.39 -7.32
CA THR E 19 -8.16 13.62 -7.20
C THR E 19 -7.89 14.07 -5.77
N VAL E 20 -6.65 13.87 -5.32
CA VAL E 20 -6.34 14.08 -3.91
C VAL E 20 -6.45 15.55 -3.51
N LEU E 21 -6.40 16.48 -4.47
CA LEU E 21 -6.54 17.89 -4.17
C LEU E 21 -7.88 18.48 -4.54
N GLU E 22 -8.61 17.86 -5.48
CA GLU E 22 -9.92 18.37 -5.86
C GLU E 22 -10.82 17.19 -6.20
N LYS E 23 -12.06 17.25 -5.72
CA LYS E 23 -13.06 16.26 -6.08
C LYS E 23 -13.85 16.73 -7.29
N ASN E 24 -14.33 15.77 -8.07
CA ASN E 24 -15.22 16.02 -9.21
C ASN E 24 -14.55 16.93 -10.24
N VAL E 25 -13.47 16.43 -10.83
CA VAL E 25 -12.73 17.13 -11.87
C VAL E 25 -13.11 16.56 -13.23
N THR E 26 -13.57 17.43 -14.12
CA THR E 26 -13.96 17.03 -15.46
C THR E 26 -12.72 16.90 -16.33
N VAL E 27 -12.60 15.77 -17.02
CA VAL E 27 -11.40 15.44 -17.77
C VAL E 27 -11.79 15.02 -19.19
N THR E 28 -10.82 15.10 -20.09
CA THR E 28 -11.07 14.80 -21.50
C THR E 28 -11.20 13.30 -21.75
N HIS E 29 -10.42 12.47 -21.07
CA HIS E 29 -10.49 11.02 -21.25
C HIS E 29 -10.15 10.34 -19.94
N SER E 30 -10.66 9.12 -19.77
CA SER E 30 -10.47 8.37 -18.55
C SER E 30 -10.50 6.88 -18.86
N VAL E 31 -9.96 6.09 -17.95
CA VAL E 31 -9.94 4.63 -18.08
C VAL E 31 -10.52 4.03 -16.81
N ASN E 32 -11.40 3.05 -16.97
CA ASN E 32 -12.03 2.38 -15.83
C ASN E 32 -11.13 1.27 -15.31
N LEU E 33 -11.03 1.18 -13.99
CA LEU E 33 -10.26 0.14 -13.32
C LEU E 33 -11.14 -0.78 -12.49
N LEU E 34 -12.44 -0.74 -12.69
CA LEU E 34 -13.40 -1.46 -11.85
C LEU E 34 -14.46 -2.12 -12.71
N GLU E 35 -14.57 -3.44 -12.59
CA GLU E 35 -15.67 -4.19 -13.19
C GLU E 35 -16.90 -4.15 -12.27
N ASP E 36 -18.03 -3.77 -12.85
CA ASP E 36 -19.28 -3.69 -12.13
C ASP E 36 -20.36 -4.60 -12.69
N SER E 37 -20.05 -5.42 -13.71
CA SER E 37 -21.03 -6.21 -14.40
C SER E 37 -20.52 -7.63 -14.61
N HIS E 38 -21.45 -8.56 -14.79
CA HIS E 38 -21.14 -9.98 -14.95
C HIS E 38 -21.93 -10.55 -16.11
N ASN E 39 -21.67 -11.82 -16.41
CA ASN E 39 -22.36 -12.49 -17.51
C ASN E 39 -23.79 -12.87 -17.13
N GLY E 40 -24.05 -13.08 -15.84
CA GLY E 40 -25.32 -13.61 -15.41
C GLY E 40 -25.49 -15.10 -15.65
N LYS E 41 -24.41 -15.80 -15.95
CA LYS E 41 -24.47 -17.18 -16.41
C LYS E 41 -23.18 -17.90 -16.04
N LEU E 42 -23.31 -19.15 -15.63
CA LEU E 42 -22.16 -19.95 -15.20
C LEU E 42 -21.40 -20.47 -16.42
N CYS E 43 -20.07 -20.51 -16.30
CA CYS E 43 -19.23 -20.88 -17.43
C CYS E 43 -18.04 -21.69 -16.92
N LEU E 44 -17.34 -22.31 -17.86
CA LEU E 44 -16.21 -23.16 -17.53
C LEU E 44 -15.10 -22.37 -16.86
N LEU E 45 -14.32 -23.06 -16.04
CA LEU E 45 -13.19 -22.47 -15.33
C LEU E 45 -11.97 -23.35 -15.54
N LYS E 46 -10.90 -22.74 -16.05
CA LYS E 46 -9.66 -23.44 -16.40
C LYS E 46 -9.88 -24.51 -17.46
N GLY E 47 -10.93 -24.40 -18.26
CA GLY E 47 -11.22 -25.34 -19.31
C GLY E 47 -12.03 -26.55 -18.88
N ILE E 48 -12.15 -26.78 -17.57
CA ILE E 48 -12.89 -27.93 -17.07
C ILE E 48 -14.26 -27.46 -16.61
N ALA E 49 -15.31 -28.10 -17.11
CA ALA E 49 -16.66 -27.72 -16.74
C ALA E 49 -16.92 -28.08 -15.27
N PRO E 50 -17.82 -27.35 -14.62
CA PRO E 50 -18.17 -27.68 -13.24
C PRO E 50 -19.24 -28.76 -13.13
N LEU E 51 -19.33 -29.33 -11.94
CA LEU E 51 -20.33 -30.33 -11.62
C LEU E 51 -21.61 -29.65 -11.17
N GLN E 52 -22.73 -29.97 -11.82
CA GLN E 52 -24.02 -29.44 -11.46
C GLN E 52 -24.84 -30.49 -10.72
N LEU E 53 -25.60 -30.06 -9.72
CA LEU E 53 -26.31 -30.97 -8.84
C LEU E 53 -27.83 -30.89 -8.97
N GLY E 54 -28.36 -29.79 -9.49
CA GLY E 54 -29.80 -29.68 -9.58
C GLY E 54 -30.41 -29.49 -8.21
N ASN E 55 -31.44 -30.27 -7.92
CA ASN E 55 -32.12 -30.20 -6.62
C ASN E 55 -31.44 -31.02 -5.54
N CYS E 56 -30.32 -31.68 -5.86
CA CYS E 56 -29.64 -32.55 -4.92
C CYS E 56 -28.52 -31.80 -4.20
N SER E 57 -28.29 -32.16 -2.95
CA SER E 57 -27.16 -31.65 -2.20
C SER E 57 -25.95 -32.55 -2.42
N VAL E 58 -24.81 -32.16 -1.84
CA VAL E 58 -23.61 -32.97 -1.97
C VAL E 58 -23.80 -34.32 -1.28
N ALA E 59 -24.47 -34.31 -0.12
CA ALA E 59 -24.75 -35.57 0.57
C ALA E 59 -25.67 -36.45 -0.26
N GLY E 60 -26.71 -35.86 -0.86
CA GLY E 60 -27.62 -36.64 -1.68
C GLY E 60 -26.95 -37.24 -2.88
N TRP E 61 -26.01 -36.51 -3.47
CA TRP E 61 -25.31 -37.00 -4.65
C TRP E 61 -24.28 -38.07 -4.29
N ILE E 62 -23.57 -37.88 -3.18
CA ILE E 62 -22.49 -38.81 -2.85
C ILE E 62 -23.05 -40.07 -2.19
N LEU E 63 -24.23 -40.01 -1.61
CA LEU E 63 -24.85 -41.21 -1.07
C LEU E 63 -25.73 -41.93 -2.09
N GLY E 64 -26.09 -41.27 -3.18
CA GLY E 64 -26.97 -41.85 -4.16
C GLY E 64 -28.42 -41.78 -3.75
N ASN E 65 -28.93 -40.57 -3.57
CA ASN E 65 -30.34 -40.40 -3.31
C ASN E 65 -31.15 -40.96 -4.48
N PRO E 66 -32.26 -41.64 -4.23
CA PRO E 66 -33.04 -42.20 -5.34
C PRO E 66 -33.45 -41.16 -6.37
N GLU E 67 -33.87 -39.98 -5.94
CA GLU E 67 -34.28 -38.92 -6.86
C GLU E 67 -33.10 -38.02 -7.21
N CYS E 68 -31.97 -38.64 -7.57
CA CYS E 68 -30.78 -37.92 -8.01
C CYS E 68 -30.07 -38.67 -9.13
N GLU E 69 -30.75 -39.61 -9.79
CA GLU E 69 -30.10 -40.46 -10.78
C GLU E 69 -29.72 -39.70 -12.05
N LEU E 70 -30.15 -38.44 -12.19
CA LEU E 70 -29.95 -37.73 -13.44
C LEU E 70 -28.50 -37.32 -13.66
N LEU E 71 -27.68 -37.24 -12.61
CA LEU E 71 -26.31 -36.82 -12.84
C LEU E 71 -25.39 -38.02 -13.03
N ILE E 72 -25.18 -38.80 -11.95
CA ILE E 72 -24.37 -40.02 -11.90
C ILE E 72 -23.32 -40.08 -13.01
N SER E 73 -22.50 -39.04 -13.13
CA SER E 73 -21.53 -38.97 -14.22
C SER E 73 -20.37 -38.07 -13.82
N ARG E 74 -19.61 -37.65 -14.83
CA ARG E 74 -18.46 -36.74 -14.71
C ARG E 74 -17.26 -37.42 -14.08
N GLU E 75 -16.06 -37.05 -14.57
CA GLU E 75 -14.81 -37.57 -14.04
C GLU E 75 -13.85 -36.47 -13.58
N SER E 76 -14.13 -35.21 -13.87
CA SER E 76 -13.29 -34.09 -13.48
C SER E 76 -14.14 -32.84 -13.49
N TRP E 77 -14.11 -32.08 -12.40
CA TRP E 77 -14.86 -30.83 -12.32
C TRP E 77 -14.06 -29.81 -11.53
N SER E 78 -14.10 -28.56 -11.99
CA SER E 78 -13.37 -27.49 -11.33
C SER E 78 -14.08 -27.03 -10.07
N TYR E 79 -15.41 -27.00 -10.08
CA TYR E 79 -16.18 -26.61 -8.92
C TYR E 79 -17.57 -27.22 -9.01
N ILE E 80 -18.37 -27.03 -7.97
CA ILE E 80 -19.69 -27.63 -7.86
C ILE E 80 -20.72 -26.52 -7.68
N VAL E 81 -21.77 -26.57 -8.49
CA VAL E 81 -22.89 -25.64 -8.38
C VAL E 81 -24.02 -26.35 -7.66
N GLU E 82 -24.52 -25.74 -6.59
CA GLU E 82 -25.55 -26.36 -5.77
C GLU E 82 -26.62 -25.32 -5.48
N LYS E 83 -27.84 -25.78 -5.39
CA LYS E 83 -28.95 -24.90 -5.12
C LYS E 83 -28.86 -24.34 -3.71
N PRO E 84 -29.32 -23.10 -3.50
CA PRO E 84 -29.28 -22.50 -2.16
C PRO E 84 -29.83 -23.38 -1.06
N ASN E 85 -30.96 -24.05 -1.28
CA ASN E 85 -31.60 -24.90 -0.27
C ASN E 85 -32.14 -26.15 -0.93
N PRO E 86 -31.28 -27.15 -1.14
CA PRO E 86 -31.72 -28.37 -1.81
C PRO E 86 -32.75 -29.12 -0.97
N GLU E 87 -33.66 -29.80 -1.66
CA GLU E 87 -34.64 -30.66 -0.99
C GLU E 87 -34.29 -32.14 -1.11
N ASN E 88 -33.38 -32.49 -2.01
CA ASN E 88 -32.99 -33.88 -2.24
C ASN E 88 -31.64 -34.10 -1.58
N GLY E 89 -31.65 -34.37 -0.29
CA GLY E 89 -30.42 -34.61 0.43
C GLY E 89 -30.33 -36.02 0.99
N THR E 90 -30.34 -36.14 2.31
CA THR E 90 -30.39 -37.43 2.98
C THR E 90 -31.86 -37.79 3.13
N CYS E 91 -32.33 -38.72 2.31
CA CYS E 91 -33.74 -39.11 2.35
C CYS E 91 -34.10 -39.72 3.70
N TYR E 92 -33.25 -40.59 4.20
CA TYR E 92 -33.41 -41.07 5.56
C TYR E 92 -32.75 -40.08 6.52
N PRO E 93 -33.49 -39.55 7.49
CA PRO E 93 -32.91 -38.52 8.36
C PRO E 93 -31.76 -39.06 9.17
N GLY E 94 -30.80 -38.18 9.46
CA GLY E 94 -29.63 -38.56 10.21
C GLY E 94 -28.57 -37.49 10.14
N HIS E 95 -27.46 -37.77 10.82
CA HIS E 95 -26.33 -36.85 10.90
C HIS E 95 -25.24 -37.31 9.94
N PHE E 96 -24.63 -36.36 9.25
CA PHE E 96 -23.53 -36.62 8.34
C PHE E 96 -22.25 -36.13 9.02
N ALA E 97 -21.40 -37.07 9.43
CA ALA E 97 -20.19 -36.72 10.15
C ALA E 97 -19.19 -36.05 9.23
N ASP E 98 -18.57 -34.97 9.72
CA ASP E 98 -17.56 -34.24 8.98
C ASP E 98 -18.05 -33.84 7.60
N TYR E 99 -19.29 -33.37 7.54
CA TYR E 99 -19.91 -33.02 6.27
C TYR E 99 -19.16 -31.89 5.57
N GLU E 100 -18.85 -30.83 6.32
CA GLU E 100 -18.20 -29.67 5.74
C GLU E 100 -16.82 -30.00 5.16
N GLU E 101 -16.05 -30.83 5.86
CA GLU E 101 -14.78 -31.32 5.32
C GLU E 101 -14.98 -32.12 4.04
N LEU E 102 -16.03 -32.94 3.98
CA LEU E 102 -16.32 -33.69 2.75
C LEU E 102 -16.62 -32.75 1.59
N ARG E 103 -17.44 -31.72 1.81
CA ARG E 103 -17.68 -30.75 0.75
C ARG E 103 -16.42 -30.01 0.34
N GLU E 104 -15.44 -29.85 1.23
CA GLU E 104 -14.24 -29.07 0.87
C GLU E 104 -13.27 -29.98 0.15
N GLN E 105 -13.35 -31.27 0.40
CA GLN E 105 -12.47 -32.18 -0.31
C GLN E 105 -13.05 -32.71 -1.60
N LEU E 106 -14.31 -32.43 -1.90
CA LEU E 106 -14.93 -32.84 -3.16
C LEU E 106 -15.12 -31.68 -4.13
N SER E 107 -14.65 -30.48 -3.77
CA SER E 107 -14.91 -29.30 -4.60
C SER E 107 -14.23 -29.41 -5.96
N SER E 108 -12.99 -29.89 -5.99
CA SER E 108 -12.24 -30.02 -7.23
C SER E 108 -11.52 -31.35 -7.24
N VAL E 109 -11.84 -32.20 -8.22
CA VAL E 109 -11.21 -33.49 -8.37
C VAL E 109 -10.76 -33.64 -9.82
N SER E 110 -9.59 -34.26 -10.03
CA SER E 110 -9.12 -34.53 -11.37
C SER E 110 -9.56 -35.89 -11.87
N SER E 111 -9.65 -36.88 -10.97
CA SER E 111 -10.10 -38.21 -11.33
C SER E 111 -11.27 -38.60 -10.43
N PHE E 112 -12.28 -39.25 -11.01
CA PHE E 112 -13.48 -39.67 -10.30
C PHE E 112 -13.99 -40.95 -10.93
N GLU E 113 -13.79 -42.07 -10.23
CA GLU E 113 -14.22 -43.38 -10.70
C GLU E 113 -15.10 -44.03 -9.64
N ARG E 114 -16.40 -44.05 -9.87
CA ARG E 114 -17.29 -44.84 -9.03
C ARG E 114 -17.11 -46.32 -9.33
N PHE E 115 -17.02 -47.12 -8.27
CA PHE E 115 -16.83 -48.55 -8.45
C PHE E 115 -17.41 -49.30 -7.26
N GLU E 116 -17.69 -50.58 -7.47
CA GLU E 116 -18.27 -51.41 -6.42
C GLU E 116 -17.19 -51.86 -5.45
N ILE E 117 -17.29 -51.39 -4.20
CA ILE E 117 -16.35 -51.83 -3.18
C ILE E 117 -16.77 -53.17 -2.58
N PHE E 118 -18.07 -53.45 -2.56
CA PHE E 118 -18.58 -54.73 -2.06
C PHE E 118 -19.77 -55.10 -2.93
N PRO E 119 -19.60 -56.04 -3.84
CA PRO E 119 -20.69 -56.38 -4.76
C PRO E 119 -21.91 -56.89 -4.03
N LYS E 120 -23.08 -56.61 -4.59
CA LYS E 120 -24.34 -57.01 -3.94
C LYS E 120 -24.56 -58.52 -4.08
N GLU E 121 -24.28 -59.07 -5.27
CA GLU E 121 -24.55 -60.48 -5.50
C GLU E 121 -23.68 -61.37 -4.61
N SER E 122 -22.41 -61.02 -4.47
CA SER E 122 -21.51 -61.70 -3.56
C SER E 122 -21.35 -60.87 -2.30
N SER E 123 -20.38 -61.25 -1.47
CA SER E 123 -19.88 -60.48 -0.33
C SER E 123 -20.86 -60.38 0.83
N TRP E 124 -22.11 -60.79 0.67
CA TRP E 124 -23.04 -60.95 1.78
C TRP E 124 -23.84 -62.23 1.61
N PRO E 125 -23.18 -63.40 1.73
CA PRO E 125 -23.92 -64.66 1.62
C PRO E 125 -24.94 -64.92 2.72
N ASN E 126 -24.83 -64.24 3.86
CA ASN E 126 -25.62 -64.58 5.04
C ASN E 126 -26.54 -63.47 5.52
N HIS E 127 -26.69 -62.39 4.76
CA HIS E 127 -27.55 -61.28 5.18
C HIS E 127 -28.45 -60.89 4.02
N THR E 128 -29.62 -60.35 4.36
CA THR E 128 -30.58 -59.88 3.37
C THR E 128 -30.24 -58.46 2.98
N THR E 129 -30.02 -58.23 1.69
CA THR E 129 -29.58 -56.95 1.17
C THR E 129 -30.71 -56.12 0.58
N THR E 130 -31.96 -56.54 0.77
CA THR E 130 -33.11 -55.87 0.17
C THR E 130 -33.75 -54.85 1.09
N GLY E 131 -32.97 -54.25 2.00
CA GLY E 131 -33.48 -53.20 2.85
C GLY E 131 -33.98 -52.01 2.06
N VAL E 132 -35.22 -51.58 2.35
CA VAL E 132 -35.88 -50.51 1.62
C VAL E 132 -36.71 -49.69 2.59
N SER E 133 -36.67 -48.37 2.43
CA SER E 133 -37.38 -47.46 3.31
C SER E 133 -38.32 -46.60 2.49
N ALA E 134 -39.45 -46.24 3.10
CA ALA E 134 -40.45 -45.41 2.43
C ALA E 134 -40.05 -43.96 2.32
N SER E 135 -39.11 -43.49 3.14
CA SER E 135 -38.64 -42.11 3.07
C SER E 135 -37.73 -41.87 1.88
N CYS E 136 -37.29 -42.93 1.20
CA CYS E 136 -36.46 -42.81 0.02
C CYS E 136 -37.19 -43.35 -1.21
N SER E 137 -38.45 -42.98 -1.37
CA SER E 137 -39.27 -43.48 -2.45
C SER E 137 -38.85 -42.89 -3.79
N HIS E 138 -38.66 -43.75 -4.78
CA HIS E 138 -38.34 -43.35 -6.14
C HIS E 138 -39.51 -43.73 -7.04
N ASN E 139 -40.02 -42.75 -7.78
CA ASN E 139 -41.20 -42.91 -8.65
C ASN E 139 -42.28 -43.76 -7.98
N GLY E 140 -42.71 -43.33 -6.80
CA GLY E 140 -43.79 -44.00 -6.10
C GLY E 140 -43.32 -45.11 -5.19
N GLU E 141 -42.69 -46.13 -5.76
CA GLU E 141 -42.22 -47.26 -4.96
C GLU E 141 -41.04 -46.84 -4.08
N SER E 142 -41.01 -47.39 -2.88
CA SER E 142 -39.95 -47.09 -1.92
C SER E 142 -38.63 -47.74 -2.35
N SER E 143 -37.53 -47.08 -2.03
CA SER E 143 -36.20 -47.56 -2.39
C SER E 143 -35.22 -47.12 -1.32
N PHE E 144 -33.93 -47.20 -1.64
CA PHE E 144 -32.87 -46.84 -0.73
C PHE E 144 -31.72 -46.23 -1.53
N TYR E 145 -30.67 -45.83 -0.82
CA TYR E 145 -29.51 -45.23 -1.47
C TYR E 145 -28.86 -46.23 -2.41
N LYS E 146 -28.22 -45.70 -3.46
CA LYS E 146 -27.52 -46.54 -4.41
C LYS E 146 -26.12 -46.92 -3.94
N ASN E 147 -25.41 -46.01 -3.28
CA ASN E 147 -24.04 -46.28 -2.86
C ASN E 147 -23.96 -47.00 -1.52
N LEU E 148 -25.09 -47.28 -0.89
CA LEU E 148 -25.13 -47.98 0.39
C LEU E 148 -25.99 -49.22 0.24
N LEU E 149 -25.97 -50.06 1.27
CA LEU E 149 -26.71 -51.32 1.25
C LEU E 149 -27.17 -51.64 2.67
N TRP E 150 -28.48 -51.69 2.88
CA TRP E 150 -29.06 -51.95 4.20
C TRP E 150 -29.00 -53.45 4.44
N LEU E 151 -28.16 -53.85 5.39
CA LEU E 151 -27.98 -55.26 5.71
C LEU E 151 -28.91 -55.65 6.86
N THR E 152 -29.82 -56.57 6.60
CA THR E 152 -30.76 -57.09 7.59
C THR E 152 -30.58 -58.60 7.70
N GLY E 153 -30.67 -59.09 8.93
CA GLY E 153 -30.43 -60.50 9.21
C GLY E 153 -31.37 -61.43 8.49
N LYS E 154 -30.84 -62.57 8.07
CA LYS E 154 -31.60 -63.61 7.39
C LYS E 154 -32.05 -64.67 8.39
N ASN E 155 -33.16 -65.33 8.05
CA ASN E 155 -33.82 -66.31 8.92
C ASN E 155 -34.13 -65.59 10.23
N GLY E 156 -33.70 -66.11 11.37
CA GLY E 156 -33.87 -65.40 12.63
C GLY E 156 -32.55 -65.09 13.29
N LEU E 157 -31.54 -64.79 12.48
CA LEU E 157 -30.19 -64.57 13.00
C LEU E 157 -29.43 -63.55 12.18
N TYR E 158 -28.64 -62.71 12.86
CA TYR E 158 -27.75 -61.75 12.21
C TYR E 158 -26.32 -62.18 12.47
N PRO E 159 -25.65 -62.81 11.51
CA PRO E 159 -24.29 -63.31 11.75
C PRO E 159 -23.26 -62.20 11.91
N ASN E 160 -22.12 -62.54 12.51
CA ASN E 160 -21.02 -61.61 12.64
C ASN E 160 -20.41 -61.32 11.28
N LEU E 161 -20.02 -60.07 11.06
CA LEU E 161 -19.51 -59.60 9.78
C LEU E 161 -18.01 -59.32 9.86
N SER E 162 -17.31 -59.54 8.74
CA SER E 162 -15.89 -59.21 8.62
C SER E 162 -15.60 -59.04 7.14
N LYS E 163 -15.52 -57.78 6.70
CA LYS E 163 -15.25 -57.46 5.31
C LYS E 163 -14.07 -56.51 5.20
N SER E 164 -13.06 -56.92 4.44
CA SER E 164 -11.84 -56.14 4.30
C SER E 164 -11.64 -55.77 2.83
N TYR E 165 -11.35 -54.50 2.58
CA TYR E 165 -11.00 -54.03 1.24
C TYR E 165 -9.60 -53.45 1.27
N ALA E 166 -8.76 -53.87 0.33
CA ALA E 166 -7.41 -53.37 0.19
C ALA E 166 -7.35 -52.41 -0.99
N ASN E 167 -6.82 -51.21 -0.76
CA ASN E 167 -6.73 -50.22 -1.81
C ASN E 167 -5.64 -50.61 -2.81
N ASN E 168 -6.02 -50.78 -4.06
CA ASN E 168 -5.11 -51.17 -5.13
C ASN E 168 -5.35 -50.33 -6.38
N LYS E 169 -5.60 -49.04 -6.20
CA LYS E 169 -5.87 -48.14 -7.31
C LYS E 169 -4.84 -47.03 -7.45
N GLU E 170 -3.82 -47.01 -6.60
CA GLU E 170 -2.81 -45.94 -6.56
C GLU E 170 -3.43 -44.56 -6.36
N LYS E 171 -4.69 -44.53 -5.92
CA LYS E 171 -5.42 -43.29 -5.66
C LYS E 171 -6.20 -43.46 -4.37
N GLU E 172 -6.42 -42.37 -3.66
CA GLU E 172 -7.20 -42.44 -2.43
C GLU E 172 -8.66 -42.73 -2.75
N VAL E 173 -9.28 -43.56 -1.91
CA VAL E 173 -10.65 -44.02 -2.15
C VAL E 173 -11.55 -43.49 -1.05
N LEU E 174 -12.66 -42.87 -1.44
CA LEU E 174 -13.65 -42.36 -0.51
C LEU E 174 -14.67 -43.44 -0.20
N VAL E 175 -14.73 -43.85 1.07
CA VAL E 175 -15.58 -44.94 1.50
C VAL E 175 -16.64 -44.36 2.43
N LEU E 176 -17.90 -44.62 2.12
CA LEU E 176 -19.04 -44.13 2.90
C LEU E 176 -19.82 -45.30 3.47
N TRP E 177 -20.21 -45.18 4.73
CA TRP E 177 -21.03 -46.19 5.39
C TRP E 177 -21.97 -45.50 6.36
N GLY E 178 -22.83 -46.29 7.00
CA GLY E 178 -23.80 -45.75 7.92
C GLY E 178 -24.04 -46.68 9.08
N VAL E 179 -24.63 -46.12 10.14
CA VAL E 179 -25.02 -46.86 11.33
C VAL E 179 -26.46 -46.53 11.65
N HIS E 180 -27.28 -47.56 11.86
CA HIS E 180 -28.70 -47.39 12.10
C HIS E 180 -29.00 -47.30 13.59
N HIS E 181 -29.81 -46.31 13.95
CA HIS E 181 -30.28 -46.11 15.32
C HIS E 181 -31.80 -46.23 15.29
N PRO E 182 -32.33 -47.40 15.64
CA PRO E 182 -33.78 -47.62 15.57
C PRO E 182 -34.50 -46.90 16.69
N PRO E 183 -35.79 -46.63 16.52
CA PRO E 183 -36.50 -45.81 17.51
C PRO E 183 -36.88 -46.55 18.78
N ASN E 184 -37.01 -47.87 18.75
CA ASN E 184 -37.44 -48.61 19.93
C ASN E 184 -36.76 -49.97 19.95
N ILE E 185 -36.80 -50.60 21.12
CA ILE E 185 -36.12 -51.88 21.32
C ILE E 185 -36.75 -52.95 20.42
N GLY E 186 -38.06 -52.85 20.22
CA GLY E 186 -38.74 -53.82 19.36
C GLY E 186 -38.20 -53.82 17.96
N ASP E 187 -37.95 -52.64 17.39
CA ASP E 187 -37.37 -52.56 16.06
C ASP E 187 -35.98 -53.16 16.03
N GLN E 188 -35.18 -52.90 17.06
CA GLN E 188 -33.83 -53.46 17.13
C GLN E 188 -33.88 -54.98 17.12
N ARG E 189 -34.73 -55.61 17.78
CA ARG E 189 -34.69 -57.10 17.83
C ARG E 189 -35.32 -57.64 16.56
N ALA E 190 -36.35 -56.87 16.05
CA ALA E 190 -36.94 -57.34 14.81
C ALA E 190 -35.91 -57.38 13.68
N LEU E 191 -35.17 -56.29 13.52
CA LEU E 191 -34.26 -56.19 12.38
C LEU E 191 -32.95 -56.94 12.61
N TYR E 192 -32.40 -56.87 13.82
CA TYR E 192 -31.04 -57.37 14.04
C TYR E 192 -30.94 -58.51 15.05
N HIS E 193 -31.99 -58.83 15.79
CA HIS E 193 -32.07 -59.99 16.67
C HIS E 193 -31.10 -59.93 17.84
N LYS E 194 -30.41 -58.82 18.03
CA LYS E 194 -29.54 -58.62 19.19
C LYS E 194 -29.98 -57.37 19.93
N GLU E 195 -29.91 -57.43 21.26
CA GLU E 195 -30.27 -56.29 22.08
C GLU E 195 -29.24 -55.16 21.94
N ASN E 196 -27.97 -55.50 21.96
CA ASN E 196 -26.89 -54.53 21.79
C ASN E 196 -25.96 -54.98 20.68
N ALA E 197 -25.57 -54.06 19.83
CA ALA E 197 -24.74 -54.35 18.66
C ALA E 197 -23.60 -53.36 18.60
N TYR E 198 -22.59 -53.69 17.80
CA TYR E 198 -21.43 -52.85 17.62
C TYR E 198 -21.06 -52.80 16.14
N VAL E 199 -20.42 -51.71 15.74
CA VAL E 199 -19.87 -51.58 14.40
C VAL E 199 -18.46 -51.02 14.54
N SER E 200 -17.45 -51.84 14.24
CA SER E 200 -16.06 -51.42 14.30
C SER E 200 -15.54 -51.24 12.88
N VAL E 201 -15.01 -50.06 12.60
CA VAL E 201 -14.35 -49.76 11.33
C VAL E 201 -12.90 -49.44 11.64
N VAL E 202 -11.99 -50.18 11.02
CA VAL E 202 -10.57 -50.09 11.33
C VAL E 202 -9.78 -49.90 10.04
N SER E 203 -8.89 -48.90 10.03
CA SER E 203 -7.95 -48.70 8.95
C SER E 203 -6.61 -48.35 9.56
N SER E 204 -5.63 -48.08 8.69
CA SER E 204 -4.30 -47.74 9.18
C SER E 204 -4.29 -46.41 9.90
N HIS E 205 -5.25 -45.54 9.59
CA HIS E 205 -5.27 -44.19 10.14
C HIS E 205 -6.64 -43.75 10.63
N TYR E 206 -7.57 -44.68 10.80
CA TYR E 206 -8.93 -44.34 11.23
C TYR E 206 -9.55 -45.54 11.91
N SER E 207 -9.74 -45.47 13.21
CA SER E 207 -10.44 -46.53 13.92
C SER E 207 -11.61 -45.91 14.66
N ARG E 208 -12.77 -46.55 14.61
CA ARG E 208 -13.91 -46.05 15.40
C ARG E 208 -14.86 -47.20 15.69
N LYS E 209 -15.45 -47.19 16.85
CA LYS E 209 -16.46 -48.13 17.31
C LYS E 209 -17.77 -47.39 17.49
N PHE E 210 -18.86 -47.97 17.01
CA PHE E 210 -20.19 -47.39 17.06
C PHE E 210 -21.14 -48.34 17.77
N THR E 211 -22.09 -47.77 18.50
CA THR E 211 -23.14 -48.51 19.17
C THR E 211 -24.49 -47.86 18.90
N PRO E 212 -25.53 -48.67 18.67
CA PRO E 212 -26.88 -48.12 18.54
C PRO E 212 -27.29 -47.30 19.75
N GLU E 213 -28.00 -46.20 19.48
CA GLU E 213 -28.48 -45.29 20.52
C GLU E 213 -29.97 -45.09 20.30
N ILE E 214 -30.77 -45.94 20.94
CA ILE E 214 -32.21 -45.96 20.70
C ILE E 214 -32.89 -44.80 21.42
N ALA E 215 -33.71 -44.07 20.67
CA ALA E 215 -34.45 -42.95 21.24
C ALA E 215 -35.68 -42.69 20.38
N LYS E 216 -36.64 -41.98 20.97
CA LYS E 216 -37.86 -41.61 20.27
C LYS E 216 -37.71 -40.21 19.69
N ARG E 217 -36.83 -40.10 18.71
CA ARG E 217 -36.56 -38.82 18.08
C ARG E 217 -37.78 -38.37 17.28
N PRO E 218 -37.95 -37.06 17.11
CA PRO E 218 -39.13 -36.55 16.43
C PRO E 218 -39.21 -37.04 14.98
N LYS E 219 -40.43 -37.16 14.49
CA LYS E 219 -40.69 -37.72 13.17
C LYS E 219 -40.27 -36.72 12.11
N VAL E 220 -39.17 -37.02 11.43
CA VAL E 220 -38.69 -36.25 10.28
C VAL E 220 -38.66 -37.17 9.08
N ARG E 221 -39.29 -36.74 7.98
CA ARG E 221 -39.48 -37.58 6.80
C ARG E 221 -40.19 -38.89 7.17
N ASP E 222 -41.15 -38.81 8.08
CA ASP E 222 -41.96 -39.99 8.46
C ASP E 222 -41.21 -40.93 9.41
N GLN E 223 -39.88 -40.98 9.35
CA GLN E 223 -39.16 -42.00 10.15
C GLN E 223 -38.78 -41.42 11.52
N GLU E 224 -38.76 -42.26 12.54
CA GLU E 224 -38.38 -41.84 13.91
C GLU E 224 -36.96 -42.30 14.18
N GLY E 225 -36.52 -43.39 13.55
CA GLY E 225 -35.14 -43.77 13.69
C GLY E 225 -34.24 -42.90 12.84
N ARG E 226 -32.93 -43.14 12.95
CA ARG E 226 -31.96 -42.35 12.22
C ARG E 226 -30.89 -43.24 11.63
N ILE E 227 -30.18 -42.71 10.64
CA ILE E 227 -28.96 -43.33 10.12
C ILE E 227 -27.86 -42.27 10.16
N ASN E 228 -26.82 -42.54 10.94
CA ASN E 228 -25.67 -41.65 11.00
C ASN E 228 -24.65 -42.08 9.94
N TYR E 229 -24.24 -41.12 9.11
CA TYR E 229 -23.39 -41.40 7.95
C TYR E 229 -21.95 -41.01 8.25
N TYR E 230 -21.03 -41.84 7.78
CA TYR E 230 -19.61 -41.65 8.03
C TYR E 230 -18.83 -41.92 6.75
N TRP E 231 -17.64 -41.34 6.67
CA TRP E 231 -16.81 -41.46 5.49
C TRP E 231 -15.34 -41.48 5.89
N THR E 232 -14.53 -42.01 5.00
CA THR E 232 -13.08 -42.05 5.19
C THR E 232 -12.40 -41.98 3.84
N LEU E 233 -11.11 -41.59 3.87
CA LEU E 233 -10.27 -41.53 2.69
C LEU E 233 -9.14 -42.53 2.86
N LEU E 234 -9.26 -43.67 2.18
CA LEU E 234 -8.22 -44.67 2.21
C LEU E 234 -7.05 -44.26 1.32
N GLU E 235 -5.84 -44.37 1.85
CA GLU E 235 -4.64 -44.13 1.09
C GLU E 235 -4.39 -45.28 0.12
N PRO E 236 -3.58 -45.05 -0.91
CA PRO E 236 -3.15 -46.17 -1.75
C PRO E 236 -2.40 -47.21 -0.94
N GLY E 237 -2.65 -48.48 -1.23
CA GLY E 237 -2.03 -49.57 -0.51
C GLY E 237 -2.42 -49.63 0.96
N ASP E 238 -3.71 -49.50 1.23
CA ASP E 238 -4.20 -49.52 2.61
C ASP E 238 -5.47 -50.37 2.65
N THR E 239 -5.80 -50.82 3.85
CA THR E 239 -6.90 -51.76 4.07
C THR E 239 -7.91 -51.16 5.03
N ILE E 240 -9.19 -51.34 4.70
CA ILE E 240 -10.28 -50.99 5.60
C ILE E 240 -10.99 -52.28 5.99
N ILE E 241 -11.34 -52.38 7.27
CA ILE E 241 -11.96 -53.57 7.85
C ILE E 241 -13.27 -53.16 8.50
N PHE E 242 -14.35 -53.83 8.13
CA PHE E 242 -15.66 -53.64 8.74
C PHE E 242 -16.03 -54.89 9.52
N GLU E 243 -16.38 -54.71 10.79
CA GLU E 243 -16.91 -55.78 11.62
C GLU E 243 -18.19 -55.28 12.28
N ALA E 244 -19.23 -56.09 12.27
CA ALA E 244 -20.48 -55.67 12.86
C ALA E 244 -21.37 -56.88 13.12
N ASN E 245 -22.12 -56.82 14.21
CA ASN E 245 -23.20 -57.77 14.47
C ASN E 245 -24.57 -57.13 14.34
N GLY E 246 -24.64 -55.92 13.80
CA GLY E 246 -25.91 -55.26 13.60
C GLY E 246 -25.70 -53.78 13.35
N ASN E 247 -26.76 -53.15 12.86
CA ASN E 247 -26.81 -51.70 12.66
C ASN E 247 -25.71 -51.21 11.73
N LEU E 248 -25.61 -51.80 10.54
CA LEU E 248 -24.58 -51.43 9.57
C LEU E 248 -25.23 -51.22 8.21
N ILE E 249 -25.20 -49.98 7.73
CA ILE E 249 -25.58 -49.67 6.36
C ILE E 249 -24.28 -49.78 5.55
N ALA E 250 -24.02 -50.97 5.03
CA ALA E 250 -22.71 -51.31 4.50
C ALA E 250 -22.42 -50.51 3.24
N PRO E 251 -21.15 -50.22 2.98
CA PRO E 251 -20.79 -49.58 1.70
C PRO E 251 -21.03 -50.52 0.53
N ARG E 252 -21.53 -49.95 -0.55
CA ARG E 252 -21.76 -50.66 -1.80
C ARG E 252 -20.88 -50.13 -2.92
N TYR E 253 -20.90 -48.82 -3.15
CA TYR E 253 -20.09 -48.17 -4.16
C TYR E 253 -19.12 -47.21 -3.49
N ALA E 254 -17.89 -47.18 -4.02
CA ALA E 254 -16.86 -46.30 -3.52
C ALA E 254 -16.50 -45.30 -4.61
N PHE E 255 -15.48 -44.48 -4.34
CA PHE E 255 -15.10 -43.41 -5.25
C PHE E 255 -13.59 -43.26 -5.23
N ALA E 256 -12.95 -43.39 -6.38
CA ALA E 256 -11.53 -43.15 -6.48
C ALA E 256 -11.27 -41.67 -6.78
N LEU E 257 -10.43 -41.06 -5.97
CA LEU E 257 -10.25 -39.61 -5.99
C LEU E 257 -8.80 -39.25 -6.23
N SER E 258 -8.58 -38.27 -7.09
CA SER E 258 -7.33 -37.52 -7.15
C SER E 258 -7.71 -36.06 -6.98
N ARG E 259 -7.12 -35.40 -5.99
CA ARG E 259 -7.53 -34.05 -5.62
C ARG E 259 -6.55 -33.05 -6.22
N GLY E 260 -7.07 -32.10 -6.97
CA GLY E 260 -6.28 -31.07 -7.62
C GLY E 260 -6.25 -29.78 -6.83
N PHE E 261 -6.26 -28.66 -7.54
CA PHE E 261 -6.23 -27.34 -6.91
C PHE E 261 -7.47 -27.14 -6.07
N GLY E 262 -7.29 -26.54 -4.88
CA GLY E 262 -8.39 -26.26 -3.99
C GLY E 262 -9.46 -25.38 -4.61
N SER E 263 -10.73 -25.74 -4.41
CA SER E 263 -11.83 -25.01 -4.99
C SER E 263 -12.99 -24.89 -4.02
N GLY E 264 -14.16 -24.51 -4.50
CA GLY E 264 -15.30 -24.31 -3.61
C GLY E 264 -16.60 -24.70 -4.27
N ILE E 265 -17.68 -24.35 -3.58
CA ILE E 265 -19.04 -24.65 -4.01
C ILE E 265 -19.80 -23.34 -4.17
N ILE E 266 -20.47 -23.18 -5.31
CA ILE E 266 -21.25 -21.98 -5.57
C ILE E 266 -22.72 -22.29 -5.37
N ASN E 267 -23.35 -21.59 -4.42
CA ASN E 267 -24.77 -21.75 -4.15
C ASN E 267 -25.50 -20.65 -4.90
N SER E 268 -25.94 -20.97 -6.11
CA SER E 268 -26.57 -20.00 -6.99
C SER E 268 -27.56 -20.70 -7.90
N ASN E 269 -28.30 -19.90 -8.66
CA ASN E 269 -29.26 -20.39 -9.65
C ASN E 269 -29.10 -19.51 -10.89
N ALA E 270 -28.22 -19.93 -11.79
CA ALA E 270 -27.90 -19.18 -12.99
C ALA E 270 -27.76 -20.14 -14.16
N PRO E 271 -28.02 -19.67 -15.38
CA PRO E 271 -27.85 -20.52 -16.56
C PRO E 271 -26.43 -21.05 -16.67
N MET E 272 -26.34 -22.28 -17.16
CA MET E 272 -25.09 -22.97 -17.38
C MET E 272 -24.74 -22.88 -18.87
N ASP E 273 -23.57 -22.33 -19.18
CA ASP E 273 -23.16 -22.14 -20.57
C ASP E 273 -21.78 -22.75 -20.78
N GLU E 274 -21.21 -22.48 -21.97
CA GLU E 274 -19.97 -23.09 -22.39
C GLU E 274 -18.89 -22.05 -22.67
N CYS E 275 -18.72 -21.10 -21.76
CA CYS E 275 -17.71 -20.06 -21.90
C CYS E 275 -16.35 -20.61 -21.47
N ASP E 276 -15.39 -19.73 -21.28
CA ASP E 276 -14.13 -20.06 -20.62
C ASP E 276 -13.65 -18.80 -19.91
N ALA E 277 -13.97 -18.68 -18.62
CA ALA E 277 -13.69 -17.50 -17.85
C ALA E 277 -12.66 -17.82 -16.78
N LYS E 278 -12.10 -16.76 -16.18
CA LYS E 278 -11.11 -16.91 -15.12
C LYS E 278 -11.70 -16.74 -13.73
N CYS E 279 -12.78 -15.97 -13.58
CA CYS E 279 -13.46 -15.83 -12.31
C CYS E 279 -14.95 -16.05 -12.44
N GLN E 280 -15.52 -16.75 -11.47
CA GLN E 280 -16.94 -17.03 -11.40
C GLN E 280 -17.49 -16.59 -10.05
N THR E 281 -18.68 -15.98 -10.07
CA THR E 281 -19.36 -15.50 -8.88
C THR E 281 -20.71 -16.21 -8.79
N PRO E 282 -21.38 -16.20 -7.63
CA PRO E 282 -22.74 -16.73 -7.56
C PRO E 282 -23.76 -15.95 -8.39
N GLN E 283 -23.33 -14.95 -9.15
CA GLN E 283 -24.24 -14.23 -10.04
C GLN E 283 -23.87 -14.37 -11.51
N GLY E 284 -22.63 -14.69 -11.83
CA GLY E 284 -22.18 -14.80 -13.20
C GLY E 284 -20.67 -14.81 -13.31
N ALA E 285 -20.19 -14.98 -14.54
CA ALA E 285 -18.75 -15.01 -14.77
C ALA E 285 -18.24 -13.60 -15.07
N ILE E 286 -17.03 -13.33 -14.61
CA ILE E 286 -16.40 -12.02 -14.81
C ILE E 286 -15.37 -12.15 -15.93
N ASN E 287 -15.64 -11.48 -17.05
CA ASN E 287 -14.71 -11.41 -18.16
C ASN E 287 -14.03 -10.05 -18.10
N SER E 288 -13.03 -9.93 -17.23
CA SER E 288 -12.39 -8.64 -16.99
C SER E 288 -10.89 -8.83 -16.84
N SER E 289 -10.14 -7.91 -17.46
CA SER E 289 -8.70 -7.79 -17.26
C SER E 289 -8.35 -6.70 -16.27
N LEU E 290 -9.34 -6.00 -15.74
CA LEU E 290 -9.15 -4.93 -14.78
C LEU E 290 -8.71 -5.49 -13.42
N PRO E 291 -7.99 -4.71 -12.63
CA PRO E 291 -7.39 -5.26 -11.41
C PRO E 291 -8.35 -5.34 -10.23
N PHE E 292 -9.51 -4.70 -10.28
CA PHE E 292 -10.43 -4.68 -9.16
C PHE E 292 -11.85 -5.00 -9.62
N GLN E 293 -12.69 -5.34 -8.65
CA GLN E 293 -14.10 -5.63 -8.90
C GLN E 293 -14.89 -5.28 -7.65
N ASN E 294 -16.19 -5.08 -7.83
CA ASN E 294 -17.12 -4.87 -6.73
C ASN E 294 -18.38 -5.69 -6.95
N VAL E 295 -18.26 -6.79 -7.69
CA VAL E 295 -19.41 -7.63 -7.99
C VAL E 295 -19.79 -8.46 -6.78
N HIS E 296 -18.84 -9.27 -6.28
CA HIS E 296 -19.13 -10.16 -5.17
C HIS E 296 -17.85 -10.55 -4.44
N PRO E 297 -17.83 -10.47 -3.11
CA PRO E 297 -16.62 -10.87 -2.38
C PRO E 297 -16.28 -12.34 -2.51
N VAL E 298 -17.28 -13.22 -2.56
CA VAL E 298 -17.05 -14.65 -2.65
C VAL E 298 -16.94 -15.03 -4.12
N THR E 299 -15.73 -15.34 -4.56
CA THR E 299 -15.44 -15.60 -5.96
C THR E 299 -14.61 -16.87 -6.08
N ILE E 300 -14.61 -17.45 -7.26
CA ILE E 300 -13.83 -18.66 -7.54
C ILE E 300 -12.96 -18.40 -8.77
N GLY E 301 -11.71 -18.84 -8.71
CA GLY E 301 -10.76 -18.63 -9.76
C GLY E 301 -9.87 -17.42 -9.52
N GLU E 302 -8.92 -17.23 -10.43
CA GLU E 302 -8.05 -16.06 -10.42
C GLU E 302 -8.89 -14.83 -10.70
N CYS E 303 -9.01 -13.95 -9.71
CA CYS E 303 -10.03 -12.92 -9.72
C CYS E 303 -9.43 -11.54 -9.50
N PRO E 304 -10.07 -10.50 -10.02
CA PRO E 304 -9.76 -9.14 -9.55
C PRO E 304 -10.07 -9.02 -8.07
N LYS E 305 -9.24 -8.25 -7.38
CA LYS E 305 -9.40 -8.08 -5.94
C LYS E 305 -10.67 -7.29 -5.64
N TYR E 306 -11.49 -7.82 -4.74
CA TYR E 306 -12.73 -7.17 -4.37
C TYR E 306 -12.44 -5.93 -3.52
N VAL E 307 -13.09 -4.83 -3.86
CA VAL E 307 -12.92 -3.57 -3.16
C VAL E 307 -14.30 -2.98 -2.86
N ARG E 308 -14.43 -2.37 -1.69
CA ARG E 308 -15.68 -1.75 -1.25
C ARG E 308 -15.78 -0.32 -1.81
N SER E 309 -15.59 -0.21 -3.11
CA SER E 309 -15.59 1.08 -3.80
C SER E 309 -16.60 1.05 -4.94
N ALA E 310 -17.22 2.21 -5.18
CA ALA E 310 -18.22 2.33 -6.22
C ALA E 310 -17.67 2.88 -7.53
N LYS E 311 -16.48 3.47 -7.53
CA LYS E 311 -15.93 4.11 -8.72
C LYS E 311 -14.43 4.21 -8.59
N LEU E 312 -13.71 3.66 -9.57
CA LEU E 312 -12.26 3.80 -9.69
C LEU E 312 -11.95 4.14 -11.14
N ARG E 313 -11.95 5.43 -11.48
CA ARG E 313 -11.56 5.84 -12.85
C ARG E 313 -10.29 6.68 -12.79
N MET E 314 -9.37 6.36 -13.67
CA MET E 314 -8.04 6.94 -13.72
C MET E 314 -7.93 7.86 -14.92
N VAL E 315 -7.49 9.09 -14.69
CA VAL E 315 -7.43 10.07 -15.76
C VAL E 315 -6.27 9.77 -16.70
N THR E 316 -6.53 9.82 -18.00
CA THR E 316 -5.51 9.71 -19.02
C THR E 316 -5.36 11.00 -19.82
N GLY E 317 -6.44 11.77 -19.95
CA GLY E 317 -6.38 13.06 -20.59
C GLY E 317 -6.06 14.16 -19.59
N LEU E 318 -6.46 15.37 -19.95
CA LEU E 318 -6.24 16.54 -19.12
C LEU E 318 -7.56 17.19 -18.75
N ARG E 319 -7.48 18.27 -17.98
CA ARG E 319 -8.69 18.96 -17.54
C ARG E 319 -9.46 19.51 -18.73
N ASN E 320 -10.78 19.42 -18.64
CA ASN E 320 -11.65 19.87 -19.72
C ASN E 320 -12.08 21.30 -19.46
N ILE E 321 -11.53 22.24 -20.21
CA ILE E 321 -11.86 23.65 -20.10
C ILE E 321 -12.22 24.18 -21.48
N PRO E 322 -13.42 23.87 -22.00
CA PRO E 322 -13.82 24.31 -23.34
C PRO E 322 -14.36 25.72 -23.38
N LEU F 2 2.13 21.61 -9.63
CA LEU F 2 1.53 22.45 -10.66
C LEU F 2 2.58 23.35 -11.29
N PHE F 3 2.49 23.51 -12.61
CA PHE F 3 3.50 24.23 -13.37
C PHE F 3 2.98 25.53 -13.97
N GLY F 4 1.70 25.85 -13.79
CA GLY F 4 1.18 27.15 -14.16
C GLY F 4 0.67 27.31 -15.57
N ALA F 5 0.76 26.27 -16.40
CA ALA F 5 0.33 26.42 -17.79
C ALA F 5 -1.16 26.19 -17.95
N ILE F 6 -1.65 25.01 -17.58
CA ILE F 6 -3.06 24.70 -17.66
C ILE F 6 -3.79 25.38 -16.52
N ALA F 7 -4.88 26.08 -16.85
CA ALA F 7 -5.63 26.91 -15.90
C ALA F 7 -4.76 28.01 -15.29
N GLY F 8 -3.67 28.35 -15.97
CA GLY F 8 -2.75 29.38 -15.52
C GLY F 8 -2.65 30.51 -16.53
N PHE F 9 -1.46 30.70 -17.11
CA PHE F 9 -1.33 31.74 -18.12
C PHE F 9 -1.94 31.33 -19.44
N ILE F 10 -2.30 30.06 -19.60
CA ILE F 10 -3.15 29.60 -20.69
C ILE F 10 -4.47 29.18 -20.07
N GLU F 11 -5.50 30.00 -20.27
CA GLU F 11 -6.72 29.86 -19.48
C GLU F 11 -7.50 28.61 -19.88
N GLY F 12 -7.93 28.53 -21.14
CA GLY F 12 -8.81 27.47 -21.54
C GLY F 12 -8.27 26.60 -22.65
N GLY F 13 -8.92 25.46 -22.88
CA GLY F 13 -8.52 24.56 -23.94
C GLY F 13 -9.16 24.91 -25.26
N TRP F 14 -8.75 24.18 -26.29
CA TRP F 14 -9.23 24.37 -27.64
C TRP F 14 -10.02 23.16 -28.08
N THR F 15 -11.30 23.36 -28.41
CA THR F 15 -12.12 22.28 -28.96
C THR F 15 -11.85 22.05 -30.44
N GLY F 16 -11.30 23.04 -31.14
CA GLY F 16 -11.00 22.89 -32.55
C GLY F 16 -9.81 22.01 -32.83
N MET F 17 -8.87 21.91 -31.89
CA MET F 17 -7.70 21.04 -32.05
C MET F 17 -8.12 19.65 -31.63
N VAL F 18 -8.38 18.79 -32.61
CA VAL F 18 -8.99 17.49 -32.39
C VAL F 18 -8.03 16.34 -32.68
N ASP F 19 -6.75 16.64 -32.91
CA ASP F 19 -5.78 15.61 -33.28
C ASP F 19 -4.63 15.47 -32.29
N GLY F 20 -4.73 16.04 -31.10
CA GLY F 20 -3.69 15.85 -30.11
C GLY F 20 -4.00 16.61 -28.84
N TRP F 21 -3.23 16.30 -27.80
CA TRP F 21 -3.38 16.98 -26.52
C TRP F 21 -2.80 18.39 -26.55
N TYR F 22 -1.62 18.50 -27.11
CA TYR F 22 -0.92 19.79 -27.13
C TYR F 22 -0.68 20.16 -28.54
N GLY F 23 -0.68 21.47 -28.85
CA GLY F 23 -0.56 21.85 -30.26
C GLY F 23 -0.36 23.34 -30.48
N TYR F 24 -0.83 23.86 -31.62
CA TYR F 24 -0.57 25.28 -31.95
C TYR F 24 -1.79 25.94 -32.59
N HIS F 25 -1.86 27.27 -32.52
CA HIS F 25 -2.95 28.04 -33.19
C HIS F 25 -2.26 29.17 -33.96
N HIS F 26 -2.26 29.10 -35.29
CA HIS F 26 -1.48 30.08 -36.08
C HIS F 26 -2.40 31.05 -36.78
N GLN F 27 -1.92 32.25 -37.12
CA GLN F 27 -2.70 33.19 -37.95
C GLN F 27 -1.71 33.83 -38.92
N ASN F 28 -1.90 33.67 -40.22
CA ASN F 28 -1.07 34.29 -41.28
C ASN F 28 -2.05 34.85 -42.29
N GLU F 29 -1.60 35.60 -43.28
CA GLU F 29 -2.46 36.10 -44.35
C GLU F 29 -3.20 34.98 -45.04
N GLN F 30 -2.66 33.76 -44.99
CA GLN F 30 -3.30 32.60 -45.60
C GLN F 30 -4.39 31.99 -44.73
N GLY F 31 -4.45 32.35 -43.45
CA GLY F 31 -5.51 31.93 -42.57
C GLY F 31 -4.98 31.37 -41.27
N SER F 32 -5.93 31.04 -40.39
CA SER F 32 -5.63 30.44 -39.09
C SER F 32 -5.98 28.96 -39.12
N GLY F 33 -5.44 28.24 -38.16
CA GLY F 33 -5.63 26.80 -38.11
C GLY F 33 -5.42 26.21 -36.73
N TYR F 34 -5.15 24.91 -36.69
CA TYR F 34 -4.97 24.17 -35.45
C TYR F 34 -4.17 22.93 -35.77
N ALA F 35 -2.97 22.82 -35.20
CA ALA F 35 -2.10 21.68 -35.46
C ALA F 35 -1.50 21.18 -34.16
N ALA F 36 -1.55 19.88 -33.96
CA ALA F 36 -1.02 19.28 -32.74
C ALA F 36 0.48 19.03 -32.85
N ASP F 37 1.15 19.10 -31.71
CA ASP F 37 2.56 18.76 -31.64
C ASP F 37 2.68 17.24 -31.49
N GLN F 38 3.12 16.58 -32.56
CA GLN F 38 3.10 15.12 -32.57
C GLN F 38 4.15 14.52 -31.65
N LYS F 39 5.31 15.16 -31.52
CA LYS F 39 6.37 14.61 -30.66
C LYS F 39 5.95 14.60 -29.19
N SER F 40 5.50 15.75 -28.68
CA SER F 40 5.13 15.85 -27.28
C SER F 40 3.91 14.99 -26.97
N THR F 41 2.92 15.01 -27.85
CA THR F 41 1.73 14.19 -27.66
C THR F 41 2.08 12.71 -27.69
N GLN F 42 2.99 12.30 -28.58
CA GLN F 42 3.37 10.90 -28.64
C GLN F 42 4.10 10.46 -27.38
N ASN F 43 4.99 11.31 -26.87
CA ASN F 43 5.68 10.99 -25.62
C ASN F 43 4.68 10.88 -24.46
N ALA F 44 3.73 11.81 -24.40
CA ALA F 44 2.72 11.74 -23.35
C ALA F 44 1.87 10.47 -23.48
N ILE F 45 1.51 10.10 -24.71
CA ILE F 45 0.71 8.90 -24.93
C ILE F 45 1.46 7.67 -24.47
N ASN F 46 2.74 7.58 -24.82
CA ASN F 46 3.56 6.46 -24.38
C ASN F 46 3.63 6.40 -22.86
N GLY F 47 3.85 7.54 -22.21
CA GLY F 47 3.94 7.55 -20.75
C GLY F 47 2.65 7.12 -20.08
N ILE F 48 1.52 7.67 -20.54
CA ILE F 48 0.24 7.38 -19.89
C ILE F 48 -0.17 5.93 -20.16
N THR F 49 0.11 5.43 -21.38
CA THR F 49 -0.18 4.03 -21.68
C THR F 49 0.63 3.11 -20.79
N ASN F 50 1.91 3.45 -20.59
CA ASN F 50 2.74 2.65 -19.69
C ASN F 50 2.22 2.71 -18.26
N LYS F 51 1.74 3.88 -17.83
CA LYS F 51 1.18 4.00 -16.48
C LYS F 51 -0.04 3.11 -16.30
N VAL F 52 -0.95 3.13 -17.27
CA VAL F 52 -2.16 2.30 -17.19
C VAL F 52 -1.78 0.83 -17.20
N ASN F 53 -0.84 0.46 -18.06
CA ASN F 53 -0.40 -0.94 -18.13
C ASN F 53 0.26 -1.37 -16.83
N SER F 54 1.04 -0.49 -16.21
CA SER F 54 1.68 -0.83 -14.94
C SER F 54 0.64 -1.03 -13.84
N VAL F 55 -0.38 -0.17 -13.81
CA VAL F 55 -1.42 -0.33 -12.81
C VAL F 55 -2.18 -1.63 -13.03
N ILE F 56 -2.51 -1.96 -14.27
CA ILE F 56 -3.36 -3.11 -14.55
C ILE F 56 -2.60 -4.42 -14.41
N GLU F 57 -1.41 -4.51 -14.98
CA GLU F 57 -0.72 -5.77 -15.17
C GLU F 57 0.18 -6.18 -14.01
N LYS F 58 0.35 -5.34 -12.99
CA LYS F 58 1.15 -5.72 -11.84
C LYS F 58 0.35 -6.53 -10.81
N MET F 59 -0.93 -6.77 -11.05
CA MET F 59 -1.73 -7.66 -10.21
C MET F 59 -1.71 -9.05 -10.82
N ASN F 60 -0.86 -9.91 -10.26
CA ASN F 60 -0.80 -11.32 -10.61
C ASN F 60 -1.37 -12.12 -9.46
N THR F 61 -2.42 -12.88 -9.73
CA THR F 61 -3.14 -13.62 -8.69
C THR F 61 -2.97 -15.11 -8.90
N GLN F 62 -3.42 -15.88 -7.91
CA GLN F 62 -3.38 -17.33 -7.96
C GLN F 62 -4.78 -17.88 -7.72
N PHE F 63 -5.02 -19.08 -8.24
CA PHE F 63 -6.32 -19.72 -8.08
C PHE F 63 -6.65 -19.93 -6.61
N THR F 64 -7.71 -19.27 -6.15
CA THR F 64 -8.17 -19.41 -4.77
C THR F 64 -9.69 -19.44 -4.76
N ALA F 65 -10.26 -20.06 -3.74
CA ALA F 65 -11.72 -20.03 -3.53
C ALA F 65 -11.94 -19.33 -2.19
N VAL F 66 -12.58 -18.17 -2.21
CA VAL F 66 -12.73 -17.36 -0.96
C VAL F 66 -14.07 -17.69 -0.29
N GLY F 67 -14.31 -18.96 -0.01
CA GLY F 67 -15.53 -19.34 0.71
C GLY F 67 -15.27 -20.59 1.51
N LYS F 68 -15.55 -20.58 2.80
CA LYS F 68 -15.44 -21.81 3.61
C LYS F 68 -16.71 -21.98 4.39
N GLU F 69 -17.16 -23.21 4.54
CA GLU F 69 -18.34 -23.48 5.39
C GLU F 69 -17.86 -24.09 6.72
N PHE F 70 -18.44 -23.65 7.83
CA PHE F 70 -18.08 -24.17 9.18
C PHE F 70 -19.37 -24.47 9.94
N ASN F 71 -19.39 -25.53 10.76
CA ASN F 71 -20.57 -25.89 11.55
C ASN F 71 -20.66 -25.00 12.79
N LYS F 72 -21.80 -25.14 13.49
CA LYS F 72 -22.09 -24.25 14.60
C LYS F 72 -21.12 -24.42 15.76
N LEU F 73 -20.40 -25.53 15.82
CA LEU F 73 -19.40 -25.70 16.86
C LEU F 73 -18.08 -25.08 16.51
N GLU F 74 -17.94 -24.40 15.37
CA GLU F 74 -16.70 -23.72 15.01
C GLU F 74 -17.03 -22.27 14.66
N ARG F 75 -17.06 -21.41 15.69
CA ARG F 75 -17.26 -19.99 15.48
C ARG F 75 -15.94 -19.24 15.44
N ARG F 76 -14.94 -19.71 16.19
CA ARG F 76 -13.62 -19.12 16.10
C ARG F 76 -13.03 -19.32 14.72
N MET F 77 -13.30 -20.49 14.12
CA MET F 77 -12.96 -20.76 12.73
C MET F 77 -13.55 -19.71 11.81
N GLU F 78 -14.87 -19.51 11.94
CA GLU F 78 -15.59 -18.61 11.06
C GLU F 78 -15.19 -17.16 11.30
N ASN F 79 -14.99 -16.78 12.57
CA ASN F 79 -14.60 -15.41 12.86
C ASN F 79 -13.18 -15.12 12.37
N LEU F 80 -12.28 -16.09 12.46
CA LEU F 80 -10.94 -15.91 11.91
C LEU F 80 -10.98 -15.76 10.40
N ASN F 81 -11.78 -16.58 9.73
CA ASN F 81 -11.93 -16.46 8.28
C ASN F 81 -12.50 -15.11 7.89
N LYS F 82 -13.54 -14.65 8.60
CA LYS F 82 -14.14 -13.35 8.33
C LYS F 82 -13.14 -12.23 8.57
N LYS F 83 -12.35 -12.31 9.63
CA LYS F 83 -11.32 -11.31 9.89
C LYS F 83 -10.32 -11.26 8.74
N VAL F 84 -9.88 -12.41 8.25
CA VAL F 84 -8.95 -12.45 7.13
C VAL F 84 -9.55 -11.76 5.91
N ASP F 85 -10.79 -12.12 5.57
CA ASP F 85 -11.41 -11.57 4.36
C ASP F 85 -11.64 -10.07 4.48
N ASP F 86 -12.16 -9.62 5.63
CA ASP F 86 -12.40 -8.19 5.82
C ASP F 86 -11.12 -7.39 5.83
N GLY F 87 -10.06 -7.92 6.44
CA GLY F 87 -8.78 -7.23 6.41
C GLY F 87 -8.23 -7.10 5.00
N PHE F 88 -8.31 -8.17 4.21
CA PHE F 88 -7.82 -8.06 2.83
C PHE F 88 -8.64 -7.06 2.03
N ILE F 89 -9.96 -7.05 2.22
CA ILE F 89 -10.81 -6.11 1.50
C ILE F 89 -10.47 -4.68 1.91
N ASP F 90 -10.26 -4.44 3.21
CA ASP F 90 -9.92 -3.09 3.68
C ASP F 90 -8.59 -2.63 3.09
N ILE F 91 -7.58 -3.50 3.12
CA ILE F 91 -6.27 -3.14 2.59
C ILE F 91 -6.37 -2.81 1.10
N TRP F 92 -7.07 -3.66 0.35
CA TRP F 92 -7.15 -3.44 -1.10
C TRP F 92 -7.96 -2.20 -1.44
N THR F 93 -9.05 -1.94 -0.71
CA THR F 93 -9.82 -0.74 -0.95
C THR F 93 -9.00 0.51 -0.69
N TYR F 94 -8.30 0.56 0.46
CA TYR F 94 -7.47 1.71 0.77
C TYR F 94 -6.38 1.92 -0.28
N ASN F 95 -5.67 0.84 -0.62
CA ASN F 95 -4.58 0.95 -1.58
C ASN F 95 -5.07 1.42 -2.94
N ALA F 96 -6.13 0.80 -3.46
CA ALA F 96 -6.66 1.19 -4.75
C ALA F 96 -7.14 2.63 -4.77
N GLU F 97 -7.90 3.03 -3.75
CA GLU F 97 -8.45 4.38 -3.74
C GLU F 97 -7.36 5.44 -3.66
N LEU F 98 -6.40 5.27 -2.75
CA LEU F 98 -5.32 6.24 -2.66
C LEU F 98 -4.43 6.23 -3.89
N LEU F 99 -4.20 5.05 -4.48
CA LEU F 99 -3.39 4.97 -5.69
C LEU F 99 -4.03 5.76 -6.82
N VAL F 100 -5.33 5.60 -7.01
CA VAL F 100 -6.02 6.34 -8.07
C VAL F 100 -5.98 7.84 -7.77
N LEU F 101 -6.25 8.21 -6.51
CA LEU F 101 -6.28 9.62 -6.15
C LEU F 101 -4.94 10.30 -6.39
N LEU F 102 -3.83 9.60 -6.14
CA LEU F 102 -2.53 10.23 -6.29
C LEU F 102 -2.03 10.18 -7.73
N GLU F 103 -2.30 9.08 -8.44
CA GLU F 103 -1.92 8.97 -9.83
C GLU F 103 -2.66 9.99 -10.69
N ASN F 104 -3.87 10.37 -10.28
CA ASN F 104 -4.59 11.39 -11.04
C ASN F 104 -3.91 12.76 -10.95
N GLU F 105 -3.51 13.19 -9.75
CA GLU F 105 -2.71 14.40 -9.63
C GLU F 105 -1.42 14.30 -10.42
N ARG F 106 -0.77 13.14 -10.38
CA ARG F 106 0.48 13.00 -11.11
C ARG F 106 0.27 13.16 -12.61
N THR F 107 -0.80 12.57 -13.14
CA THR F 107 -1.10 12.68 -14.57
C THR F 107 -1.43 14.12 -14.96
N LEU F 108 -2.25 14.80 -14.17
CA LEU F 108 -2.56 16.20 -14.46
C LEU F 108 -1.32 17.09 -14.42
N ASP F 109 -0.44 16.91 -13.43
CA ASP F 109 0.84 17.60 -13.40
C ASP F 109 1.73 17.27 -14.58
N PHE F 110 1.71 16.02 -15.04
CA PHE F 110 2.46 15.63 -16.22
C PHE F 110 2.01 16.40 -17.45
N HIS F 111 0.69 16.50 -17.66
CA HIS F 111 0.19 17.28 -18.78
C HIS F 111 0.54 18.75 -18.66
N ASP F 112 0.42 19.30 -17.45
CA ASP F 112 0.79 20.70 -17.23
C ASP F 112 2.25 20.95 -17.58
N SER F 113 3.14 20.05 -17.13
CA SER F 113 4.55 20.16 -17.44
C SER F 113 4.80 20.08 -18.94
N ASN F 114 4.09 19.18 -19.63
CA ASN F 114 4.29 19.06 -21.07
C ASN F 114 3.91 20.34 -21.79
N VAL F 115 2.79 20.95 -21.41
CA VAL F 115 2.38 22.20 -22.04
C VAL F 115 3.41 23.29 -21.78
N LYS F 116 3.87 23.42 -20.54
CA LYS F 116 4.84 24.45 -20.20
C LYS F 116 6.15 24.24 -20.95
N ASN F 117 6.58 22.98 -21.08
CA ASN F 117 7.82 22.69 -21.77
C ASN F 117 7.72 23.02 -23.25
N LEU F 118 6.58 22.74 -23.87
CA LEU F 118 6.39 23.12 -25.26
C LEU F 118 6.46 24.63 -25.43
N TYR F 119 5.83 25.36 -24.50
CA TYR F 119 5.90 26.82 -24.54
C TYR F 119 7.34 27.31 -24.43
N GLU F 120 8.11 26.75 -23.50
CA GLU F 120 9.50 27.17 -23.33
C GLU F 120 10.35 26.82 -24.55
N LYS F 121 10.09 25.66 -25.17
CA LYS F 121 10.81 25.28 -26.38
C LYS F 121 10.60 26.29 -27.49
N VAL F 122 9.34 26.64 -27.74
CA VAL F 122 9.07 27.61 -28.81
C VAL F 122 9.62 28.98 -28.44
N LYS F 123 9.58 29.35 -27.16
CA LYS F 123 10.15 30.61 -26.72
C LYS F 123 11.64 30.68 -27.02
N SER F 124 12.38 29.63 -26.66
CA SER F 124 13.82 29.61 -26.91
C SER F 124 14.11 29.60 -28.40
N GLN F 125 13.38 29.05 -29.24
CA GLN F 125 13.66 29.00 -30.69
C GLN F 125 13.37 30.36 -31.32
N LEU F 126 12.25 31.01 -30.83
CA LEU F 126 11.96 32.30 -31.46
C LEU F 126 12.86 33.41 -30.96
N LYS F 127 13.28 33.38 -29.70
CA LYS F 127 14.17 34.40 -29.15
C LYS F 127 13.47 35.76 -29.27
N ASN F 128 14.22 36.80 -29.64
CA ASN F 128 13.67 38.14 -29.73
C ASN F 128 12.98 38.43 -31.07
N ASN F 129 12.89 37.45 -31.95
CA ASN F 129 12.17 37.64 -33.22
C ASN F 129 10.66 37.69 -33.02
N ALA F 130 10.17 37.36 -31.84
CA ALA F 130 8.74 37.42 -31.55
C ALA F 130 8.53 38.07 -30.19
N LYS F 131 7.35 38.65 -30.02
CA LYS F 131 6.98 39.35 -28.80
C LYS F 131 5.95 38.51 -28.06
N GLU F 132 6.19 38.28 -26.78
CA GLU F 132 5.30 37.49 -25.93
C GLU F 132 4.08 38.34 -25.60
N ILE F 133 2.96 38.07 -26.27
CA ILE F 133 1.72 38.87 -26.09
C ILE F 133 0.82 38.23 -25.04
N GLY F 134 1.31 37.28 -24.26
CA GLY F 134 0.52 36.66 -23.18
C GLY F 134 -0.43 35.57 -23.63
N ASN F 135 -0.74 34.62 -22.78
CA ASN F 135 -1.73 33.53 -23.06
C ASN F 135 -1.14 32.43 -23.95
N GLY F 136 0.16 32.22 -23.92
CA GLY F 136 0.78 31.24 -24.80
C GLY F 136 0.86 31.72 -26.22
N CYS F 137 0.84 33.02 -26.42
CA CYS F 137 0.79 33.56 -27.79
C CYS F 137 2.05 34.39 -28.05
N PHE F 138 2.60 34.29 -29.24
CA PHE F 138 3.79 35.07 -29.66
C PHE F 138 3.43 35.77 -30.95
N GLU F 139 3.61 37.10 -31.03
CA GLU F 139 3.37 37.83 -32.27
C GLU F 139 4.73 38.06 -32.95
N PHE F 140 4.82 37.70 -34.22
CA PHE F 140 6.09 37.75 -34.91
C PHE F 140 6.45 39.18 -35.31
N TYR F 141 7.74 39.49 -35.35
CA TYR F 141 8.24 40.82 -35.74
C TYR F 141 8.62 40.79 -37.18
N HIS F 142 8.32 39.71 -37.86
CA HIS F 142 8.57 39.55 -39.31
C HIS F 142 7.28 39.01 -39.93
N LYS F 143 7.40 38.30 -41.05
CA LYS F 143 6.21 37.72 -41.73
C LYS F 143 6.46 36.22 -41.88
N CYS F 144 5.53 35.38 -41.42
CA CYS F 144 5.76 33.92 -41.46
C CYS F 144 4.69 33.26 -42.31
N ASN F 145 5.08 32.81 -43.50
CA ASN F 145 4.14 32.07 -44.32
C ASN F 145 3.99 30.67 -43.76
N ASP F 146 3.34 29.79 -44.53
CA ASP F 146 3.11 28.44 -44.07
C ASP F 146 4.41 27.70 -43.78
N GLU F 147 5.42 27.92 -44.61
CA GLU F 147 6.70 27.25 -44.41
C GLU F 147 7.37 27.70 -43.12
N CYS F 148 7.32 29.01 -42.81
CA CYS F 148 7.94 29.49 -41.58
C CYS F 148 7.26 28.89 -40.37
N MET F 149 5.93 28.86 -40.38
CA MET F 149 5.22 28.31 -39.21
C MET F 149 5.43 26.82 -39.08
N GLU F 150 5.47 26.09 -40.20
CA GLU F 150 5.79 24.67 -40.12
C GLU F 150 7.20 24.46 -39.60
N SER F 151 8.08 25.40 -39.87
CA SER F 151 9.47 25.33 -39.35
C SER F 151 9.44 25.54 -37.84
N VAL F 152 8.60 26.44 -37.41
CA VAL F 152 8.49 26.66 -35.96
C VAL F 152 7.95 25.41 -35.28
N LYS F 153 6.90 24.81 -35.86
CA LYS F 153 6.29 23.64 -35.24
C LYS F 153 7.21 22.43 -35.23
N ASN F 154 7.91 22.17 -36.34
CA ASN F 154 8.69 20.94 -36.44
C ASN F 154 10.07 21.05 -35.82
N GLY F 155 10.45 22.21 -35.32
CA GLY F 155 11.66 22.37 -34.55
C GLY F 155 12.88 22.95 -35.24
N THR F 156 12.74 23.53 -36.44
CA THR F 156 13.86 24.12 -37.17
C THR F 156 13.45 25.52 -37.65
N TYR F 157 13.66 26.51 -36.79
CA TYR F 157 13.09 27.84 -37.07
C TYR F 157 14.00 28.68 -37.95
N ASP F 158 15.32 28.50 -37.85
CA ASP F 158 16.29 29.30 -38.59
C ASP F 158 16.17 30.78 -38.24
N TYR F 159 16.50 31.09 -36.99
CA TYR F 159 16.48 32.45 -36.44
C TYR F 159 17.33 33.43 -37.26
N PRO F 160 18.60 33.11 -37.60
CA PRO F 160 19.42 34.11 -38.28
C PRO F 160 18.86 34.58 -39.61
N LYS F 161 18.03 33.78 -40.27
CA LYS F 161 17.43 34.21 -41.52
C LYS F 161 16.55 35.43 -41.32
N TYR F 162 15.82 35.48 -40.20
CA TYR F 162 14.88 36.56 -39.94
C TYR F 162 15.41 37.55 -38.91
N SER F 163 16.67 37.41 -38.50
CA SER F 163 17.20 38.24 -37.42
C SER F 163 17.27 39.71 -37.80
N GLU F 164 17.75 40.02 -39.00
CA GLU F 164 17.92 41.40 -39.41
C GLU F 164 16.60 42.16 -39.52
N GLU F 165 15.64 41.63 -40.27
CA GLU F 165 14.39 42.34 -40.47
C GLU F 165 13.66 42.55 -39.15
N SER F 166 13.64 41.52 -38.30
CA SER F 166 13.00 41.64 -37.00
C SER F 166 13.57 42.79 -36.19
N LYS F 167 14.85 43.11 -36.41
CA LYS F 167 15.43 44.27 -35.74
C LYS F 167 14.72 45.55 -36.18
N LEU F 168 14.63 45.76 -37.50
CA LEU F 168 14.10 47.02 -38.01
C LEU F 168 12.64 47.22 -37.59
N ASN F 169 11.86 46.14 -37.54
CA ASN F 169 10.48 46.25 -37.12
C ASN F 169 10.32 46.29 -35.61
N ARG F 170 11.37 45.94 -34.86
CA ARG F 170 11.27 45.99 -33.41
C ARG F 170 11.68 47.35 -32.86
N GLU F 171 12.69 47.97 -33.46
CA GLU F 171 13.15 49.30 -33.07
C GLU F 171 12.37 50.38 -33.84
N LYS F 172 11.05 50.28 -33.75
CA LYS F 172 10.17 51.20 -34.46
C LYS F 172 8.78 51.19 -33.83
N GLU G 1 -14.46 32.63 24.19
CA GLU G 1 -15.51 33.64 24.34
C GLU G 1 -15.18 34.88 23.51
N GLU G 2 -15.19 34.72 22.19
CA GLU G 2 -14.90 35.84 21.30
C GLU G 2 -15.98 36.90 21.41
N LYS G 3 -15.56 38.16 21.45
CA LYS G 3 -16.50 39.25 21.68
C LYS G 3 -15.93 40.54 21.11
N LEU G 4 -16.79 41.35 20.51
CA LEU G 4 -16.46 42.69 20.07
C LEU G 4 -17.43 43.67 20.71
N VAL G 5 -16.91 44.74 21.30
CA VAL G 5 -17.72 45.73 21.99
C VAL G 5 -17.46 47.10 21.38
N GLU G 6 -18.53 47.78 20.98
CA GLU G 6 -18.44 49.08 20.36
C GLU G 6 -18.28 50.16 21.43
N SER G 7 -17.90 51.36 21.01
CA SER G 7 -17.63 52.45 21.95
C SER G 7 -17.74 53.77 21.18
N GLY G 8 -18.14 54.83 21.87
CA GLY G 8 -18.30 56.10 21.21
C GLY G 8 -19.77 56.39 20.99
N GLY G 9 -20.07 57.05 19.86
CA GLY G 9 -21.44 57.29 19.49
C GLY G 9 -22.08 58.41 20.30
N GLY G 10 -23.39 58.56 20.08
CA GLY G 10 -24.16 59.58 20.74
C GLY G 10 -24.77 60.57 19.74
N LEU G 11 -24.94 61.80 20.19
CA LEU G 11 -25.52 62.85 19.37
C LEU G 11 -24.44 63.83 18.94
N VAL G 12 -24.38 64.10 17.64
CA VAL G 12 -23.45 65.07 17.09
C VAL G 12 -24.16 65.89 16.01
N GLN G 13 -23.99 67.20 16.08
CA GLN G 13 -24.63 68.08 15.12
C GLN G 13 -24.04 67.87 13.73
N PRO G 14 -24.80 68.14 12.67
CA PRO G 14 -24.28 67.96 11.31
C PRO G 14 -23.02 68.76 11.09
N GLY G 15 -22.08 68.15 10.37
CA GLY G 15 -20.76 68.72 10.18
C GLY G 15 -19.79 68.43 11.29
N GLY G 16 -20.18 67.63 12.28
CA GLY G 16 -19.31 67.30 13.39
C GLY G 16 -18.42 66.10 13.08
N SER G 17 -17.91 65.50 14.16
CA SER G 17 -16.98 64.39 14.03
C SER G 17 -17.14 63.45 15.21
N LEU G 18 -16.76 62.19 14.99
CA LEU G 18 -16.77 61.15 16.02
C LEU G 18 -15.63 60.17 15.77
N ARG G 19 -15.33 59.36 16.78
CA ARG G 19 -14.36 58.28 16.66
C ARG G 19 -14.95 57.06 17.35
N LEU G 20 -15.66 56.23 16.59
CA LEU G 20 -16.19 54.99 17.12
C LEU G 20 -15.07 54.00 17.34
N GLY G 21 -15.16 53.27 18.44
CA GLY G 21 -14.14 52.29 18.80
C GLY G 21 -14.74 50.92 19.02
N CYS G 22 -14.02 49.91 18.57
CA CYS G 22 -14.41 48.52 18.74
C CYS G 22 -13.26 47.76 19.39
N VAL G 23 -13.52 47.17 20.54
CA VAL G 23 -12.51 46.44 21.31
C VAL G 23 -12.88 44.96 21.29
N GLY G 24 -11.91 44.11 20.97
CA GLY G 24 -12.13 42.69 20.81
C GLY G 24 -11.38 41.89 21.86
N SER G 25 -12.03 40.83 22.36
CA SER G 25 -11.44 39.94 23.35
C SER G 25 -11.78 38.50 23.00
N GLY G 26 -10.88 37.59 23.35
CA GLY G 26 -11.09 36.18 23.14
C GLY G 26 -10.47 35.61 21.88
N PHE G 27 -9.81 36.43 21.08
CA PHE G 27 -9.18 35.98 19.86
C PHE G 27 -8.05 36.94 19.51
N THR G 28 -7.15 36.47 18.63
CA THR G 28 -6.04 37.30 18.18
C THR G 28 -6.60 38.39 17.28
N PHE G 29 -6.75 39.59 17.84
CA PHE G 29 -7.34 40.70 17.11
C PHE G 29 -6.45 41.11 15.94
N SER G 30 -5.13 41.08 16.14
CA SER G 30 -4.21 41.55 15.11
C SER G 30 -4.19 40.65 13.89
N SER G 31 -4.76 39.45 13.97
CA SER G 31 -4.82 38.56 12.83
C SER G 31 -6.16 38.58 12.11
N ALA G 32 -7.08 39.44 12.51
CA ALA G 32 -8.44 39.45 11.96
C ALA G 32 -8.70 40.75 11.22
N TYR G 33 -9.30 40.64 10.04
CA TYR G 33 -9.78 41.81 9.33
C TYR G 33 -10.97 42.40 10.05
N ILE G 34 -11.09 43.73 10.03
CA ILE G 34 -12.13 44.42 10.79
C ILE G 34 -12.99 45.21 9.80
N ASN G 35 -14.30 44.98 9.85
CA ASN G 35 -15.27 45.66 9.00
C ASN G 35 -16.17 46.53 9.86
N TRP G 36 -16.52 47.70 9.33
CA TRP G 36 -17.52 48.57 9.92
C TRP G 36 -18.72 48.64 9.00
N VAL G 37 -19.88 48.26 9.53
CA VAL G 37 -21.14 48.21 8.81
C VAL G 37 -22.14 49.06 9.59
N ARG G 38 -23.17 49.54 8.90
CA ARG G 38 -24.20 50.35 9.55
C ARG G 38 -25.58 49.91 9.11
N GLN G 39 -26.56 50.17 9.98
CA GLN G 39 -27.96 49.84 9.72
C GLN G 39 -28.81 51.03 10.15
N ALA G 40 -29.42 51.71 9.19
CA ALA G 40 -30.33 52.80 9.51
C ALA G 40 -31.63 52.23 10.06
N PRO G 41 -32.36 53.01 10.87
CA PRO G 41 -33.64 52.51 11.40
C PRO G 41 -34.63 52.21 10.29
N GLY G 42 -35.06 50.96 10.21
CA GLY G 42 -35.93 50.55 9.12
C GLY G 42 -35.26 50.57 7.76
N LYS G 43 -34.01 50.13 7.67
CA LYS G 43 -33.27 50.11 6.42
C LYS G 43 -32.25 48.99 6.48
N GLY G 44 -31.84 48.52 5.31
CA GLY G 44 -30.94 47.38 5.23
C GLY G 44 -29.52 47.67 5.66
N LEU G 45 -28.72 46.62 5.85
CA LEU G 45 -27.33 46.79 6.23
C LEU G 45 -26.55 47.44 5.10
N GLU G 46 -25.58 48.28 5.47
CA GLU G 46 -24.74 48.98 4.51
C GLU G 46 -23.29 48.87 4.95
N TRP G 47 -22.48 48.15 4.17
CA TRP G 47 -21.07 48.02 4.48
C TRP G 47 -20.35 49.33 4.21
N LEU G 48 -19.54 49.76 5.19
CA LEU G 48 -18.85 51.04 5.10
C LEU G 48 -17.36 50.91 4.91
N ALA G 49 -16.67 50.18 5.79
CA ALA G 49 -15.21 50.20 5.72
C ALA G 49 -14.64 48.86 6.14
N ALA G 50 -13.37 48.64 5.78
CA ALA G 50 -12.64 47.45 6.19
C ALA G 50 -11.17 47.75 6.28
N ILE G 51 -10.51 47.13 7.26
CA ILE G 51 -9.08 47.25 7.46
C ILE G 51 -8.48 45.86 7.61
N ARG G 52 -7.33 45.65 6.98
CA ARG G 52 -6.59 44.40 6.97
C ARG G 52 -5.56 44.41 8.09
N THR G 53 -4.78 43.33 8.14
CA THR G 53 -3.76 43.17 9.17
C THR G 53 -2.40 43.57 8.63
N SER G 54 -1.57 44.11 9.51
CA SER G 54 -0.19 44.48 9.21
C SER G 54 -0.08 45.50 8.08
N GLY G 55 -1.01 46.45 8.03
CA GLY G 55 -0.96 47.47 7.01
C GLY G 55 -1.19 46.96 5.60
N GLY G 56 -2.04 45.95 5.44
CA GLY G 56 -2.34 45.45 4.12
C GLY G 56 -3.08 46.46 3.26
N GLY G 57 -3.99 47.19 3.87
CA GLY G 57 -4.73 48.22 3.17
C GLY G 57 -6.04 48.53 3.85
N THR G 58 -6.65 49.63 3.41
CA THR G 58 -7.96 50.04 3.90
C THR G 58 -8.90 50.15 2.71
N TYR G 59 -10.10 49.61 2.86
CA TYR G 59 -11.10 49.58 1.80
C TYR G 59 -12.32 50.36 2.26
N TYR G 60 -12.79 51.26 1.41
CA TYR G 60 -13.91 52.13 1.75
C TYR G 60 -15.01 52.01 0.70
N ALA G 61 -16.25 51.99 1.16
CA ALA G 61 -17.38 52.13 0.25
C ALA G 61 -17.42 53.54 -0.30
N ASP G 62 -17.92 53.67 -1.53
CA ASP G 62 -17.95 54.96 -2.20
C ASP G 62 -18.84 55.97 -1.49
N SER G 63 -19.80 55.50 -0.68
CA SER G 63 -20.67 56.42 0.04
C SER G 63 -19.89 57.23 1.07
N VAL G 64 -18.97 56.59 1.78
CA VAL G 64 -18.27 57.21 2.89
C VAL G 64 -16.80 57.47 2.61
N LYS G 65 -16.35 57.30 1.37
CA LYS G 65 -14.95 57.52 1.05
C LYS G 65 -14.60 59.00 1.20
N GLY G 66 -13.46 59.26 1.82
CA GLY G 66 -13.00 60.62 2.00
C GLY G 66 -13.47 61.24 3.30
N ARG G 67 -14.68 60.89 3.73
CA ARG G 67 -15.24 61.41 4.96
C ARG G 67 -14.90 60.55 6.17
N PHE G 68 -14.92 59.23 6.00
CA PHE G 68 -14.67 58.29 7.08
C PHE G 68 -13.29 57.67 6.89
N THR G 69 -12.57 57.49 7.99
CA THR G 69 -11.27 56.84 7.96
C THR G 69 -11.22 55.71 8.96
N ILE G 70 -10.53 54.63 8.61
CA ILE G 70 -10.44 53.45 9.46
C ILE G 70 -8.99 53.27 9.90
N SER G 71 -8.82 52.77 11.12
CA SER G 71 -7.49 52.55 11.67
C SER G 71 -7.61 51.47 12.73
N ARG G 72 -6.45 50.94 13.15
CA ARG G 72 -6.47 49.94 14.19
C ARG G 72 -5.20 50.02 15.02
N ASP G 73 -5.35 49.76 16.32
CA ASP G 73 -4.23 49.63 17.25
C ASP G 73 -4.21 48.20 17.74
N ASP G 74 -3.18 47.46 17.36
CA ASP G 74 -3.06 46.04 17.71
C ASP G 74 -2.48 45.83 19.10
N SER G 75 -1.88 46.85 19.71
CA SER G 75 -1.39 46.74 21.07
C SER G 75 -2.48 46.90 22.12
N GLN G 76 -3.67 47.39 21.71
CA GLN G 76 -4.79 47.56 22.60
C GLN G 76 -6.04 46.83 22.11
N ASN G 77 -5.91 46.04 21.04
CA ASN G 77 -7.04 45.30 20.47
C ASN G 77 -8.20 46.23 20.12
N THR G 78 -7.89 47.33 19.44
CA THR G 78 -8.89 48.35 19.16
C THR G 78 -8.92 48.67 17.68
N ALA G 79 -10.13 48.96 17.18
CA ALA G 79 -10.33 49.42 15.81
C ALA G 79 -11.16 50.69 15.84
N TYR G 80 -10.68 51.71 15.15
CA TYR G 80 -11.28 53.04 15.18
C TYR G 80 -11.85 53.39 13.82
N LEU G 81 -13.08 53.89 13.82
CA LEU G 81 -13.70 54.50 12.65
C LEU G 81 -13.92 55.96 12.98
N GLN G 82 -13.16 56.84 12.34
CA GLN G 82 -13.27 58.27 12.60
C GLN G 82 -14.08 58.92 11.50
N MET G 83 -15.19 59.54 11.88
CA MET G 83 -16.13 60.16 10.96
C MET G 83 -15.99 61.66 11.04
N ASN G 84 -15.83 62.30 9.90
CA ASN G 84 -15.71 63.74 9.80
C ASN G 84 -16.80 64.30 8.90
N SER G 85 -17.31 65.48 9.27
CA SER G 85 -18.36 66.16 8.52
C SER G 85 -19.57 65.26 8.33
N LEU G 86 -20.16 64.82 9.43
CA LEU G 86 -21.31 63.93 9.37
C LEU G 86 -22.53 64.66 8.82
N ARG G 87 -23.18 63.97 7.85
CA ARG G 87 -24.45 64.51 7.32
C ARG G 87 -25.56 63.97 8.19
N THR G 88 -26.82 64.37 7.91
CA THR G 88 -27.94 63.96 8.72
C THR G 88 -28.42 62.55 8.38
N GLU G 89 -27.98 61.99 7.26
CA GLU G 89 -28.39 60.64 6.90
C GLU G 89 -27.44 59.58 7.45
N ASP G 90 -26.39 59.99 8.15
CA ASP G 90 -25.43 59.08 8.76
C ASP G 90 -25.90 58.53 10.10
N THR G 91 -27.16 58.75 10.47
CA THR G 91 -27.67 58.25 11.73
C THR G 91 -28.06 56.78 11.57
N ALA G 92 -27.50 55.92 12.42
CA ALA G 92 -27.71 54.49 12.29
C ALA G 92 -27.11 53.78 13.49
N ARG G 93 -27.30 52.46 13.52
CA ARG G 93 -26.60 51.60 14.45
C ARG G 93 -25.38 51.03 13.75
N TYR G 94 -24.20 51.24 14.35
CA TYR G 94 -22.93 50.88 13.75
C TYR G 94 -22.41 49.60 14.38
N TYR G 95 -22.08 48.62 13.55
CA TYR G 95 -21.55 47.34 13.98
C TYR G 95 -20.11 47.19 13.51
N CYS G 96 -19.29 46.58 14.35
CA CYS G 96 -17.96 46.13 13.97
C CYS G 96 -17.97 44.62 13.86
N ALA G 97 -17.63 44.11 12.68
CA ALA G 97 -17.54 42.69 12.41
C ALA G 97 -16.08 42.30 12.20
N ALA G 98 -15.79 41.02 12.40
CA ALA G 98 -14.46 40.50 12.24
C ALA G 98 -14.54 39.10 11.66
N GLY G 99 -13.61 38.79 10.76
CA GLY G 99 -13.48 37.43 10.28
C GLY G 99 -12.66 36.62 11.25
N ALA G 100 -13.32 35.81 12.07
CA ALA G 100 -12.65 35.10 13.14
C ALA G 100 -13.11 33.64 13.19
N MET G 101 -13.19 33.01 12.03
CA MET G 101 -13.45 31.58 11.95
C MET G 101 -12.14 30.86 11.65
N THR G 102 -11.84 29.84 12.44
CA THR G 102 -10.62 29.08 12.30
C THR G 102 -10.83 27.88 11.39
N MET G 103 -9.73 27.38 10.85
CA MET G 103 -9.78 26.19 10.01
C MET G 103 -8.88 25.14 10.67
N VAL G 104 -8.97 23.90 10.22
CA VAL G 104 -8.18 22.82 10.80
C VAL G 104 -6.81 22.72 10.13
N VAL G 105 -6.66 23.23 8.90
CA VAL G 105 -5.41 23.10 8.17
C VAL G 105 -4.49 24.29 8.37
N ALA G 106 -4.93 25.33 9.06
CA ALA G 106 -4.10 26.51 9.25
C ALA G 106 -4.54 27.24 10.51
N SER G 107 -3.68 28.15 10.97
CA SER G 107 -3.96 29.00 12.11
C SER G 107 -4.57 30.33 11.74
N PHE G 108 -4.92 30.52 10.47
CA PHE G 108 -5.44 31.79 9.98
C PHE G 108 -6.93 31.87 10.27
N PHE G 109 -7.56 32.94 9.78
CA PHE G 109 -8.99 33.12 9.84
C PHE G 109 -9.56 33.05 8.44
N GLN G 110 -10.77 32.50 8.33
CA GLN G 110 -11.33 32.21 7.02
C GLN G 110 -11.68 33.49 6.27
N TYR G 111 -11.49 33.45 4.96
CA TYR G 111 -11.75 34.60 4.11
C TYR G 111 -13.22 34.69 3.73
N TYR G 112 -13.68 35.92 3.51
CA TYR G 112 -15.05 36.19 3.09
C TYR G 112 -16.06 35.59 4.07
N ALA G 113 -15.80 35.79 5.36
CA ALA G 113 -16.67 35.25 6.40
C ALA G 113 -16.66 36.23 7.58
N MET G 114 -17.66 37.10 7.62
CA MET G 114 -17.84 38.05 8.72
C MET G 114 -18.75 37.37 9.75
N ASP G 115 -18.14 36.68 10.70
CA ASP G 115 -18.88 35.85 11.65
C ASP G 115 -19.07 36.53 13.01
N LEU G 116 -18.07 37.27 13.48
CA LEU G 116 -18.09 37.83 14.82
C LEU G 116 -18.54 39.28 14.75
N TRP G 117 -19.72 39.56 15.30
CA TRP G 117 -20.32 40.89 15.25
C TRP G 117 -20.45 41.46 16.66
N GLY G 118 -20.37 42.77 16.75
CA GLY G 118 -20.62 43.47 17.99
C GLY G 118 -22.07 43.86 18.11
N PRO G 119 -22.49 44.18 19.34
CA PRO G 119 -23.89 44.58 19.57
C PRO G 119 -24.29 45.84 18.82
N GLY G 120 -23.37 46.74 18.56
CA GLY G 120 -23.67 47.97 17.85
C GLY G 120 -23.69 49.19 18.75
N VAL G 121 -23.56 50.35 18.13
CA VAL G 121 -23.55 51.63 18.83
C VAL G 121 -24.45 52.60 18.07
N GLU G 122 -25.28 53.33 18.80
CA GLU G 122 -26.21 54.25 18.16
C GLU G 122 -25.52 55.57 17.84
N VAL G 123 -25.77 56.08 16.63
CA VAL G 123 -25.29 57.39 16.23
C VAL G 123 -26.46 58.17 15.67
N VAL G 124 -26.78 59.30 16.30
CA VAL G 124 -27.86 60.17 15.87
C VAL G 124 -27.28 61.53 15.53
N VAL G 125 -27.60 62.04 14.35
CA VAL G 125 -27.11 63.33 13.87
C VAL G 125 -28.34 64.21 13.64
N SER G 126 -28.57 65.15 14.54
CA SER G 126 -29.75 66.00 14.45
C SER G 126 -29.50 67.30 15.17
N SER G 127 -30.34 68.29 14.88
CA SER G 127 -30.26 69.60 15.53
C SER G 127 -31.23 69.68 16.71
N GLU H 1 42.84 -1.39 0.15
CA GLU H 1 44.19 -1.41 -0.41
C GLU H 1 44.56 -0.05 -0.98
N GLU H 2 43.83 0.98 -0.56
CA GLU H 2 44.11 2.34 -0.99
C GLU H 2 45.42 2.82 -0.38
N LYS H 3 46.29 3.37 -1.22
CA LYS H 3 47.61 3.76 -0.76
C LYS H 3 48.09 4.98 -1.52
N LEU H 4 48.77 5.88 -0.82
CA LEU H 4 49.46 7.02 -1.41
C LEU H 4 50.91 6.98 -0.97
N VAL H 5 51.83 7.22 -1.91
CA VAL H 5 53.26 7.18 -1.64
C VAL H 5 53.87 8.48 -2.15
N GLU H 6 54.61 9.18 -1.29
CA GLU H 6 55.22 10.45 -1.66
C GLU H 6 56.69 10.26 -1.97
N SER H 7 57.14 10.89 -3.05
CA SER H 7 58.53 10.88 -3.47
C SER H 7 59.10 12.29 -3.43
N GLY H 8 60.33 12.43 -3.88
CA GLY H 8 61.04 13.69 -3.85
C GLY H 8 61.58 14.00 -2.47
N GLY H 9 61.79 15.28 -2.23
CA GLY H 9 62.21 15.72 -0.92
C GLY H 9 63.71 15.60 -0.71
N GLY H 10 64.13 15.87 0.54
CA GLY H 10 65.53 15.85 0.90
C GLY H 10 66.02 17.25 1.22
N LEU H 11 67.33 17.45 1.02
CA LEU H 11 67.99 18.69 1.35
C LEU H 11 68.07 19.60 0.11
N VAL H 12 67.64 20.84 0.27
CA VAL H 12 67.73 21.83 -0.81
C VAL H 12 68.08 23.19 -0.22
N GLN H 13 69.03 23.88 -0.86
CA GLN H 13 69.47 25.19 -0.40
C GLN H 13 68.36 26.23 -0.58
N PRO H 14 68.36 27.28 0.25
CA PRO H 14 67.35 28.33 0.10
C PRO H 14 67.40 28.97 -1.27
N GLY H 15 66.23 29.34 -1.78
CA GLY H 15 66.09 29.86 -3.12
C GLY H 15 66.03 28.81 -4.20
N GLY H 16 66.08 27.53 -3.85
CA GLY H 16 66.05 26.46 -4.81
C GLY H 16 64.64 26.05 -5.19
N SER H 17 64.53 24.85 -5.75
CA SER H 17 63.25 24.35 -6.24
C SER H 17 63.20 22.84 -6.05
N LEU H 18 62.02 22.35 -5.68
CA LEU H 18 61.75 20.92 -5.59
C LEU H 18 60.47 20.57 -6.33
N ARG H 19 60.26 19.27 -6.52
CA ARG H 19 59.06 18.75 -7.17
C ARG H 19 58.67 17.47 -6.44
N LEU H 20 57.73 17.59 -5.51
CA LEU H 20 57.23 16.44 -4.77
C LEU H 20 56.15 15.73 -5.57
N GLY H 21 56.14 14.41 -5.44
CA GLY H 21 55.16 13.62 -6.17
C GLY H 21 54.48 12.58 -5.31
N CYS H 22 53.16 12.50 -5.43
CA CYS H 22 52.35 11.52 -4.71
C CYS H 22 51.71 10.58 -5.73
N VAL H 23 51.93 9.29 -5.54
CA VAL H 23 51.44 8.25 -6.43
C VAL H 23 50.37 7.46 -5.69
N GLY H 24 49.22 7.26 -6.33
CA GLY H 24 48.09 6.61 -5.71
C GLY H 24 47.80 5.26 -6.34
N SER H 25 47.40 4.30 -5.50
CA SER H 25 47.07 2.96 -5.94
C SER H 25 45.88 2.44 -5.14
N GLY H 26 45.14 1.51 -5.74
CA GLY H 26 44.02 0.88 -5.09
C GLY H 26 42.70 1.62 -5.22
N PHE H 27 42.68 2.76 -5.90
CA PHE H 27 41.46 3.54 -6.08
C PHE H 27 41.58 4.36 -7.35
N THR H 28 40.45 4.86 -7.81
CA THR H 28 40.41 5.70 -9.01
C THR H 28 41.00 7.06 -8.69
N PHE H 29 42.29 7.22 -8.97
CA PHE H 29 43.00 8.45 -8.66
C PHE H 29 42.50 9.65 -9.46
N SER H 30 42.00 9.42 -10.67
CA SER H 30 41.54 10.53 -11.49
C SER H 30 40.22 11.12 -11.00
N SER H 31 39.56 10.47 -10.04
CA SER H 31 38.27 10.92 -9.54
C SER H 31 38.35 11.53 -8.15
N ALA H 32 39.54 11.77 -7.63
CA ALA H 32 39.72 12.23 -6.26
C ALA H 32 40.44 13.57 -6.21
N TYR H 33 39.94 14.46 -5.36
CA TYR H 33 40.62 15.72 -5.10
C TYR H 33 41.87 15.47 -4.28
N ILE H 34 42.98 16.11 -4.67
CA ILE H 34 44.28 15.85 -4.06
C ILE H 34 44.71 17.09 -3.30
N ASN H 35 45.03 16.92 -2.02
CA ASN H 35 45.47 18.00 -1.16
C ASN H 35 46.92 17.78 -0.76
N TRP H 36 47.66 18.87 -0.63
CA TRP H 36 49.02 18.84 -0.09
C TRP H 36 49.01 19.60 1.22
N VAL H 37 49.50 18.96 2.28
CA VAL H 37 49.52 19.52 3.63
C VAL H 37 50.93 19.36 4.18
N ARG H 38 51.34 20.30 5.04
CA ARG H 38 52.67 20.25 5.64
C ARG H 38 52.57 20.29 7.15
N GLN H 39 53.55 19.65 7.80
CA GLN H 39 53.70 19.68 9.25
C GLN H 39 55.13 20.06 9.56
N ALA H 40 55.33 21.24 10.12
CA ALA H 40 56.66 21.65 10.54
C ALA H 40 57.08 20.80 11.74
N PRO H 41 58.39 20.58 11.93
CA PRO H 41 58.84 19.77 13.07
C PRO H 41 58.44 20.41 14.39
N GLY H 42 57.75 19.63 15.22
CA GLY H 42 57.25 20.13 16.48
C GLY H 42 56.25 21.25 16.33
N LYS H 43 55.32 21.11 15.39
CA LYS H 43 54.31 22.14 15.18
C LYS H 43 53.09 21.49 14.52
N GLY H 44 51.99 22.22 14.52
CA GLY H 44 50.73 21.70 14.03
C GLY H 44 50.69 21.60 12.51
N LEU H 45 49.57 21.07 12.03
CA LEU H 45 49.37 20.87 10.60
C LEU H 45 49.00 22.18 9.92
N GLU H 46 49.37 22.28 8.64
CA GLU H 46 49.08 23.48 7.86
C GLU H 46 48.69 23.03 6.46
N TRP H 47 47.45 23.32 6.07
CA TRP H 47 46.98 23.00 4.73
C TRP H 47 47.66 23.92 3.72
N LEU H 48 48.11 23.34 2.62
CA LEU H 48 48.96 24.06 1.66
C LEU H 48 48.31 24.25 0.30
N ALA H 49 47.83 23.18 -0.34
CA ALA H 49 47.27 23.33 -1.67
C ALA H 49 46.26 22.23 -1.95
N ALA H 50 45.46 22.42 -3.00
CA ALA H 50 44.51 21.40 -3.42
C ALA H 50 44.26 21.51 -4.92
N ILE H 51 43.94 20.38 -5.53
CA ILE H 51 43.62 20.30 -6.94
C ILE H 51 42.41 19.41 -7.13
N ARG H 52 41.51 19.83 -8.02
CA ARG H 52 40.29 19.10 -8.33
C ARG H 52 40.55 18.13 -9.47
N THR H 53 39.47 17.58 -10.03
CA THR H 53 39.55 16.58 -11.08
C THR H 53 38.97 17.14 -12.37
N SER H 54 39.56 16.70 -13.49
CA SER H 54 39.14 17.10 -14.83
C SER H 54 39.25 18.61 -15.02
N GLY H 55 40.37 19.16 -14.56
CA GLY H 55 40.63 20.58 -14.72
C GLY H 55 39.65 21.49 -14.03
N GLY H 56 39.14 21.08 -12.87
CA GLY H 56 38.19 21.91 -12.16
C GLY H 56 38.79 23.19 -11.63
N GLY H 57 40.00 23.12 -11.12
CA GLY H 57 40.69 24.29 -10.63
C GLY H 57 41.74 23.92 -9.60
N THR H 58 42.56 24.90 -9.27
CA THR H 58 43.58 24.76 -8.23
C THR H 58 43.30 25.76 -7.12
N TYR H 59 43.54 25.33 -5.88
CA TYR H 59 43.27 26.15 -4.70
C TYR H 59 44.54 26.25 -3.88
N TYR H 60 44.90 27.46 -3.48
CA TYR H 60 46.14 27.72 -2.78
C TYR H 60 45.89 28.49 -1.49
N ALA H 61 46.77 28.29 -0.53
CA ALA H 61 46.78 29.05 0.71
C ALA H 61 47.67 30.28 0.56
N ASP H 62 47.41 31.28 1.39
CA ASP H 62 48.14 32.53 1.30
C ASP H 62 49.62 32.39 1.62
N SER H 63 50.00 31.32 2.31
CA SER H 63 51.40 31.14 2.67
C SER H 63 52.27 30.94 1.44
N VAL H 64 51.77 30.14 0.47
CA VAL H 64 52.58 29.77 -0.68
C VAL H 64 51.86 30.10 -1.99
N LYS H 65 50.94 31.06 -1.94
CA LYS H 65 50.23 31.48 -3.14
C LYS H 65 51.20 32.24 -4.04
N GLY H 66 51.52 31.66 -5.19
CA GLY H 66 52.45 32.25 -6.14
C GLY H 66 53.80 31.57 -6.17
N ARG H 67 54.18 30.89 -5.10
CA ARG H 67 55.45 30.17 -5.07
C ARG H 67 55.29 28.69 -5.42
N PHE H 68 54.22 28.07 -4.93
CA PHE H 68 53.98 26.64 -5.07
C PHE H 68 52.93 26.43 -6.14
N THR H 69 53.18 25.49 -7.06
CA THR H 69 52.19 25.12 -8.05
C THR H 69 51.84 23.64 -7.91
N ILE H 70 50.60 23.30 -8.24
CA ILE H 70 50.07 21.96 -8.07
C ILE H 70 49.51 21.49 -9.41
N SER H 71 49.77 20.23 -9.73
CA SER H 71 49.33 19.65 -10.99
C SER H 71 49.10 18.16 -10.79
N ARG H 72 48.54 17.52 -11.81
CA ARG H 72 48.29 16.09 -11.73
C ARG H 72 48.40 15.47 -13.11
N ASP H 73 48.80 14.20 -13.14
CA ASP H 73 48.88 13.39 -14.35
C ASP H 73 48.14 12.09 -14.04
N ASP H 74 46.92 11.95 -14.58
CA ASP H 74 46.09 10.80 -14.28
C ASP H 74 46.55 9.56 -15.04
N SER H 75 47.23 9.72 -16.17
CA SER H 75 47.77 8.57 -16.88
C SER H 75 48.83 7.84 -16.06
N GLN H 76 49.56 8.56 -15.22
CA GLN H 76 50.55 7.95 -14.33
C GLN H 76 50.06 7.87 -12.89
N ASN H 77 48.84 8.32 -12.61
CA ASN H 77 48.27 8.35 -11.26
C ASN H 77 49.18 9.08 -10.30
N THR H 78 49.59 10.29 -10.69
CA THR H 78 50.53 11.07 -9.91
C THR H 78 50.01 12.49 -9.71
N ALA H 79 50.36 13.08 -8.57
CA ALA H 79 50.07 14.47 -8.26
C ALA H 79 51.36 15.17 -7.85
N TYR H 80 51.62 16.31 -8.47
CA TYR H 80 52.90 17.01 -8.32
C TYR H 80 52.69 18.33 -7.62
N LEU H 81 53.57 18.60 -6.64
CA LEU H 81 53.68 19.92 -6.02
C LEU H 81 55.07 20.45 -6.30
N GLN H 82 55.16 21.46 -7.16
CA GLN H 82 56.43 22.09 -7.48
C GLN H 82 56.61 23.31 -6.60
N MET H 83 57.68 23.30 -5.82
CA MET H 83 57.98 24.35 -4.86
C MET H 83 59.14 25.16 -5.39
N ASN H 84 58.99 26.48 -5.39
CA ASN H 84 59.99 27.39 -5.92
C ASN H 84 60.31 28.45 -4.88
N SER H 85 61.56 28.92 -4.91
CA SER H 85 62.05 29.95 -3.99
C SER H 85 61.79 29.56 -2.54
N LEU H 86 62.27 28.38 -2.16
CA LEU H 86 62.01 27.86 -0.83
C LEU H 86 62.78 28.65 0.22
N ARG H 87 62.09 29.01 1.30
CA ARG H 87 62.72 29.72 2.41
C ARG H 87 63.09 28.73 3.51
N THR H 88 63.54 29.27 4.64
CA THR H 88 63.95 28.43 5.75
C THR H 88 62.75 27.88 6.52
N GLU H 89 61.59 28.50 6.36
CA GLU H 89 60.39 28.05 7.07
C GLU H 89 59.61 26.98 6.30
N ASP H 90 60.17 26.48 5.19
CA ASP H 90 59.53 25.42 4.42
C ASP H 90 60.05 24.04 4.80
N THR H 91 60.80 23.94 5.89
CA THR H 91 61.29 22.64 6.37
C THR H 91 60.15 21.93 7.09
N ALA H 92 59.70 20.82 6.52
CA ALA H 92 58.55 20.14 7.10
C ALA H 92 58.40 18.75 6.51
N ARG H 93 57.51 17.97 7.11
CA ARG H 93 57.05 16.74 6.50
C ARG H 93 55.80 17.03 5.69
N TYR H 94 55.82 16.62 4.42
CA TYR H 94 54.75 16.91 3.49
C TYR H 94 53.93 15.65 3.24
N TYR H 95 52.62 15.79 3.40
CA TYR H 95 51.66 14.71 3.21
C TYR H 95 50.77 15.03 2.01
N CYS H 96 50.46 14.00 1.24
CA CYS H 96 49.42 14.08 0.22
C CYS H 96 48.18 13.39 0.74
N ALA H 97 47.05 14.11 0.70
CA ALA H 97 45.77 13.60 1.16
C ALA H 97 44.83 13.48 -0.03
N ALA H 98 43.94 12.50 0.03
CA ALA H 98 42.98 12.30 -1.03
C ALA H 98 41.61 12.07 -0.42
N GLY H 99 40.59 12.73 -0.97
CA GLY H 99 39.24 12.42 -0.58
C GLY H 99 38.78 11.21 -1.34
N ALA H 100 38.83 10.04 -0.69
CA ALA H 100 38.63 8.77 -1.36
C ALA H 100 37.69 7.89 -0.56
N MET H 101 36.63 8.47 -0.01
CA MET H 101 35.66 7.72 0.77
C MET H 101 34.41 7.50 -0.06
N THR H 102 34.04 6.23 -0.24
CA THR H 102 32.95 5.85 -1.11
C THR H 102 31.60 6.10 -0.44
N MET H 103 30.57 6.21 -1.28
CA MET H 103 29.20 6.37 -0.84
C MET H 103 28.40 5.14 -1.25
N VAL H 104 27.13 5.12 -0.87
CA VAL H 104 26.23 4.03 -1.22
C VAL H 104 25.29 4.42 -2.35
N VAL H 105 24.98 5.71 -2.48
CA VAL H 105 24.02 6.16 -3.50
C VAL H 105 24.68 6.69 -4.76
N ALA H 106 26.01 6.76 -4.79
CA ALA H 106 26.71 7.26 -5.97
C ALA H 106 28.11 6.65 -6.00
N SER H 107 28.74 6.74 -7.17
CA SER H 107 30.08 6.21 -7.38
C SER H 107 31.18 7.24 -7.11
N PHE H 108 30.82 8.46 -6.76
CA PHE H 108 31.81 9.49 -6.48
C PHE H 108 32.37 9.31 -5.08
N PHE H 109 33.26 10.22 -4.71
CA PHE H 109 33.82 10.24 -3.37
C PHE H 109 33.19 11.37 -2.56
N GLN H 110 33.24 11.22 -1.25
CA GLN H 110 32.55 12.14 -0.35
C GLN H 110 33.30 13.46 -0.23
N TYR H 111 32.56 14.56 -0.26
CA TYR H 111 33.17 15.88 -0.18
C TYR H 111 33.56 16.19 1.26
N TYR H 112 34.51 17.13 1.40
CA TYR H 112 34.94 17.64 2.71
C TYR H 112 35.42 16.52 3.61
N ALA H 113 36.22 15.61 3.06
CA ALA H 113 36.74 14.47 3.82
C ALA H 113 38.10 14.08 3.26
N MET H 114 39.17 14.46 3.95
CA MET H 114 40.51 13.99 3.63
C MET H 114 40.74 12.69 4.38
N ASP H 115 40.38 11.57 3.75
CA ASP H 115 40.40 10.28 4.42
C ASP H 115 41.72 9.53 4.23
N LEU H 116 42.32 9.62 3.05
CA LEU H 116 43.49 8.84 2.71
C LEU H 116 44.72 9.73 2.77
N TRP H 117 45.68 9.36 3.61
CA TRP H 117 46.91 10.11 3.78
C TRP H 117 48.12 9.24 3.44
N GLY H 118 49.20 9.90 3.04
CA GLY H 118 50.45 9.22 2.77
C GLY H 118 51.37 9.25 3.97
N PRO H 119 52.39 8.40 3.96
CA PRO H 119 53.36 8.43 5.07
C PRO H 119 54.08 9.76 5.22
N GLY H 120 54.31 10.47 4.12
CA GLY H 120 54.95 11.76 4.16
C GLY H 120 56.35 11.72 3.57
N VAL H 121 56.85 12.90 3.26
CA VAL H 121 58.20 13.08 2.72
C VAL H 121 58.83 14.26 3.42
N GLU H 122 60.07 14.10 3.88
CA GLU H 122 60.77 15.19 4.55
C GLU H 122 61.40 16.14 3.54
N VAL H 123 61.21 17.44 3.75
CA VAL H 123 61.84 18.46 2.92
C VAL H 123 62.55 19.42 3.88
N VAL H 124 63.86 19.53 3.76
CA VAL H 124 64.66 20.41 4.61
C VAL H 124 65.39 21.41 3.73
N VAL H 125 65.40 22.65 4.18
CA VAL H 125 65.99 23.77 3.45
C VAL H 125 67.05 24.43 4.32
N SER H 126 68.31 24.11 4.05
CA SER H 126 69.43 24.67 4.82
C SER H 126 70.68 24.58 3.95
N SER H 127 71.74 25.24 4.41
CA SER H 127 73.01 25.24 3.70
C SER H 127 73.89 24.08 4.13
N GLN I 1 39.34 32.93 9.08
CA GLN I 1 40.65 33.58 9.02
C GLN I 1 41.70 32.75 9.75
N THR I 2 41.63 32.77 11.08
CA THR I 2 42.48 31.94 11.92
C THR I 2 41.62 31.15 12.88
N VAL I 3 41.97 29.89 13.09
CA VAL I 3 41.18 28.96 13.88
C VAL I 3 41.89 28.75 15.21
N ILE I 4 41.17 29.00 16.31
CA ILE I 4 41.70 28.88 17.66
C ILE I 4 41.27 27.55 18.26
N GLN I 5 42.17 26.95 19.03
CA GLN I 5 41.94 25.67 19.67
C GLN I 5 42.73 25.63 20.96
N GLU I 6 42.29 24.78 21.88
CA GLU I 6 42.93 24.70 23.18
C GLU I 6 44.37 24.18 23.04
N PRO I 7 45.35 24.86 23.65
CA PRO I 7 46.73 24.36 23.54
C PRO I 7 46.90 22.95 24.06
N ALA I 8 46.24 22.60 25.16
CA ALA I 8 46.36 21.28 25.73
C ALA I 8 45.14 21.00 26.58
N MET I 9 44.89 19.72 26.85
CA MET I 9 43.76 19.31 27.65
C MET I 9 44.00 17.89 28.14
N SER I 10 43.60 17.61 29.38
CA SER I 10 43.77 16.31 30.00
C SER I 10 42.44 15.79 30.51
N VAL I 11 42.20 14.49 30.36
CA VAL I 11 41.01 13.85 30.88
C VAL I 11 41.42 12.57 31.59
N SER I 12 40.58 12.14 32.52
CA SER I 12 40.76 10.87 33.19
C SER I 12 40.25 9.72 32.33
N PRO I 13 40.80 8.52 32.50
CA PRO I 13 40.27 7.37 31.77
C PRO I 13 38.81 7.13 32.11
N GLY I 14 38.04 6.71 31.12
CA GLY I 14 36.62 6.48 31.27
C GLY I 14 35.84 7.75 31.58
N GLY I 15 36.15 8.83 30.87
CA GLY I 15 35.48 10.10 31.11
C GLY I 15 35.21 10.82 29.80
N THR I 16 34.33 11.81 29.88
CA THR I 16 33.95 12.58 28.71
C THR I 16 34.85 13.81 28.54
N VAL I 17 35.07 14.19 27.28
CA VAL I 17 35.89 15.33 26.93
C VAL I 17 35.09 16.23 25.99
N THR I 18 35.51 17.48 25.89
CA THR I 18 34.77 18.47 25.13
C THR I 18 35.69 19.29 24.23
N LEU I 19 36.55 18.61 23.46
CA LEU I 19 37.52 19.29 22.62
C LEU I 19 36.84 20.29 21.70
N THR I 20 37.20 21.57 21.83
CA THR I 20 36.50 22.64 21.15
C THR I 20 37.39 23.28 20.10
N CYS I 21 36.74 23.83 19.06
CA CYS I 21 37.44 24.47 17.95
C CYS I 21 36.61 25.67 17.51
N ALA I 22 37.23 26.84 17.40
CA ALA I 22 36.47 28.05 17.16
C ALA I 22 37.18 28.94 16.15
N PHE I 23 36.42 29.90 15.62
CA PHE I 23 36.98 30.92 14.75
C PHE I 23 37.46 32.12 15.56
N SER I 24 38.41 32.86 15.00
CA SER I 24 38.72 34.20 15.51
C SER I 24 37.89 35.24 14.77
N SER I 25 36.58 34.96 14.72
CA SER I 25 35.63 35.70 13.92
C SER I 25 34.24 35.31 14.43
N GLY I 26 33.20 35.59 13.64
CA GLY I 26 31.85 35.25 14.02
C GLY I 26 31.59 33.76 14.20
N SER I 27 30.32 33.39 14.27
CA SER I 27 29.94 32.04 14.66
C SER I 27 30.42 31.00 13.66
N VAL I 28 30.67 29.79 14.17
CA VAL I 28 31.00 28.63 13.36
C VAL I 28 29.74 27.82 13.14
N THR I 29 29.44 27.54 11.88
CA THR I 29 28.21 26.82 11.54
C THR I 29 28.51 25.48 10.90
N SER I 30 27.48 24.76 10.48
CA SER I 30 27.65 23.51 9.74
C SER I 30 28.09 23.72 8.31
N GLY I 31 27.96 24.94 7.79
CA GLY I 31 28.43 25.28 6.46
C GLY I 31 29.94 25.43 6.37
N ASP I 32 30.64 25.46 7.50
CA ASP I 32 32.09 25.43 7.51
C ASP I 32 32.65 24.01 7.45
N TYR I 33 31.80 23.01 7.62
CA TYR I 33 32.20 21.60 7.54
C TYR I 33 33.42 21.27 8.39
N PRO I 34 33.33 21.35 9.71
CA PRO I 34 34.46 20.94 10.56
C PRO I 34 34.82 19.48 10.32
N SER I 35 36.12 19.20 10.29
CA SER I 35 36.62 17.84 10.20
C SER I 35 37.72 17.65 11.24
N TRP I 36 37.64 16.58 12.01
CA TRP I 36 38.58 16.31 13.09
C TRP I 36 39.57 15.23 12.66
N PHE I 37 40.81 15.39 13.08
CA PHE I 37 41.89 14.48 12.73
C PHE I 37 42.66 14.11 13.99
N GLN I 38 43.15 12.87 14.01
CA GLN I 38 43.92 12.36 15.14
C GLN I 38 45.31 11.99 14.66
N GLN I 39 46.33 12.51 15.32
CA GLN I 39 47.72 12.23 14.97
C GLN I 39 48.47 11.74 16.19
N THR I 40 49.06 10.57 16.07
CA THR I 40 50.02 10.01 17.02
C THR I 40 51.43 10.29 16.53
N PRO I 41 52.45 10.02 17.35
CA PRO I 41 53.86 10.27 17.00
C PRO I 41 54.25 9.54 15.73
N GLY I 42 55.02 10.20 14.86
CA GLY I 42 55.53 9.54 13.63
C GLY I 42 54.44 8.72 12.96
N GLN I 43 53.46 9.40 12.39
CA GLN I 43 52.31 8.67 11.80
C GLN I 43 51.43 9.65 11.01
N PRO I 44 50.83 9.23 9.89
CA PRO I 44 49.94 10.08 9.08
C PRO I 44 48.69 10.37 9.87
N PRO I 45 48.11 11.58 9.79
CA PRO I 45 46.84 11.89 10.49
C PRO I 45 45.72 10.92 10.09
N ARG I 46 44.73 10.75 10.98
CA ARG I 46 43.58 9.86 10.70
C ARG I 46 42.28 10.66 10.87
N LEU I 47 41.33 10.51 9.93
CA LEU I 47 40.06 11.28 10.00
C LEU I 47 39.20 10.57 11.03
N LEU I 48 38.56 11.34 11.89
CA LEU I 48 37.69 10.76 12.92
C LEU I 48 36.27 11.24 12.68
N ILE I 49 36.10 12.52 12.37
CA ILE I 49 34.74 13.09 12.10
C ILE I 49 34.80 13.98 10.85
N TYR I 50 33.89 13.75 9.90
CA TYR I 50 33.80 14.56 8.66
C TYR I 50 32.45 15.24 8.64
N ARG I 51 32.37 16.44 8.11
CA ARG I 51 31.11 17.21 8.03
C ARG I 51 30.39 17.22 9.38
N THR I 52 31.03 17.70 10.46
CA THR I 52 30.42 17.91 11.80
C THR I 52 30.09 16.65 12.55
N ASN I 53 29.24 15.80 12.00
CA ASN I 53 28.75 14.64 12.77
C ASN I 53 28.98 13.26 12.16
N ASN I 54 29.89 13.07 11.20
CA ASN I 54 29.97 11.75 10.51
C ASN I 54 31.24 10.93 10.84
N ARG I 55 31.14 9.59 10.99
CA ARG I 55 32.31 8.78 11.29
C ARG I 55 32.67 7.93 10.08
N PRO I 56 33.96 7.82 9.76
CA PRO I 56 34.39 6.79 8.82
C PRO I 56 34.13 5.40 9.39
N THR I 57 34.19 4.40 8.51
CA THR I 57 33.81 3.04 8.89
C THR I 57 34.70 2.48 9.98
N GLY I 58 36.00 2.74 9.93
CA GLY I 58 36.90 2.14 10.92
C GLY I 58 36.86 2.79 12.29
N VAL I 59 36.33 4.00 12.37
CA VAL I 59 36.33 4.73 13.64
C VAL I 59 35.26 4.13 14.56
N PRO I 60 35.61 3.74 15.78
CA PRO I 60 34.62 3.18 16.70
C PRO I 60 33.60 4.23 17.12
N SER I 61 32.43 3.74 17.53
CA SER I 61 31.30 4.62 17.85
C SER I 61 31.45 5.19 19.26
N ARG I 62 32.60 5.79 19.48
CA ARG I 62 32.94 6.43 20.74
C ARG I 62 33.26 7.91 20.56
N PHE I 63 33.88 8.29 19.46
CA PHE I 63 34.05 9.70 19.11
C PHE I 63 32.76 10.23 18.53
N SER I 64 32.36 11.43 18.97
CA SER I 64 31.18 12.07 18.42
C SER I 64 31.48 13.55 18.18
N GLY I 65 30.77 14.12 17.23
CA GLY I 65 30.97 15.52 16.89
C GLY I 65 29.65 16.25 16.85
N ALA I 66 29.71 17.56 17.09
CA ALA I 66 28.51 18.38 17.07
C ALA I 66 28.92 19.84 16.98
N ILE I 67 27.91 20.69 16.82
CA ILE I 67 28.08 22.13 16.92
C ILE I 67 27.41 22.60 18.20
N SER I 68 28.12 23.42 18.97
CA SER I 68 27.67 23.88 20.28
C SER I 68 27.83 25.40 20.33
N GLY I 69 26.71 26.11 20.39
CA GLY I 69 26.77 27.56 20.34
C GLY I 69 27.39 28.04 19.04
N ASN I 70 28.63 28.53 19.12
CA ASN I 70 29.38 28.96 17.95
C ASN I 70 30.71 28.22 17.82
N LYS I 71 30.80 27.00 18.35
CA LYS I 71 32.04 26.24 18.36
C LYS I 71 31.78 24.83 17.85
N ALA I 72 32.83 24.18 17.37
CA ALA I 72 32.77 22.80 16.92
C ALA I 72 33.33 21.91 18.03
N ALA I 73 32.54 20.92 18.45
CA ALA I 73 32.86 20.12 19.64
C ALA I 73 33.04 18.67 19.24
N LEU I 74 34.12 18.06 19.73
CA LEU I 74 34.37 16.64 19.64
C LEU I 74 34.41 16.05 21.03
N THR I 75 33.71 14.93 21.23
CA THR I 75 33.55 14.31 22.54
C THR I 75 33.98 12.85 22.47
N ILE I 76 34.69 12.42 23.51
CA ILE I 76 35.16 11.06 23.66
C ILE I 76 34.57 10.50 24.95
N THR I 77 33.89 9.35 24.86
CA THR I 77 33.21 8.76 26.00
C THR I 77 34.01 7.63 26.65
N GLY I 78 34.36 6.61 25.88
CA GLY I 78 35.03 5.44 26.45
C GLY I 78 36.39 5.72 27.05
N ALA I 79 37.23 6.47 26.34
CA ALA I 79 38.58 6.81 26.79
C ALA I 79 39.39 5.56 27.13
N GLN I 80 39.65 4.77 26.08
CA GLN I 80 40.33 3.49 26.20
C GLN I 80 41.85 3.61 26.28
N ALA I 81 42.37 4.77 26.66
CA ALA I 81 43.79 5.03 26.92
C ALA I 81 44.65 4.92 25.67
N ASN I 82 44.08 4.59 24.51
CA ASN I 82 44.77 4.67 23.23
C ASN I 82 44.43 5.98 22.51
N ASP I 83 43.84 6.93 23.22
CA ASP I 83 43.44 8.22 22.67
C ASP I 83 44.44 9.32 23.00
N GLU I 84 45.62 8.95 23.48
CA GLU I 84 46.67 9.93 23.77
C GLU I 84 47.31 10.36 22.46
N ALA I 85 46.70 11.36 21.83
CA ALA I 85 47.19 11.86 20.55
C ALA I 85 46.76 13.31 20.40
N ASP I 86 47.29 13.95 19.36
CA ASP I 86 46.94 15.33 19.04
C ASP I 86 45.69 15.33 18.18
N TYR I 87 44.72 16.18 18.54
CA TYR I 87 43.45 16.26 17.82
C TYR I 87 43.36 17.63 17.15
N TYR I 88 43.24 17.62 15.82
CA TYR I 88 43.19 18.82 15.01
C TYR I 88 41.79 19.01 14.44
N CYS I 89 41.41 20.27 14.26
CA CYS I 89 40.18 20.62 13.59
C CYS I 89 40.52 21.41 12.32
N THR I 90 39.77 21.13 11.26
CA THR I 90 39.87 21.92 10.04
C THR I 90 38.50 22.47 9.69
N LEU I 91 38.50 23.73 9.30
CA LEU I 91 37.30 24.45 8.89
C LEU I 91 37.44 24.88 7.45
N TYR I 92 36.42 24.60 6.64
CA TYR I 92 36.47 24.89 5.21
C TYR I 92 35.92 26.28 4.97
N THR I 93 36.75 27.17 4.43
CA THR I 93 36.31 28.50 4.06
C THR I 93 35.84 28.58 2.62
N SER I 94 36.02 27.52 1.85
CA SER I 94 35.63 27.49 0.45
C SER I 94 35.36 26.04 0.06
N SER I 95 35.28 25.77 -1.24
CA SER I 95 35.05 24.42 -1.70
C SER I 95 36.17 23.48 -1.29
N LEU I 96 37.41 23.95 -1.41
CA LEU I 96 38.56 23.14 -1.00
C LEU I 96 39.51 23.88 -0.08
N ASN I 97 39.32 25.18 0.13
CA ASN I 97 40.18 25.97 1.01
C ASN I 97 39.80 25.68 2.45
N ASN I 98 40.74 25.14 3.22
CA ASN I 98 40.48 24.81 4.61
C ASN I 98 41.64 25.27 5.49
N ILE I 99 41.33 25.55 6.74
CA ILE I 99 42.29 26.02 7.72
C ILE I 99 42.31 25.06 8.89
N PHE I 100 43.51 24.62 9.27
CA PHE I 100 43.71 23.72 10.39
C PHE I 100 43.89 24.50 11.69
N GLY I 101 43.44 23.90 12.78
CA GLY I 101 43.63 24.49 14.10
C GLY I 101 45.01 24.19 14.66
N GLY I 102 45.26 24.76 15.84
CA GLY I 102 46.55 24.56 16.49
C GLY I 102 46.77 23.12 16.91
N GLY I 103 45.76 22.49 17.48
CA GLY I 103 45.87 21.13 17.92
C GLY I 103 45.84 21.03 19.45
N THR I 104 45.24 19.94 19.93
CA THR I 104 45.10 19.70 21.37
C THR I 104 45.82 18.41 21.71
N HIS I 105 46.72 18.48 22.67
CA HIS I 105 47.41 17.29 23.17
C HIS I 105 46.59 16.71 24.32
N LEU I 106 46.01 15.54 24.11
CA LEU I 106 45.11 14.92 25.07
C LEU I 106 45.88 13.88 25.86
N THR I 107 46.02 14.10 27.17
CA THR I 107 46.67 13.15 28.06
C THR I 107 45.58 12.45 28.87
N VAL I 108 45.56 11.12 28.81
CA VAL I 108 44.56 10.33 29.53
C VAL I 108 45.06 10.04 30.94
N GLN J 1 -23.01 46.60 -9.12
CA GLN J 1 -23.18 47.92 -8.54
C GLN J 1 -24.15 47.89 -7.36
N THR J 2 -25.38 47.44 -7.62
CA THR J 2 -26.39 47.30 -6.58
C THR J 2 -26.91 45.87 -6.57
N VAL J 3 -27.25 45.39 -5.38
CA VAL J 3 -27.65 44.00 -5.16
C VAL J 3 -29.16 43.99 -4.96
N ILE J 4 -29.84 43.18 -5.74
CA ILE J 4 -31.29 43.08 -5.72
C ILE J 4 -31.72 41.83 -4.98
N GLN J 5 -32.76 41.98 -4.16
CA GLN J 5 -33.33 40.90 -3.37
C GLN J 5 -34.85 41.01 -3.44
N GLU J 6 -35.51 40.05 -2.80
CA GLU J 6 -36.97 40.03 -2.74
C GLU J 6 -37.45 40.85 -1.55
N PRO J 7 -38.38 41.78 -1.78
CA PRO J 7 -38.85 42.62 -0.66
C PRO J 7 -39.44 41.84 0.50
N ALA J 8 -40.16 40.75 0.24
CA ALA J 8 -40.76 39.99 1.31
C ALA J 8 -41.14 38.60 0.80
N MET J 9 -41.14 37.63 1.70
CA MET J 9 -41.55 36.26 1.42
C MET J 9 -42.25 35.67 2.63
N SER J 10 -43.05 34.63 2.38
CA SER J 10 -43.73 33.89 3.43
C SER J 10 -43.63 32.41 3.14
N VAL J 11 -43.69 31.60 4.21
CA VAL J 11 -43.63 30.15 4.08
C VAL J 11 -44.36 29.54 5.25
N SER J 12 -45.04 28.42 5.00
CA SER J 12 -45.65 27.67 6.07
C SER J 12 -44.61 26.80 6.77
N PRO J 13 -44.83 26.46 8.04
CA PRO J 13 -43.89 25.57 8.73
C PRO J 13 -43.78 24.23 8.01
N GLY J 14 -42.57 23.65 8.06
CA GLY J 14 -42.33 22.42 7.36
C GLY J 14 -42.21 22.56 5.87
N GLY J 15 -41.89 23.75 5.38
CA GLY J 15 -41.80 23.98 3.95
C GLY J 15 -40.48 24.62 3.58
N THR J 16 -40.11 24.48 2.31
CA THR J 16 -38.84 25.00 1.82
C THR J 16 -39.03 26.38 1.17
N VAL J 17 -38.01 27.22 1.29
CA VAL J 17 -38.01 28.54 0.67
C VAL J 17 -36.82 28.62 -0.28
N THR J 18 -36.83 29.64 -1.13
CA THR J 18 -35.82 29.82 -2.18
C THR J 18 -35.34 31.27 -2.23
N LEU J 19 -34.97 31.82 -1.07
CA LEU J 19 -34.60 33.23 -0.99
C LEU J 19 -33.44 33.52 -1.90
N THR J 20 -33.66 34.34 -2.92
CA THR J 20 -32.69 34.57 -3.98
C THR J 20 -32.07 35.95 -3.85
N CYS J 21 -30.87 36.07 -4.42
CA CYS J 21 -30.08 37.30 -4.36
C CYS J 21 -29.31 37.44 -5.66
N ALA J 22 -29.32 38.64 -6.24
CA ALA J 22 -28.68 38.84 -7.53
C ALA J 22 -28.09 40.23 -7.60
N PHE J 23 -27.42 40.51 -8.71
CA PHE J 23 -26.97 41.86 -9.02
C PHE J 23 -28.00 42.59 -9.87
N SER J 24 -27.89 43.92 -9.89
CA SER J 24 -28.56 44.71 -10.92
C SER J 24 -27.61 44.90 -12.10
N SER J 25 -27.08 43.77 -12.54
CA SER J 25 -25.99 43.68 -13.51
C SER J 25 -25.99 42.25 -14.03
N GLY J 26 -24.89 41.84 -14.65
CA GLY J 26 -24.78 40.50 -15.19
C GLY J 26 -24.81 39.39 -14.16
N SER J 27 -24.33 38.21 -14.56
CA SER J 27 -24.52 37.01 -13.76
C SER J 27 -23.73 37.06 -12.46
N VAL J 28 -24.27 36.38 -11.44
CA VAL J 28 -23.57 36.21 -10.17
C VAL J 28 -22.81 34.88 -10.21
N THR J 29 -21.53 34.92 -9.89
CA THR J 29 -20.64 33.78 -9.99
C THR J 29 -20.18 33.38 -8.61
N SER J 30 -19.64 32.16 -8.50
CA SER J 30 -19.07 31.70 -7.23
C SER J 30 -17.84 32.50 -6.84
N GLY J 31 -17.27 33.29 -7.75
CA GLY J 31 -16.18 34.18 -7.43
C GLY J 31 -16.59 35.44 -6.69
N ASP J 32 -17.88 35.66 -6.50
CA ASP J 32 -18.37 36.76 -5.69
C ASP J 32 -18.58 36.38 -4.23
N TYR J 33 -18.49 35.09 -3.91
CA TYR J 33 -18.57 34.56 -2.55
C TYR J 33 -19.76 35.13 -1.79
N PRO J 34 -20.99 34.78 -2.15
CA PRO J 34 -22.14 35.30 -1.41
C PRO J 34 -22.16 34.76 0.02
N SER J 35 -22.60 35.60 0.94
CA SER J 35 -22.77 35.19 2.33
C SER J 35 -24.10 35.71 2.85
N TRP J 36 -24.86 34.86 3.54
CA TRP J 36 -26.19 35.23 4.01
C TRP J 36 -26.13 35.56 5.50
N PHE J 37 -27.07 36.39 5.94
CA PHE J 37 -27.10 36.87 7.31
C PHE J 37 -28.55 36.86 7.79
N GLN J 38 -28.76 36.34 8.99
CA GLN J 38 -30.06 36.34 9.63
C GLN J 38 -30.07 37.33 10.77
N GLN J 39 -30.97 38.32 10.71
CA GLN J 39 -31.07 39.33 11.74
C GLN J 39 -32.50 39.41 12.24
N THR J 40 -32.69 39.19 13.52
CA THR J 40 -33.92 39.51 14.22
C THR J 40 -33.83 40.93 14.78
N PRO J 41 -34.95 41.62 14.92
CA PRO J 41 -34.91 42.99 15.45
C PRO J 41 -34.29 43.02 16.84
N GLY J 42 -33.44 44.01 17.07
CA GLY J 42 -32.77 44.19 18.34
C GLY J 42 -31.57 43.31 18.57
N GLN J 43 -31.11 42.57 17.57
CA GLN J 43 -29.98 41.67 17.69
C GLN J 43 -29.00 41.90 16.56
N PRO J 44 -27.73 41.58 16.77
CA PRO J 44 -26.75 41.68 15.68
C PRO J 44 -26.98 40.59 14.65
N PRO J 45 -26.56 40.81 13.41
CA PRO J 45 -26.73 39.77 12.38
C PRO J 45 -25.90 38.54 12.68
N ARG J 46 -26.41 37.38 12.24
CA ARG J 46 -25.74 36.11 12.39
C ARG J 46 -25.37 35.56 11.02
N LEU J 47 -24.17 34.99 10.90
CA LEU J 47 -23.71 34.41 9.61
C LEU J 47 -24.30 33.03 9.48
N LEU J 48 -24.89 32.70 8.34
CA LEU J 48 -25.59 31.42 8.17
C LEU J 48 -24.87 30.58 7.13
N ILE J 49 -24.63 31.13 5.95
CA ILE J 49 -23.88 30.42 4.89
C ILE J 49 -22.77 31.37 4.40
N TYR J 50 -21.56 30.88 4.21
CA TYR J 50 -20.43 31.70 3.70
C TYR J 50 -19.89 31.05 2.45
N ARG J 51 -19.32 31.84 1.56
CA ARG J 51 -18.74 31.29 0.34
C ARG J 51 -19.73 30.39 -0.40
N THR J 52 -21.01 30.69 -0.28
CA THR J 52 -22.18 30.17 -0.99
C THR J 52 -22.49 28.71 -0.68
N ASN J 53 -21.64 27.99 0.06
CA ASN J 53 -21.95 26.60 0.41
C ASN J 53 -21.65 26.22 1.85
N ASN J 54 -20.89 27.02 2.60
CA ASN J 54 -20.28 26.57 3.84
C ASN J 54 -21.02 27.18 5.03
N ARG J 55 -21.38 26.33 5.99
CA ARG J 55 -22.06 26.70 7.22
C ARG J 55 -21.10 26.72 8.39
N PRO J 56 -21.19 27.72 9.26
CA PRO J 56 -20.43 27.69 10.50
C PRO J 56 -20.88 26.55 11.40
N THR J 57 -20.18 26.40 12.53
CA THR J 57 -20.46 25.29 13.43
C THR J 57 -21.85 25.40 14.04
N GLY J 58 -22.25 26.60 14.45
CA GLY J 58 -23.49 26.74 15.20
C GLY J 58 -24.74 26.64 14.33
N VAL J 59 -24.61 26.95 13.05
CA VAL J 59 -25.77 27.00 12.15
C VAL J 59 -26.32 25.60 11.92
N PRO J 60 -27.62 25.40 12.11
CA PRO J 60 -28.20 24.07 11.88
C PRO J 60 -28.14 23.66 10.42
N SER J 61 -28.10 22.35 10.20
CA SER J 61 -27.95 21.79 8.85
C SER J 61 -29.29 21.82 8.13
N ARG J 62 -29.85 23.03 8.05
CA ARG J 62 -31.17 23.25 7.48
C ARG J 62 -31.08 24.31 6.40
N PHE J 63 -30.23 25.31 6.63
CA PHE J 63 -30.00 26.38 5.65
C PHE J 63 -28.95 25.89 4.67
N SER J 64 -29.34 25.72 3.42
CA SER J 64 -28.40 25.35 2.37
C SER J 64 -28.27 26.50 1.38
N GLY J 65 -27.09 26.59 0.76
CA GLY J 65 -26.82 27.64 -0.18
C GLY J 65 -26.27 27.08 -1.48
N ALA J 66 -26.55 27.79 -2.57
CA ALA J 66 -26.05 27.37 -3.87
C ALA J 66 -26.14 28.55 -4.83
N ILE J 67 -25.67 28.33 -6.04
CA ILE J 67 -25.74 29.32 -7.12
C ILE J 67 -26.62 28.71 -8.20
N SER J 68 -27.90 29.10 -8.20
CA SER J 68 -28.90 28.53 -9.11
C SER J 68 -29.02 29.44 -10.31
N GLY J 69 -28.40 29.05 -11.42
CA GLY J 69 -28.45 29.83 -12.64
C GLY J 69 -27.50 31.01 -12.61
N ASN J 70 -28.07 32.22 -12.47
CA ASN J 70 -27.28 33.44 -12.38
C ASN J 70 -27.57 34.21 -11.09
N LYS J 71 -28.19 33.56 -10.11
CA LYS J 71 -28.55 34.21 -8.86
C LYS J 71 -28.25 33.26 -7.71
N ALA J 72 -27.69 33.79 -6.63
CA ALA J 72 -27.43 32.99 -5.45
C ALA J 72 -28.74 32.66 -4.74
N ALA J 73 -28.79 31.48 -4.13
CA ALA J 73 -30.04 30.99 -3.53
C ALA J 73 -29.76 30.40 -2.16
N LEU J 74 -30.61 30.75 -1.21
CA LEU J 74 -30.64 30.16 0.13
C LEU J 74 -31.96 29.43 0.33
N THR J 75 -31.87 28.17 0.74
CA THR J 75 -33.03 27.32 0.94
C THR J 75 -33.14 26.91 2.40
N ILE J 76 -34.32 27.11 2.96
CA ILE J 76 -34.66 26.66 4.31
C ILE J 76 -35.74 25.60 4.17
N THR J 77 -35.55 24.47 4.84
CA THR J 77 -36.45 23.32 4.73
C THR J 77 -37.36 23.15 5.94
N GLY J 78 -36.79 23.06 7.14
CA GLY J 78 -37.59 22.76 8.31
C GLY J 78 -38.60 23.85 8.64
N ALA J 79 -38.15 25.10 8.63
CA ALA J 79 -38.99 26.26 8.97
C ALA J 79 -39.63 26.08 10.34
N GLN J 80 -38.78 26.10 11.37
CA GLN J 80 -39.18 25.82 12.74
C GLN J 80 -39.70 27.05 13.48
N ALA J 81 -40.18 28.06 12.74
CA ALA J 81 -40.85 29.25 13.25
C ALA J 81 -39.91 30.18 14.02
N ASN J 82 -38.67 29.78 14.23
CA ASN J 82 -37.63 30.70 14.68
C ASN J 82 -36.84 31.28 13.50
N ASP J 83 -37.26 30.97 12.28
CA ASP J 83 -36.68 31.52 11.06
C ASP J 83 -37.35 32.81 10.63
N GLU J 84 -38.28 33.33 11.43
CA GLU J 84 -38.93 34.61 11.13
C GLU J 84 -37.94 35.73 11.45
N ALA J 85 -37.15 36.09 10.45
CA ALA J 85 -36.15 37.13 10.60
C ALA J 85 -35.85 37.71 9.23
N ASP J 86 -35.07 38.79 9.23
CA ASP J 86 -34.66 39.47 8.00
C ASP J 86 -33.42 38.77 7.48
N TYR J 87 -33.46 38.32 6.23
CA TYR J 87 -32.34 37.65 5.61
C TYR J 87 -31.67 38.56 4.59
N TYR J 88 -30.38 38.79 4.79
CA TYR J 88 -29.58 39.66 3.94
C TYR J 88 -28.56 38.83 3.19
N CYS J 89 -28.19 39.31 2.00
CA CYS J 89 -27.14 38.70 1.22
C CYS J 89 -26.04 39.72 0.95
N THR J 90 -24.80 39.27 1.02
CA THR J 90 -23.66 40.11 0.68
C THR J 90 -22.87 39.45 -0.44
N LEU J 91 -22.48 40.27 -1.41
CA LEU J 91 -21.71 39.84 -2.56
C LEU J 91 -20.42 40.64 -2.62
N TYR J 92 -19.31 39.94 -2.80
CA TYR J 92 -17.99 40.56 -2.74
C TYR J 92 -17.56 40.98 -4.15
N THR J 93 -17.29 42.26 -4.33
CA THR J 93 -16.79 42.80 -5.59
C THR J 93 -15.29 43.00 -5.58
N SER J 94 -14.61 42.64 -4.50
CA SER J 94 -13.18 42.84 -4.35
C SER J 94 -12.69 41.92 -3.24
N SER J 95 -11.47 42.16 -2.77
CA SER J 95 -10.94 41.38 -1.66
C SER J 95 -11.76 41.59 -0.39
N LEU J 96 -12.15 42.84 -0.12
CA LEU J 96 -12.94 43.15 1.06
C LEU J 96 -14.14 44.04 0.77
N ASN J 97 -14.25 44.61 -0.42
CA ASN J 97 -15.42 45.41 -0.77
C ASN J 97 -16.61 44.50 -1.04
N ASN J 98 -17.67 44.66 -0.26
CA ASN J 98 -18.86 43.85 -0.41
C ASN J 98 -20.10 44.74 -0.40
N ILE J 99 -21.13 44.28 -1.10
CA ILE J 99 -22.39 44.99 -1.23
C ILE J 99 -23.47 44.14 -0.58
N PHE J 100 -24.24 44.74 0.33
CA PHE J 100 -25.32 44.05 1.00
C PHE J 100 -26.62 44.17 0.22
N GLY J 101 -27.47 43.17 0.35
CA GLY J 101 -28.79 43.20 -0.26
C GLY J 101 -29.79 43.96 0.56
N GLY J 102 -30.97 44.17 -0.03
CA GLY J 102 -32.03 44.91 0.61
C GLY J 102 -32.62 44.22 1.83
N GLY J 103 -32.88 42.93 1.73
CA GLY J 103 -33.43 42.16 2.84
C GLY J 103 -34.75 41.49 2.50
N THR J 104 -34.85 40.21 2.82
CA THR J 104 -36.05 39.41 2.62
C THR J 104 -36.68 39.14 3.97
N HIS J 105 -37.86 39.71 4.21
CA HIS J 105 -38.56 39.55 5.48
C HIS J 105 -39.42 38.30 5.39
N LEU J 106 -38.91 37.21 5.95
CA LEU J 106 -39.60 35.92 5.90
C LEU J 106 -40.50 35.78 7.11
N THR J 107 -41.76 35.43 6.87
CA THR J 107 -42.74 35.20 7.91
C THR J 107 -43.21 33.75 7.85
N VAL J 108 -43.22 33.08 8.98
CA VAL J 108 -43.63 31.69 9.05
C VAL J 108 -44.94 31.56 9.85
N GLU K 1 -16.39 -1.37 -40.47
CA GLU K 1 -17.31 -0.27 -40.72
C GLU K 1 -16.57 0.94 -41.30
N GLU K 2 -15.28 1.02 -41.01
CA GLU K 2 -14.44 2.08 -41.58
C GLU K 2 -14.28 1.83 -43.08
N LYS K 3 -14.55 2.86 -43.87
CA LYS K 3 -14.53 2.69 -45.31
C LYS K 3 -14.16 4.01 -45.99
N LEU K 4 -13.38 3.90 -47.05
CA LEU K 4 -13.05 5.05 -47.90
C LEU K 4 -13.35 4.66 -49.34
N VAL K 5 -14.12 5.48 -50.03
CA VAL K 5 -14.52 5.22 -51.41
C VAL K 5 -14.01 6.36 -52.28
N GLU K 6 -13.26 6.01 -53.32
CA GLU K 6 -12.71 6.98 -54.25
C GLU K 6 -13.67 7.20 -55.42
N SER K 7 -13.57 8.40 -56.00
CA SER K 7 -14.40 8.79 -57.13
C SER K 7 -13.52 9.53 -58.13
N GLY K 8 -14.14 10.17 -59.10
CA GLY K 8 -13.39 10.84 -60.13
C GLY K 8 -12.64 9.86 -61.00
N GLY K 9 -11.54 10.34 -61.59
CA GLY K 9 -10.71 9.50 -62.41
C GLY K 9 -11.25 9.32 -63.81
N GLY K 10 -10.61 8.42 -64.53
CA GLY K 10 -10.97 8.17 -65.91
C GLY K 10 -9.86 8.55 -66.87
N LEU K 11 -10.24 8.97 -68.08
CA LEU K 11 -9.30 9.35 -69.12
C LEU K 11 -9.36 10.85 -69.34
N VAL K 12 -8.22 11.51 -69.20
CA VAL K 12 -8.10 12.95 -69.43
C VAL K 12 -6.86 13.21 -70.28
N GLN K 13 -7.00 14.11 -71.24
CA GLN K 13 -5.91 14.44 -72.15
C GLN K 13 -4.78 15.14 -71.40
N PRO K 14 -3.54 14.99 -71.87
CA PRO K 14 -2.41 15.65 -71.21
C PRO K 14 -2.58 17.16 -71.21
N GLY K 15 -2.09 17.79 -70.15
CA GLY K 15 -2.29 19.20 -69.93
C GLY K 15 -3.65 19.57 -69.37
N GLY K 16 -4.45 18.57 -68.98
CA GLY K 16 -5.77 18.81 -68.46
C GLY K 16 -5.79 18.95 -66.95
N SER K 17 -6.90 18.51 -66.36
CA SER K 17 -7.10 18.62 -64.92
C SER K 17 -8.08 17.57 -64.46
N LEU K 18 -8.02 17.26 -63.17
CA LEU K 18 -8.95 16.37 -62.52
C LEU K 18 -9.20 16.82 -61.08
N ARG K 19 -10.28 16.30 -60.50
CA ARG K 19 -10.53 16.43 -59.08
C ARG K 19 -10.96 15.07 -58.54
N LEU K 20 -10.01 14.36 -57.94
CA LEU K 20 -10.29 13.09 -57.29
C LEU K 20 -10.89 13.34 -55.92
N GLY K 21 -11.83 12.48 -55.54
CA GLY K 21 -12.52 12.60 -54.26
C GLY K 21 -12.49 11.30 -53.49
N CYS K 22 -12.38 11.43 -52.17
CA CYS K 22 -12.39 10.29 -51.27
C CYS K 22 -13.41 10.56 -50.18
N VAL K 23 -14.39 9.67 -50.06
CA VAL K 23 -15.49 9.82 -49.11
C VAL K 23 -15.32 8.77 -48.03
N GLY K 24 -15.37 9.21 -46.77
CA GLY K 24 -15.15 8.34 -45.62
C GLY K 24 -16.44 8.07 -44.88
N SER K 25 -16.62 6.83 -44.46
CA SER K 25 -17.82 6.41 -43.73
C SER K 25 -17.41 5.51 -42.58
N GLY K 26 -18.10 5.66 -41.45
CA GLY K 26 -17.89 4.79 -40.31
C GLY K 26 -16.92 5.29 -39.26
N PHE K 27 -16.43 6.52 -39.38
CA PHE K 27 -15.51 7.07 -38.39
C PHE K 27 -15.54 8.59 -38.50
N THR K 28 -14.81 9.24 -37.62
CA THR K 28 -14.73 10.69 -37.56
C THR K 28 -13.72 11.16 -38.60
N PHE K 29 -14.21 11.51 -39.78
CA PHE K 29 -13.37 11.94 -40.87
C PHE K 29 -12.69 13.28 -40.60
N SER K 30 -13.30 14.14 -39.79
CA SER K 30 -12.73 15.44 -39.49
C SER K 30 -11.58 15.36 -38.51
N SER K 31 -11.30 14.19 -37.95
CA SER K 31 -10.22 14.00 -37.00
C SER K 31 -9.07 13.18 -37.54
N ALA K 32 -9.07 12.86 -38.83
CA ALA K 32 -8.10 11.96 -39.43
C ALA K 32 -7.32 12.67 -40.53
N TYR K 33 -6.00 12.57 -40.48
CA TYR K 33 -5.18 13.07 -41.57
C TYR K 33 -5.41 12.22 -42.81
N ILE K 34 -5.45 12.85 -43.97
CA ILE K 34 -5.77 12.17 -45.21
C ILE K 34 -4.59 12.25 -46.16
N ASN K 35 -4.15 11.11 -46.67
CA ASN K 35 -3.02 11.00 -47.58
C ASN K 35 -3.49 10.51 -48.94
N TRP K 36 -2.87 11.04 -49.98
CA TRP K 36 -3.08 10.56 -51.34
C TRP K 36 -1.78 9.95 -51.85
N VAL K 37 -1.89 8.70 -52.32
CA VAL K 37 -0.75 7.92 -52.81
C VAL K 37 -1.08 7.43 -54.22
N ARG K 38 -0.05 7.16 -55.01
CA ARG K 38 -0.23 6.63 -56.35
C ARG K 38 0.61 5.37 -56.53
N GLN K 39 0.11 4.47 -57.37
CA GLN K 39 0.86 3.30 -57.81
C GLN K 39 0.77 3.21 -59.32
N ALA K 40 1.89 3.44 -59.99
CA ALA K 40 1.94 3.27 -61.42
C ALA K 40 1.84 1.79 -61.78
N PRO K 41 1.30 1.46 -62.95
CA PRO K 41 1.21 0.05 -63.34
C PRO K 41 2.57 -0.61 -63.40
N GLY K 42 2.74 -1.69 -62.63
CA GLY K 42 4.05 -2.33 -62.55
C GLY K 42 5.11 -1.45 -61.93
N LYS K 43 4.77 -0.78 -60.82
CA LYS K 43 5.71 0.10 -60.15
C LYS K 43 5.30 0.21 -58.69
N GLY K 44 6.22 0.73 -57.87
CA GLY K 44 6.00 0.82 -56.45
C GLY K 44 5.08 1.98 -56.07
N LEU K 45 4.79 2.05 -54.78
CA LEU K 45 3.92 3.08 -54.24
C LEU K 45 4.66 4.41 -54.16
N GLU K 46 3.95 5.49 -54.45
CA GLU K 46 4.53 6.83 -54.41
C GLU K 46 3.60 7.75 -53.64
N TRP K 47 4.06 8.20 -52.47
CA TRP K 47 3.27 9.12 -51.66
C TRP K 47 3.23 10.49 -52.31
N LEU K 48 2.02 11.05 -52.42
CA LEU K 48 1.82 12.31 -53.14
C LEU K 48 1.47 13.47 -52.22
N ALA K 49 0.43 13.35 -51.39
CA ALA K 49 -0.01 14.51 -50.63
C ALA K 49 -0.58 14.08 -49.29
N ALA K 50 -0.66 15.04 -48.37
CA ALA K 50 -1.27 14.82 -47.06
C ALA K 50 -1.91 16.10 -46.58
N ILE K 51 -3.05 15.97 -45.91
CA ILE K 51 -3.76 17.10 -45.32
C ILE K 51 -4.10 16.77 -43.87
N ARG K 52 -3.92 17.76 -43.01
CA ARG K 52 -4.19 17.66 -41.58
C ARG K 52 -5.62 18.09 -41.30
N THR K 53 -5.92 18.22 -40.01
CA THR K 53 -7.26 18.58 -39.55
C THR K 53 -7.27 19.99 -38.99
N SER K 54 -8.42 20.65 -39.13
CA SER K 54 -8.66 21.98 -38.58
C SER K 54 -7.64 23.00 -39.08
N GLY K 55 -7.34 22.93 -40.38
CA GLY K 55 -6.41 23.86 -40.98
C GLY K 55 -4.98 23.76 -40.48
N GLY K 56 -4.53 22.56 -40.14
CA GLY K 56 -3.16 22.40 -39.67
C GLY K 56 -2.13 22.67 -40.77
N GLY K 57 -2.39 22.18 -41.96
CA GLY K 57 -1.49 22.42 -43.07
C GLY K 57 -1.65 21.36 -44.13
N THR K 58 -0.92 21.57 -45.23
CA THR K 58 -0.89 20.66 -46.35
C THR K 58 0.56 20.33 -46.69
N TYR K 59 0.82 19.05 -46.94
CA TYR K 59 2.16 18.57 -47.21
C TYR K 59 2.19 17.93 -48.57
N TYR K 60 3.14 18.33 -49.41
CA TYR K 60 3.22 17.84 -50.78
C TYR K 60 4.59 17.22 -51.03
N ALA K 61 4.60 16.19 -51.86
CA ALA K 61 5.83 15.59 -52.34
C ALA K 61 6.43 16.49 -53.41
N ASP K 62 7.75 16.38 -53.57
CA ASP K 62 8.45 17.25 -54.51
C ASP K 62 8.01 17.02 -55.95
N SER K 63 7.61 15.79 -56.27
CA SER K 63 7.22 15.48 -57.65
C SER K 63 5.98 16.25 -58.07
N VAL K 64 5.01 16.39 -57.19
CA VAL K 64 3.71 16.96 -57.52
C VAL K 64 3.47 18.30 -56.84
N LYS K 65 4.47 18.86 -56.17
CA LYS K 65 4.31 20.15 -55.52
C LYS K 65 4.14 21.24 -56.56
N GLY K 66 3.12 22.07 -56.39
CA GLY K 66 2.84 23.13 -57.33
C GLY K 66 1.75 22.78 -58.32
N ARG K 67 1.75 21.54 -58.80
CA ARG K 67 0.74 21.12 -59.75
C ARG K 67 -0.53 20.65 -59.05
N PHE K 68 -0.38 19.83 -58.01
CA PHE K 68 -1.50 19.22 -57.32
C PHE K 68 -1.80 20.00 -56.04
N THR K 69 -3.08 20.20 -55.77
CA THR K 69 -3.52 20.78 -54.52
C THR K 69 -4.43 19.80 -53.80
N ILE K 70 -4.41 19.84 -52.47
CA ILE K 70 -5.21 18.95 -51.64
C ILE K 70 -6.07 19.78 -50.71
N SER K 71 -7.33 19.38 -50.57
CA SER K 71 -8.27 20.08 -49.72
C SER K 71 -9.19 19.05 -49.08
N ARG K 72 -10.02 19.51 -48.15
CA ARG K 72 -10.98 18.64 -47.51
C ARG K 72 -12.23 19.43 -47.16
N ASP K 73 -13.38 18.77 -47.29
CA ASP K 73 -14.67 19.32 -46.89
C ASP K 73 -15.25 18.36 -45.85
N ASP K 74 -15.27 18.79 -44.59
CA ASP K 74 -15.68 17.94 -43.50
C ASP K 74 -17.19 17.87 -43.33
N SER K 75 -17.94 18.79 -43.94
CA SER K 75 -19.40 18.71 -43.88
C SER K 75 -19.92 17.51 -44.67
N GLN K 76 -19.19 17.09 -45.70
CA GLN K 76 -19.56 15.94 -46.51
C GLN K 76 -18.64 14.75 -46.32
N ASN K 77 -17.71 14.82 -45.36
CA ASN K 77 -16.73 13.75 -45.13
C ASN K 77 -15.96 13.42 -46.40
N THR K 78 -15.49 14.44 -47.10
CA THR K 78 -14.82 14.25 -48.38
C THR K 78 -13.45 14.91 -48.37
N ALA K 79 -12.50 14.30 -49.07
CA ALA K 79 -11.18 14.86 -49.31
C ALA K 79 -10.94 14.93 -50.81
N TYR K 80 -10.38 16.05 -51.27
CA TYR K 80 -10.25 16.32 -52.68
C TYR K 80 -8.78 16.51 -53.05
N LEU K 81 -8.39 15.93 -54.18
CA LEU K 81 -7.08 16.15 -54.78
C LEU K 81 -7.31 16.71 -56.18
N GLN K 82 -6.96 17.97 -56.37
CA GLN K 82 -7.11 18.60 -57.67
C GLN K 82 -5.77 18.60 -58.40
N MET K 83 -5.76 17.95 -59.56
CA MET K 83 -4.56 17.79 -60.37
C MET K 83 -4.63 18.71 -61.58
N ASN K 84 -3.54 19.43 -61.80
CA ASN K 84 -3.42 20.36 -62.91
C ASN K 84 -2.11 20.11 -63.63
N SER K 85 -2.08 20.47 -64.91
CA SER K 85 -0.90 20.32 -65.76
C SER K 85 -0.41 18.86 -65.76
N LEU K 86 -1.33 17.96 -66.10
CA LEU K 86 -1.01 16.54 -66.09
C LEU K 86 0.00 16.19 -67.16
N ARG K 87 0.90 15.28 -66.83
CA ARG K 87 1.91 14.77 -67.75
C ARG K 87 1.65 13.28 -68.01
N THR K 88 2.42 12.71 -68.93
CA THR K 88 2.17 11.35 -69.37
C THR K 88 2.51 10.33 -68.28
N GLU K 89 3.28 10.73 -67.27
CA GLU K 89 3.72 9.80 -66.24
C GLU K 89 2.79 9.76 -65.03
N ASP K 90 1.69 10.50 -65.05
CA ASP K 90 0.77 10.55 -63.92
C ASP K 90 -0.30 9.46 -63.98
N THR K 91 -0.33 8.64 -65.02
CA THR K 91 -1.31 7.57 -65.11
C THR K 91 -0.98 6.48 -64.09
N ALA K 92 -1.94 6.20 -63.21
CA ALA K 92 -1.69 5.28 -62.10
C ALA K 92 -3.00 5.02 -61.37
N ARG K 93 -2.94 4.10 -60.41
CA ARG K 93 -4.04 3.90 -59.48
C ARG K 93 -3.82 4.78 -58.26
N TYR K 94 -4.82 5.59 -57.94
CA TYR K 94 -4.71 6.57 -56.88
C TYR K 94 -5.49 6.09 -55.67
N TYR K 95 -4.83 6.07 -54.52
CA TYR K 95 -5.37 5.61 -53.26
C TYR K 95 -5.50 6.77 -52.30
N CYS K 96 -6.55 6.76 -51.51
CA CYS K 96 -6.68 7.65 -50.36
C CYS K 96 -6.54 6.82 -49.08
N ALA K 97 -5.55 7.16 -48.28
CA ALA K 97 -5.32 6.53 -46.99
C ALA K 97 -5.67 7.52 -45.88
N ALA K 98 -5.96 6.98 -44.71
CA ALA K 98 -6.29 7.80 -43.56
C ALA K 98 -5.78 7.11 -42.30
N GLY K 99 -5.33 7.92 -41.35
CA GLY K 99 -4.98 7.39 -40.06
C GLY K 99 -6.21 7.29 -39.19
N ALA K 100 -6.77 6.09 -39.10
CA ALA K 100 -8.01 5.89 -38.37
C ALA K 100 -7.86 4.86 -37.26
N MET K 101 -6.62 4.62 -36.90
CA MET K 101 -6.35 3.65 -35.83
C MET K 101 -6.60 4.34 -34.50
N THR K 102 -7.30 3.68 -33.61
CA THR K 102 -7.67 4.28 -32.34
C THR K 102 -6.78 3.80 -31.23
N MET K 103 -6.74 4.51 -30.12
CA MET K 103 -5.89 4.19 -28.96
C MET K 103 -6.80 4.01 -27.73
N VAL K 104 -6.28 3.46 -26.64
CA VAL K 104 -7.07 3.24 -25.40
C VAL K 104 -7.01 4.46 -24.50
N VAL K 105 -5.91 5.19 -24.51
CA VAL K 105 -5.72 6.30 -23.58
C VAL K 105 -6.25 7.63 -24.10
N ALA K 106 -6.67 7.70 -25.35
CA ALA K 106 -7.11 8.97 -25.91
C ALA K 106 -8.14 8.70 -27.00
N SER K 107 -8.82 9.78 -27.42
CA SER K 107 -9.84 9.71 -28.45
C SER K 107 -9.32 10.06 -29.84
N PHE K 108 -8.06 10.45 -29.97
CA PHE K 108 -7.50 10.80 -31.27
C PHE K 108 -7.12 9.52 -32.03
N PHE K 109 -6.45 9.71 -33.16
CA PHE K 109 -5.97 8.63 -33.99
C PHE K 109 -4.44 8.55 -33.92
N GLN K 110 -3.92 7.37 -34.22
CA GLN K 110 -2.50 7.12 -34.08
C GLN K 110 -1.70 7.91 -35.09
N TYR K 111 -0.58 8.46 -34.64
CA TYR K 111 0.33 9.18 -35.51
C TYR K 111 1.21 8.21 -36.28
N TYR K 112 1.64 8.65 -37.46
CA TYR K 112 2.56 7.90 -38.31
C TYR K 112 2.03 6.50 -38.62
N ALA K 113 0.75 6.42 -39.00
CA ALA K 113 0.12 5.14 -39.29
C ALA K 113 -1.01 5.36 -40.27
N MET K 114 -0.81 4.92 -41.51
CA MET K 114 -1.88 4.91 -42.53
C MET K 114 -2.51 3.53 -42.51
N ASP K 115 -3.61 3.40 -41.78
CA ASP K 115 -4.22 2.09 -41.57
C ASP K 115 -5.40 1.83 -42.50
N LEU K 116 -6.17 2.86 -42.82
CA LEU K 116 -7.39 2.70 -43.62
C LEU K 116 -7.09 3.12 -45.04
N TRP K 117 -7.28 2.19 -45.97
CA TRP K 117 -7.03 2.42 -47.38
C TRP K 117 -8.31 2.23 -48.19
N GLY K 118 -8.32 2.81 -49.38
CA GLY K 118 -9.44 2.68 -50.28
C GLY K 118 -9.09 1.80 -51.47
N PRO K 119 -10.11 1.37 -52.22
CA PRO K 119 -9.83 0.58 -53.43
C PRO K 119 -9.00 1.32 -54.45
N GLY K 120 -9.15 2.64 -54.54
CA GLY K 120 -8.41 3.43 -55.49
C GLY K 120 -9.15 3.60 -56.81
N VAL K 121 -8.70 4.59 -57.58
CA VAL K 121 -9.29 4.88 -58.89
C VAL K 121 -8.18 4.93 -59.93
N GLU K 122 -8.44 4.34 -61.10
CA GLU K 122 -7.49 4.43 -62.20
C GLU K 122 -7.58 5.81 -62.84
N VAL K 123 -6.42 6.40 -63.13
CA VAL K 123 -6.34 7.60 -63.93
C VAL K 123 -5.40 7.32 -65.09
N VAL K 124 -5.91 7.43 -66.31
CA VAL K 124 -5.14 7.17 -67.51
C VAL K 124 -5.03 8.48 -68.28
N VAL K 125 -3.80 8.87 -68.59
CA VAL K 125 -3.52 10.08 -69.35
C VAL K 125 -2.87 9.64 -70.65
N SER K 126 -3.34 10.19 -71.77
CA SER K 126 -2.86 9.80 -73.08
C SER K 126 -3.39 10.78 -74.12
N SER K 127 -2.63 10.92 -75.20
CA SER K 127 -3.02 11.80 -76.29
C SER K 127 -4.17 11.17 -77.09
N GLN L 1 17.85 11.89 -50.62
CA GLN L 1 16.94 11.22 -49.70
C GLN L 1 16.01 10.28 -50.46
N THR L 2 16.45 9.04 -50.64
CA THR L 2 15.64 8.02 -51.28
C THR L 2 15.73 6.75 -50.46
N VAL L 3 14.71 5.90 -50.61
CA VAL L 3 14.61 4.66 -49.86
C VAL L 3 15.06 3.51 -50.75
N ILE L 4 16.02 2.74 -50.27
CA ILE L 4 16.54 1.59 -51.00
C ILE L 4 16.02 0.32 -50.35
N GLN L 5 15.61 -0.62 -51.19
CA GLN L 5 15.06 -1.89 -50.77
C GLN L 5 15.55 -2.97 -51.71
N GLU L 6 15.55 -4.21 -51.20
CA GLU L 6 16.04 -5.35 -51.94
C GLU L 6 15.00 -5.82 -52.95
N PRO L 7 15.33 -5.91 -54.25
CA PRO L 7 14.31 -6.12 -55.28
C PRO L 7 13.47 -7.38 -55.10
N ALA L 8 14.05 -8.46 -54.57
CA ALA L 8 13.28 -9.68 -54.40
C ALA L 8 13.95 -10.55 -53.33
N MET L 9 13.19 -11.50 -52.82
CA MET L 9 13.69 -12.54 -51.94
C MET L 9 12.77 -13.75 -52.03
N SER L 10 13.27 -14.88 -51.55
CA SER L 10 12.50 -16.11 -51.46
C SER L 10 12.71 -16.70 -50.08
N VAL L 11 11.74 -17.51 -49.64
CA VAL L 11 11.84 -18.18 -48.35
C VAL L 11 11.00 -19.44 -48.41
N SER L 12 11.48 -20.50 -47.76
CA SER L 12 10.76 -21.75 -47.65
C SER L 12 9.70 -21.64 -46.55
N PRO L 13 8.59 -22.36 -46.69
CA PRO L 13 7.57 -22.35 -45.63
C PRO L 13 8.15 -22.83 -44.31
N GLY L 14 7.73 -22.17 -43.23
CA GLY L 14 8.33 -22.40 -41.94
C GLY L 14 9.76 -21.93 -41.88
N GLY L 15 10.04 -20.80 -42.53
CA GLY L 15 11.39 -20.26 -42.55
C GLY L 15 11.39 -18.79 -42.19
N THR L 16 12.56 -18.33 -41.75
CA THR L 16 12.71 -16.95 -41.33
C THR L 16 13.02 -16.05 -42.51
N VAL L 17 12.63 -14.77 -42.37
CA VAL L 17 12.83 -13.76 -43.40
C VAL L 17 13.47 -12.55 -42.73
N THR L 18 14.27 -11.82 -43.50
CA THR L 18 15.04 -10.69 -42.98
C THR L 18 14.89 -9.48 -43.90
N LEU L 19 13.65 -9.13 -44.23
CA LEU L 19 13.39 -8.01 -45.11
C LEU L 19 14.00 -6.73 -44.54
N THR L 20 14.65 -5.94 -45.38
CA THR L 20 15.40 -4.79 -44.91
C THR L 20 15.10 -3.56 -45.76
N CYS L 21 15.33 -2.39 -45.17
CA CYS L 21 14.97 -1.12 -45.81
C CYS L 21 15.95 -0.06 -45.31
N ALA L 22 16.49 0.76 -46.22
CA ALA L 22 17.49 1.73 -45.80
C ALA L 22 17.35 3.04 -46.55
N PHE L 23 18.11 4.03 -46.10
CA PHE L 23 18.22 5.31 -46.77
C PHE L 23 19.48 5.35 -47.63
N SER L 24 19.49 6.27 -48.59
CA SER L 24 20.72 6.65 -49.28
C SER L 24 21.36 7.85 -48.58
N SER L 25 21.50 7.73 -47.27
CA SER L 25 21.93 8.79 -46.39
C SER L 25 22.42 8.14 -45.10
N GLY L 26 22.48 8.92 -44.02
CA GLY L 26 22.89 8.40 -42.73
C GLY L 26 21.97 7.33 -42.16
N SER L 27 22.14 7.03 -40.87
CA SER L 27 21.47 5.89 -40.27
C SER L 27 19.96 6.10 -40.17
N VAL L 28 19.23 5.00 -40.29
CA VAL L 28 17.78 4.99 -40.06
C VAL L 28 17.55 4.70 -38.59
N THR L 29 16.82 5.59 -37.91
CA THR L 29 16.59 5.50 -36.48
C THR L 29 15.09 5.37 -36.21
N SER L 30 14.73 5.39 -34.93
CA SER L 30 13.34 5.33 -34.53
C SER L 30 12.60 6.62 -34.86
N GLY L 31 13.31 7.70 -35.13
CA GLY L 31 12.73 8.97 -35.50
C GLY L 31 12.22 9.04 -36.92
N ASP L 32 12.56 8.05 -37.76
CA ASP L 32 12.00 7.99 -39.10
C ASP L 32 10.67 7.26 -39.15
N TYR L 33 10.30 6.57 -38.07
CA TYR L 33 9.03 5.87 -37.92
C TYR L 33 8.70 4.98 -39.12
N PRO L 34 9.49 3.93 -39.39
CA PRO L 34 9.19 3.08 -40.54
C PRO L 34 7.87 2.36 -40.38
N SER L 35 7.18 2.14 -41.50
CA SER L 35 5.93 1.40 -41.52
C SER L 35 5.89 0.49 -42.73
N TRP L 36 5.59 -0.79 -42.52
CA TRP L 36 5.60 -1.76 -43.59
C TRP L 36 4.21 -1.97 -44.15
N PHE L 37 4.14 -2.38 -45.40
CA PHE L 37 2.87 -2.61 -46.07
C PHE L 37 2.96 -3.86 -46.92
N GLN L 38 1.89 -4.65 -46.90
CA GLN L 38 1.78 -5.85 -47.71
C GLN L 38 0.73 -5.64 -48.78
N GLN L 39 1.11 -5.85 -50.03
CA GLN L 39 0.20 -5.67 -51.15
C GLN L 39 0.17 -6.93 -52.01
N THR L 40 -1.02 -7.52 -52.13
CA THR L 40 -1.32 -8.57 -53.08
C THR L 40 -1.83 -7.97 -54.38
N PRO L 41 -1.82 -8.70 -55.52
CA PRO L 41 -2.19 -8.13 -56.82
C PRO L 41 -3.55 -7.44 -56.77
N GLY L 42 -3.60 -6.20 -57.29
CA GLY L 42 -4.89 -5.49 -57.37
C GLY L 42 -5.64 -5.55 -56.06
N GLN L 43 -5.04 -5.00 -55.01
CA GLN L 43 -5.71 -4.95 -53.70
C GLN L 43 -5.12 -3.77 -52.94
N PRO L 44 -5.92 -3.01 -52.17
CA PRO L 44 -5.42 -1.89 -51.37
C PRO L 44 -4.24 -2.37 -50.54
N PRO L 45 -3.19 -1.57 -50.31
CA PRO L 45 -2.07 -1.97 -49.42
C PRO L 45 -2.54 -2.16 -47.99
N ARG L 46 -1.83 -2.98 -47.21
CA ARG L 46 -2.25 -3.28 -45.81
C ARG L 46 -1.11 -2.97 -44.83
N LEU L 47 -1.41 -2.31 -43.71
CA LEU L 47 -0.38 -1.94 -42.71
C LEU L 47 -0.08 -3.13 -41.81
N LEU L 48 1.19 -3.49 -41.70
CA LEU L 48 1.61 -4.65 -40.90
C LEU L 48 2.34 -4.17 -39.65
N ILE L 49 3.12 -3.11 -39.74
CA ILE L 49 3.96 -2.67 -38.59
C ILE L 49 4.08 -1.15 -38.63
N TYR L 50 3.68 -0.46 -37.56
CA TYR L 50 3.88 1.02 -37.52
C TYR L 50 4.88 1.31 -36.40
N ARG L 51 5.55 2.46 -36.48
CA ARG L 51 6.53 2.87 -35.45
C ARG L 51 7.50 1.69 -35.15
N THR L 52 8.09 1.07 -36.17
CA THR L 52 9.15 0.03 -36.02
C THR L 52 8.82 -1.16 -35.14
N ASN L 53 7.60 -1.35 -34.69
CA ASN L 53 7.39 -2.49 -33.77
C ASN L 53 5.91 -2.70 -33.51
N ASN L 54 5.09 -1.69 -33.74
CA ASN L 54 3.69 -1.82 -33.35
C ASN L 54 2.94 -2.54 -34.47
N ARG L 55 2.10 -3.50 -34.12
CA ARG L 55 1.31 -4.25 -35.11
C ARG L 55 -0.18 -3.98 -34.90
N PRO L 56 -0.95 -3.69 -35.97
CA PRO L 56 -2.41 -3.48 -35.88
C PRO L 56 -3.13 -4.72 -35.33
N THR L 57 -4.41 -4.62 -34.93
CA THR L 57 -5.15 -5.70 -34.26
C THR L 57 -5.16 -6.98 -35.08
N GLY L 58 -5.39 -6.87 -36.38
CA GLY L 58 -5.55 -8.05 -37.21
C GLY L 58 -4.27 -8.76 -37.56
N VAL L 59 -3.13 -8.09 -37.50
CA VAL L 59 -1.87 -8.68 -37.95
C VAL L 59 -1.44 -9.77 -36.98
N PRO L 60 -1.12 -10.97 -37.44
CA PRO L 60 -0.69 -12.05 -36.55
C PRO L 60 0.68 -11.76 -35.97
N SER L 61 0.96 -12.38 -34.83
CA SER L 61 2.23 -12.18 -34.11
C SER L 61 3.34 -12.99 -34.75
N ARG L 62 3.48 -12.79 -36.06
CA ARG L 62 4.49 -13.48 -36.86
C ARG L 62 5.43 -12.45 -37.46
N PHE L 63 4.86 -11.37 -38.00
CA PHE L 63 5.65 -10.24 -38.45
C PHE L 63 6.21 -9.48 -37.25
N SER L 64 7.48 -9.08 -37.36
CA SER L 64 8.10 -8.28 -36.31
C SER L 64 8.96 -7.21 -36.97
N GLY L 65 9.12 -6.09 -36.27
CA GLY L 65 9.92 -4.98 -36.77
C GLY L 65 11.01 -4.60 -35.79
N ALA L 66 12.12 -4.12 -36.33
CA ALA L 66 13.24 -3.70 -35.50
C ALA L 66 14.12 -2.73 -36.28
N ILE L 67 15.01 -2.07 -35.57
CA ILE L 67 16.01 -1.20 -36.18
C ILE L 67 17.37 -1.88 -36.02
N SER L 68 17.86 -2.47 -37.11
CA SER L 68 19.11 -3.22 -37.08
C SER L 68 20.20 -2.33 -37.67
N GLY L 69 21.11 -1.86 -36.82
CA GLY L 69 22.17 -0.98 -37.24
C GLY L 69 21.65 0.32 -37.83
N ASN L 70 21.91 0.54 -39.11
CA ASN L 70 21.42 1.71 -39.82
C ASN L 70 20.26 1.39 -40.74
N LYS L 71 19.59 0.26 -40.54
CA LYS L 71 18.55 -0.20 -41.44
C LYS L 71 17.32 -0.60 -40.63
N ALA L 72 16.18 -0.69 -41.30
CA ALA L 72 14.93 -1.14 -40.68
C ALA L 72 14.61 -2.55 -41.18
N ALA L 73 14.29 -3.43 -40.25
CA ALA L 73 14.17 -4.85 -40.55
C ALA L 73 12.78 -5.37 -40.18
N LEU L 74 12.14 -6.03 -41.13
CA LEU L 74 10.92 -6.80 -40.92
C LEU L 74 11.28 -8.28 -40.97
N THR L 75 10.97 -9.00 -39.91
CA THR L 75 11.22 -10.44 -39.83
C THR L 75 9.90 -11.20 -39.88
N ILE L 76 9.82 -12.15 -40.80
CA ILE L 76 8.68 -13.06 -40.91
C ILE L 76 9.18 -14.46 -40.51
N THR L 77 8.46 -15.09 -39.58
CA THR L 77 8.87 -16.38 -39.03
C THR L 77 8.05 -17.54 -39.59
N GLY L 78 6.72 -17.46 -39.51
CA GLY L 78 5.90 -18.61 -39.85
C GLY L 78 5.97 -18.98 -41.32
N ALA L 79 5.90 -17.98 -42.21
CA ALA L 79 5.87 -18.20 -43.65
C ALA L 79 4.73 -19.14 -44.04
N GLN L 80 3.50 -18.66 -43.79
CA GLN L 80 2.29 -19.47 -43.95
C GLN L 80 1.79 -19.54 -45.39
N ALA L 81 2.65 -19.27 -46.37
CA ALA L 81 2.39 -19.42 -47.81
C ALA L 81 1.35 -18.44 -48.34
N ASN L 82 0.76 -17.59 -47.50
CA ASN L 82 -0.03 -16.46 -47.96
C ASN L 82 0.76 -15.16 -47.91
N ASP L 83 2.07 -15.25 -47.74
CA ASP L 83 2.97 -14.10 -47.75
C ASP L 83 3.62 -13.87 -49.10
N GLU L 84 3.02 -14.38 -50.18
CA GLU L 84 3.50 -14.15 -51.53
C GLU L 84 2.93 -12.83 -52.02
N ALA L 85 3.48 -11.75 -51.50
CA ALA L 85 3.00 -10.41 -51.81
C ALA L 85 4.16 -9.44 -51.71
N ASP L 86 3.98 -8.26 -52.31
CA ASP L 86 5.00 -7.23 -52.26
C ASP L 86 5.00 -6.55 -50.90
N TYR L 87 6.19 -6.30 -50.37
CA TYR L 87 6.36 -5.64 -49.08
C TYR L 87 7.07 -4.31 -49.27
N TYR L 88 6.45 -3.25 -48.76
CA TYR L 88 6.92 -1.89 -48.93
C TYR L 88 7.27 -1.30 -47.56
N CYS L 89 8.24 -0.41 -47.53
CA CYS L 89 8.58 0.34 -46.34
C CYS L 89 8.43 1.83 -46.60
N THR L 90 7.83 2.52 -45.63
CA THR L 90 7.77 3.97 -45.66
C THR L 90 8.55 4.52 -44.49
N LEU L 91 9.39 5.50 -44.78
CA LEU L 91 10.20 6.16 -43.74
C LEU L 91 9.74 7.62 -43.73
N TYR L 92 9.51 8.20 -42.56
CA TYR L 92 8.94 9.57 -42.49
C TYR L 92 10.04 10.59 -42.38
N THR L 93 9.94 11.66 -43.16
CA THR L 93 10.99 12.68 -43.22
C THR L 93 10.51 13.90 -42.50
N SER L 94 9.21 14.09 -42.42
CA SER L 94 8.63 15.21 -41.66
C SER L 94 7.56 14.64 -40.75
N SER L 95 6.46 15.37 -40.57
CA SER L 95 5.40 14.91 -39.66
C SER L 95 4.38 14.12 -40.47
N LEU L 96 4.21 14.49 -41.73
CA LEU L 96 3.28 13.77 -42.60
C LEU L 96 4.00 13.45 -43.92
N ASN L 97 5.16 14.03 -44.15
CA ASN L 97 5.98 13.77 -45.38
C ASN L 97 6.76 12.47 -45.17
N ASN L 98 6.69 11.56 -46.14
CA ASN L 98 7.30 10.25 -46.03
C ASN L 98 7.63 9.73 -47.43
N ILE L 99 8.65 8.89 -47.49
CA ILE L 99 9.11 8.27 -48.74
C ILE L 99 8.84 6.79 -48.66
N PHE L 100 8.23 6.24 -49.72
CA PHE L 100 7.99 4.82 -49.82
C PHE L 100 9.21 4.11 -50.41
N GLY L 101 9.33 2.83 -50.11
CA GLY L 101 10.39 2.02 -50.67
C GLY L 101 10.05 1.48 -52.05
N GLY L 102 11.07 0.91 -52.70
CA GLY L 102 10.84 0.31 -54.00
C GLY L 102 9.93 -0.90 -53.93
N GLY L 103 10.10 -1.72 -52.90
CA GLY L 103 9.28 -2.90 -52.72
C GLY L 103 10.04 -4.19 -52.90
N THR L 104 9.78 -5.17 -52.05
CA THR L 104 10.40 -6.48 -52.13
C THR L 104 9.32 -7.52 -52.39
N HIS L 105 9.54 -8.35 -53.40
CA HIS L 105 8.63 -9.44 -53.71
C HIS L 105 9.13 -10.71 -53.04
N LEU L 106 8.31 -11.28 -52.15
CA LEU L 106 8.68 -12.45 -51.37
C LEU L 106 7.97 -13.67 -51.96
N THR L 107 8.73 -14.55 -52.59
CA THR L 107 8.19 -15.78 -53.14
C THR L 107 8.31 -16.87 -52.10
N VAL L 108 7.17 -17.35 -51.61
CA VAL L 108 7.13 -18.37 -50.58
C VAL L 108 6.95 -19.75 -51.21
#